data_8WUZ
#
_entry.id   8WUZ
#
_cell.length_a   148.277
_cell.length_b   184.938
_cell.length_c   163.222
_cell.angle_alpha   90.00
_cell.angle_beta   90.00
_cell.angle_gamma   90.00
#
_symmetry.space_group_name_H-M   'C 2 2 21'
#
loop_
_entity.id
_entity.type
_entity.pdbx_description
1 polymer 'ATP-dependent Clp protease proteolytic subunit, mitochondrial'
2 non-polymer 5-[(3-fluorophenyl)methyl]-9-[[4-(trifluoromethyl)phenyl]methyl]-1,5,9,11-tetrazatricyclo[8.4.0.0^{2,7}]tetradeca-2(7),10-dien-8-one
3 non-polymer 'BROMIDE ION'
#
_entity_poly.entity_id   1
_entity_poly.type   'polypeptide(L)'
_entity_poly.pdbx_seq_one_letter_code
;SLIPIVVEQTGRGERAYDIYSRLLRERIVCVMGPIDDSVASLVIAQLLFLQSESNKKPIHMYINSPGGVVTAGLAIYDTM
QYILNPICTWCVGQAASMGSLLLAAGTPGMRHSLPNSRIMIHQPSGGARGQATDIAIQAEEIMKLKKQLYNIYAKHTKQS
LQVIESAMERDRYMSPMEAQEFGILDKVLVHPPQDGEDEPTLVQKEPVEAAPAAEPVPAST
;
_entity_poly.pdbx_strand_id   A,B,C,D,E,F,G
#
loop_
_chem_comp.id
_chem_comp.type
_chem_comp.name
_chem_comp.formula
BR non-polymer 'BROMIDE ION' 'Br -1'
XFU non-polymer 5-[(3-fluorophenyl)methyl]-9-[[4-(trifluoromethyl)phenyl]methyl]-1,5,9,11-tetrazatricyclo[8.4.0.0^{2,7}]tetradeca-2(7),10-dien-8-one 'C25 H24 F4 N4 O'
#
# COMPACT_ATOMS: atom_id res chain seq x y z
N LEU A 2 -9.85 -8.30 -0.83
CA LEU A 2 -10.88 -8.19 -1.87
C LEU A 2 -11.31 -9.57 -2.30
N ILE A 3 -11.02 -10.54 -1.44
CA ILE A 3 -11.46 -11.93 -1.56
C ILE A 3 -12.79 -12.12 -0.85
N PRO A 4 -13.82 -12.68 -1.50
CA PRO A 4 -15.08 -12.92 -0.80
C PRO A 4 -14.93 -13.91 0.34
N ILE A 5 -15.80 -13.75 1.34
CA ILE A 5 -15.86 -14.54 2.56
C ILE A 5 -17.12 -15.41 2.56
N VAL A 6 -16.96 -16.73 2.83
CA VAL A 6 -18.00 -17.77 2.73
C VAL A 6 -18.21 -18.44 4.08
N VAL A 7 -19.45 -18.95 4.31
CA VAL A 7 -19.82 -19.79 5.48
C VAL A 7 -19.05 -19.52 6.75
N ARG A 15 -15.98 -20.07 11.80
CA ARG A 15 -16.71 -20.86 10.81
C ARG A 15 -16.75 -20.15 9.44
N ALA A 16 -16.18 -18.94 9.35
CA ALA A 16 -16.23 -18.11 8.15
C ALA A 16 -14.83 -17.87 7.60
N TYR A 17 -14.56 -18.34 6.37
CA TYR A 17 -13.24 -18.21 5.76
C TYR A 17 -13.31 -17.36 4.50
N ASP A 18 -12.13 -17.07 3.93
CA ASP A 18 -12.06 -16.52 2.59
C ASP A 18 -12.06 -17.65 1.57
N ILE A 19 -12.53 -17.33 0.37
CA ILE A 19 -12.78 -18.36 -0.64
C ILE A 19 -11.53 -19.21 -0.90
N TYR A 20 -10.34 -18.62 -0.74
CA TYR A 20 -9.15 -19.40 -1.04
C TYR A 20 -8.80 -20.34 0.10
N SER A 21 -9.00 -19.91 1.34
CA SER A 21 -8.80 -20.83 2.44
C SER A 21 -9.86 -21.92 2.44
N ARG A 22 -11.06 -21.61 1.96
CA ARG A 22 -12.08 -22.63 1.83
C ARG A 22 -11.72 -23.64 0.76
N LEU A 23 -11.02 -23.21 -0.29
CA LEU A 23 -10.54 -24.15 -1.30
C LEU A 23 -9.47 -25.08 -0.73
N LEU A 24 -8.63 -24.56 0.16
CA LEU A 24 -7.61 -25.40 0.77
C LEU A 24 -8.24 -26.46 1.64
N ARG A 25 -9.41 -26.16 2.23
CA ARG A 25 -10.12 -27.15 3.02
C ARG A 25 -10.62 -28.30 2.16
N GLU A 26 -10.89 -28.01 0.88
CA GLU A 26 -11.30 -29.06 -0.06
C GLU A 26 -10.13 -29.82 -0.62
N ARG A 27 -8.93 -29.57 -0.09
CA ARG A 27 -7.69 -30.17 -0.58
C ARG A 27 -7.39 -29.76 -2.03
N ILE A 28 -7.63 -28.48 -2.35
CA ILE A 28 -7.39 -27.92 -3.68
C ILE A 28 -6.36 -26.81 -3.55
N VAL A 29 -5.23 -26.94 -4.25
CA VAL A 29 -4.17 -25.94 -4.27
C VAL A 29 -4.10 -25.30 -5.67
N CYS A 30 -4.12 -23.95 -5.72
CA CYS A 30 -4.08 -23.23 -7.00
C CYS A 30 -2.64 -22.86 -7.34
N VAL A 31 -2.16 -23.32 -8.50
CA VAL A 31 -0.89 -22.82 -9.01
C VAL A 31 -1.26 -22.05 -10.27
N MET A 32 -2.06 -21.00 -10.07
CA MET A 32 -2.52 -20.12 -11.13
C MET A 32 -1.69 -18.85 -11.13
N GLY A 33 -1.34 -18.37 -12.32
CA GLY A 33 -0.54 -17.18 -12.45
C GLY A 33 0.92 -17.52 -12.66
N PRO A 34 1.76 -16.52 -12.84
CA PRO A 34 3.21 -16.79 -13.03
C PRO A 34 3.84 -17.41 -11.79
N ILE A 35 4.93 -18.17 -12.02
CA ILE A 35 5.65 -18.87 -10.96
C ILE A 35 6.95 -18.12 -10.64
N ASP A 36 7.11 -17.76 -9.36
CA ASP A 36 8.33 -17.19 -8.76
C ASP A 36 8.59 -17.88 -7.42
N ASP A 37 9.64 -17.45 -6.72
CA ASP A 37 9.96 -18.06 -5.42
C ASP A 37 8.84 -17.87 -4.40
N SER A 38 8.00 -16.83 -4.52
CA SER A 38 6.88 -16.66 -3.61
C SER A 38 5.81 -17.72 -3.82
N VAL A 39 5.46 -17.97 -5.09
CA VAL A 39 4.47 -19.00 -5.37
C VAL A 39 4.99 -20.38 -4.95
N ALA A 40 6.28 -20.63 -5.17
CA ALA A 40 6.84 -21.89 -4.75
C ALA A 40 6.65 -22.09 -3.24
N SER A 41 7.01 -21.08 -2.43
CA SER A 41 6.85 -21.17 -0.98
C SER A 41 5.39 -21.42 -0.58
N LEU A 42 4.46 -20.66 -1.17
CA LEU A 42 3.06 -20.82 -0.82
C LEU A 42 2.54 -22.20 -1.20
N VAL A 43 2.86 -22.66 -2.40
CA VAL A 43 2.39 -23.98 -2.81
C VAL A 43 3.02 -25.06 -1.93
N ILE A 44 4.32 -24.93 -1.63
CA ILE A 44 5.00 -25.94 -0.83
C ILE A 44 4.37 -26.02 0.56
N ALA A 45 4.07 -24.87 1.17
CA ALA A 45 3.41 -24.91 2.47
C ALA A 45 2.04 -25.55 2.36
N GLN A 46 1.31 -25.27 1.28
CA GLN A 46 -0.01 -25.88 1.12
C GLN A 46 0.12 -27.38 0.93
N LEU A 47 1.09 -27.84 0.14
CA LEU A 47 1.23 -29.29 -0.03
C LEU A 47 1.55 -29.97 1.28
N LEU A 48 2.59 -29.50 1.98
CA LEU A 48 3.03 -30.11 3.23
C LEU A 48 1.93 -30.09 4.28
N PHE A 49 1.08 -29.07 4.25
CA PHE A 49 -0.01 -28.98 5.21
C PHE A 49 -1.06 -30.04 4.92
N LEU A 50 -1.45 -30.18 3.65
CA LEU A 50 -2.50 -31.14 3.33
C LEU A 50 -2.03 -32.58 3.55
N GLN A 51 -0.74 -32.90 3.32
CA GLN A 51 -0.30 -34.26 3.69
C GLN A 51 -0.29 -34.40 5.19
N SER A 52 -0.20 -33.28 5.91
CA SER A 52 -0.17 -33.36 7.35
C SER A 52 -1.56 -33.66 7.90
N GLU A 53 -2.59 -33.09 7.28
CA GLU A 53 -3.96 -33.40 7.69
C GLU A 53 -4.35 -34.79 7.25
N SER A 54 -3.81 -35.25 6.14
CA SER A 54 -4.04 -36.58 5.62
C SER A 54 -2.94 -36.87 4.62
N ASN A 55 -2.12 -37.87 4.90
CA ASN A 55 -1.09 -38.24 3.95
C ASN A 55 -1.58 -39.25 2.92
N LYS A 56 -2.87 -39.53 2.90
CA LYS A 56 -3.39 -40.48 1.92
C LYS A 56 -4.47 -39.87 1.03
N LYS A 57 -5.33 -39.02 1.57
CA LYS A 57 -6.41 -38.44 0.78
C LYS A 57 -5.84 -37.64 -0.39
N PRO A 58 -6.34 -37.84 -1.60
CA PRO A 58 -5.75 -37.16 -2.76
C PRO A 58 -5.78 -35.64 -2.61
N ILE A 59 -4.78 -35.00 -3.24
CA ILE A 59 -4.61 -33.55 -3.26
C ILE A 59 -4.82 -33.07 -4.70
N HIS A 60 -5.50 -31.93 -4.85
CA HIS A 60 -5.80 -31.39 -6.18
C HIS A 60 -5.04 -30.09 -6.44
N MET A 61 -4.33 -30.05 -7.56
CA MET A 61 -3.59 -28.85 -7.96
C MET A 61 -4.29 -28.22 -9.15
N TYR A 62 -4.78 -27.00 -8.99
CA TYR A 62 -5.39 -26.27 -10.10
C TYR A 62 -4.31 -25.42 -10.78
N ILE A 63 -4.04 -25.73 -12.06
CA ILE A 63 -2.96 -25.08 -12.78
C ILE A 63 -3.56 -24.24 -13.88
N ASN A 64 -3.23 -22.96 -13.86
CA ASN A 64 -3.55 -21.98 -14.91
C ASN A 64 -2.41 -20.97 -14.91
N SER A 65 -1.28 -21.37 -15.49
CA SER A 65 -0.03 -20.64 -15.41
C SER A 65 0.65 -20.55 -16.76
N PRO A 66 1.31 -19.43 -17.06
CA PRO A 66 2.13 -19.32 -18.27
C PRO A 66 3.60 -19.71 -18.07
N GLY A 67 3.94 -20.27 -16.92
CA GLY A 67 5.31 -20.58 -16.61
C GLY A 67 5.88 -19.65 -15.58
N GLY A 68 7.21 -19.54 -15.57
CA GLY A 68 7.90 -18.69 -14.64
C GLY A 68 9.27 -19.27 -14.33
N VAL A 69 9.80 -18.83 -13.18
CA VAL A 69 11.17 -19.19 -12.79
C VAL A 69 11.34 -20.70 -12.71
N VAL A 70 12.40 -21.20 -13.33
CA VAL A 70 12.58 -22.65 -13.45
C VAL A 70 12.86 -23.29 -12.09
N THR A 71 13.79 -22.71 -11.31
CA THR A 71 14.09 -23.28 -9.99
C THR A 71 12.83 -23.34 -9.14
N ALA A 72 12.02 -22.28 -9.16
CA ALA A 72 10.79 -22.28 -8.39
C ALA A 72 9.90 -23.45 -8.79
N GLY A 73 9.73 -23.66 -10.10
CA GLY A 73 8.92 -24.79 -10.57
C GLY A 73 9.48 -26.14 -10.16
N LEU A 74 10.80 -26.33 -10.32
CA LEU A 74 11.39 -27.58 -9.88
C LEU A 74 11.30 -27.74 -8.37
N ALA A 75 11.17 -26.64 -7.62
CA ALA A 75 10.95 -26.75 -6.18
C ALA A 75 9.57 -27.35 -5.91
N ILE A 76 8.53 -26.86 -6.60
CA ILE A 76 7.18 -27.42 -6.48
C ILE A 76 7.16 -28.86 -6.99
N TYR A 77 7.86 -29.11 -8.09
CA TYR A 77 7.90 -30.46 -8.64
C TYR A 77 8.45 -31.43 -7.61
N ASP A 78 9.60 -31.12 -7.03
CA ASP A 78 10.22 -32.02 -6.07
C ASP A 78 9.31 -32.31 -4.89
N THR A 79 8.49 -31.34 -4.47
CA THR A 79 7.58 -31.55 -3.35
C THR A 79 6.44 -32.47 -3.75
N MET A 80 5.88 -32.26 -4.95
CA MET A 80 4.83 -33.14 -5.44
C MET A 80 5.27 -34.59 -5.38
N GLN A 81 6.49 -34.86 -5.85
CA GLN A 81 6.96 -36.23 -5.86
C GLN A 81 7.26 -36.70 -4.46
N TYR A 82 7.66 -35.78 -3.58
CA TYR A 82 8.03 -36.15 -2.22
C TYR A 82 6.81 -36.62 -1.42
N ILE A 83 5.73 -35.82 -1.37
CA ILE A 83 4.60 -36.16 -0.51
C ILE A 83 4.00 -37.51 -0.90
N LEU A 84 3.34 -38.14 0.07
CA LEU A 84 2.81 -39.48 -0.13
C LEU A 84 1.46 -39.49 -0.85
N ASN A 85 0.75 -38.36 -0.88
CA ASN A 85 -0.59 -38.33 -1.43
C ASN A 85 -0.54 -38.42 -2.96
N PRO A 86 -1.59 -38.96 -3.57
CA PRO A 86 -1.76 -38.76 -4.99
C PRO A 86 -2.04 -37.30 -5.25
N ILE A 87 -1.44 -36.74 -6.29
CA ILE A 87 -1.74 -35.37 -6.68
C ILE A 87 -2.50 -35.42 -8.00
N CYS A 88 -3.71 -34.86 -8.00
CA CYS A 88 -4.51 -34.70 -9.21
C CYS A 88 -4.21 -33.32 -9.77
N THR A 89 -3.72 -33.25 -11.00
CA THR A 89 -3.48 -31.98 -11.66
C THR A 89 -4.65 -31.66 -12.57
N TRP A 90 -5.02 -30.39 -12.61
CA TRP A 90 -6.13 -29.89 -13.41
C TRP A 90 -5.65 -28.67 -14.15
N CYS A 91 -5.60 -28.74 -15.48
CA CYS A 91 -5.26 -27.60 -16.29
C CYS A 91 -6.52 -26.80 -16.62
N VAL A 92 -6.53 -25.54 -16.22
CA VAL A 92 -7.70 -24.69 -16.42
C VAL A 92 -7.22 -23.50 -17.25
N GLY A 93 -7.85 -23.27 -18.39
CA GLY A 93 -7.40 -22.14 -19.18
C GLY A 93 -6.10 -22.35 -19.93
N GLN A 94 -4.96 -22.43 -19.23
CA GLN A 94 -3.63 -22.51 -19.86
C GLN A 94 -2.57 -23.10 -18.93
N ALA A 95 -1.65 -23.89 -19.50
CA ALA A 95 -0.44 -24.38 -18.80
C ALA A 95 0.75 -24.40 -19.77
N ALA A 96 1.64 -23.42 -19.66
CA ALA A 96 2.77 -23.27 -20.57
C ALA A 96 4.07 -23.18 -19.79
N SER A 97 5.15 -23.61 -20.44
CA SER A 97 6.47 -23.64 -19.80
C SER A 97 6.39 -24.54 -18.56
N MET A 98 6.90 -24.10 -17.40
CA MET A 98 6.86 -24.96 -16.22
C MET A 98 5.43 -25.36 -15.84
N GLY A 99 4.44 -24.57 -16.21
CA GLY A 99 3.07 -24.91 -15.90
C GLY A 99 2.67 -26.26 -16.45
N SER A 100 3.11 -26.57 -17.67
CA SER A 100 2.82 -27.89 -18.22
C SER A 100 3.64 -28.95 -17.52
N LEU A 101 4.82 -28.60 -16.99
CA LEU A 101 5.60 -29.58 -16.26
C LEU A 101 4.87 -30.00 -14.99
N LEU A 102 4.44 -29.02 -14.19
CA LEU A 102 3.66 -29.34 -13.02
C LEU A 102 2.43 -30.14 -13.39
N LEU A 103 1.76 -29.76 -14.49
CA LEU A 103 0.60 -30.50 -14.97
C LEU A 103 0.93 -31.97 -15.22
N ALA A 104 2.05 -32.23 -15.92
CA ALA A 104 2.45 -33.59 -16.26
C ALA A 104 3.07 -34.37 -15.10
N ALA A 105 3.54 -33.68 -14.07
CA ALA A 105 4.11 -34.37 -12.92
C ALA A 105 3.03 -34.89 -11.97
N GLY A 106 1.75 -34.68 -12.26
CA GLY A 106 0.72 -35.30 -11.47
C GLY A 106 0.86 -36.81 -11.45
N THR A 107 0.19 -37.42 -10.49
CA THR A 107 0.23 -38.85 -10.34
C THR A 107 -0.40 -39.53 -11.55
N PRO A 108 0.20 -40.61 -12.07
CA PRO A 108 -0.30 -41.19 -13.32
C PRO A 108 -1.79 -41.53 -13.28
N GLY A 109 -2.48 -41.18 -14.36
CA GLY A 109 -3.87 -41.50 -14.47
C GLY A 109 -4.78 -40.50 -13.81
N MET A 110 -4.22 -39.48 -13.20
CA MET A 110 -5.03 -38.47 -12.52
C MET A 110 -4.67 -37.07 -12.99
N ARG A 111 -4.26 -36.94 -14.26
CA ARG A 111 -3.90 -35.66 -14.88
C ARG A 111 -4.96 -35.26 -15.91
N HIS A 112 -5.57 -34.11 -15.68
CA HIS A 112 -6.82 -33.74 -16.34
C HIS A 112 -6.68 -32.38 -17.00
N SER A 113 -7.61 -32.06 -17.89
CA SER A 113 -7.69 -30.73 -18.49
C SER A 113 -9.12 -30.42 -18.91
N LEU A 114 -9.54 -29.17 -18.71
CA LEU A 114 -10.84 -28.75 -19.20
C LEU A 114 -10.76 -28.53 -20.70
N PRO A 115 -11.90 -28.62 -21.41
CA PRO A 115 -11.83 -28.85 -22.88
C PRO A 115 -11.08 -27.79 -23.69
N ASN A 116 -11.14 -26.51 -23.30
CA ASN A 116 -10.60 -25.41 -24.10
C ASN A 116 -9.26 -24.87 -23.59
N SER A 117 -8.54 -25.65 -22.80
CA SER A 117 -7.27 -25.18 -22.30
C SER A 117 -6.22 -25.36 -23.38
N ARG A 118 -5.07 -24.72 -23.18
CA ARG A 118 -3.95 -24.87 -24.09
C ARG A 118 -2.76 -25.33 -23.28
N ILE A 119 -1.97 -26.23 -23.86
CA ILE A 119 -0.76 -26.76 -23.25
C ILE A 119 0.39 -26.41 -24.18
N MET A 120 1.51 -25.94 -23.61
CA MET A 120 2.67 -25.61 -24.42
C MET A 120 3.93 -26.01 -23.68
N ILE A 121 4.85 -26.61 -24.41
CA ILE A 121 6.12 -27.03 -23.86
C ILE A 121 7.23 -26.41 -24.71
N HIS A 122 8.34 -26.07 -24.06
CA HIS A 122 9.44 -25.46 -24.80
C HIS A 122 10.72 -25.58 -23.98
N GLN A 123 11.85 -25.49 -24.66
CA GLN A 123 13.14 -25.56 -24.00
C GLN A 123 13.41 -24.28 -23.20
N PRO A 124 14.26 -24.35 -22.19
CA PRO A 124 14.48 -23.18 -21.35
C PRO A 124 15.21 -22.08 -22.11
N SER A 125 14.96 -20.85 -21.68
CA SER A 125 15.69 -19.67 -22.14
C SER A 125 16.45 -19.08 -20.96
N GLY A 126 17.42 -18.24 -21.28
CA GLY A 126 18.26 -17.63 -20.26
C GLY A 126 19.12 -16.54 -20.84
N GLY A 127 20.16 -16.17 -20.11
CA GLY A 127 21.06 -15.11 -20.54
C GLY A 127 22.41 -15.22 -19.88
N ALA A 128 23.45 -14.84 -20.61
CA ALA A 128 24.80 -14.87 -20.07
C ALA A 128 25.53 -13.59 -20.45
N ARG A 129 26.27 -13.02 -19.49
CA ARG A 129 27.06 -11.81 -19.69
C ARG A 129 28.36 -11.94 -18.93
N GLY A 130 29.39 -11.24 -19.41
CA GLY A 130 30.67 -11.24 -18.72
C GLY A 130 31.82 -11.82 -19.52
N GLN A 131 32.85 -12.21 -18.84
CA GLN A 131 33.96 -12.73 -19.53
C GLN A 131 33.59 -14.04 -20.10
N ALA A 132 34.45 -14.55 -20.92
CA ALA A 132 34.22 -15.79 -21.57
C ALA A 132 34.12 -16.99 -20.69
N THR A 133 34.93 -17.07 -19.67
CA THR A 133 34.85 -18.17 -18.75
C THR A 133 33.49 -18.23 -18.19
N ASP A 134 32.98 -17.07 -17.85
CA ASP A 134 31.69 -16.96 -17.26
C ASP A 134 30.62 -17.34 -18.22
N ILE A 135 30.72 -16.87 -19.45
CA ILE A 135 29.74 -17.25 -20.46
C ILE A 135 29.70 -18.75 -20.60
N ALA A 136 30.84 -19.37 -20.58
CA ALA A 136 30.92 -20.79 -20.69
C ALA A 136 30.22 -21.50 -19.59
N ILE A 137 30.56 -21.13 -18.36
CA ILE A 137 29.91 -21.71 -17.22
C ILE A 137 28.39 -21.59 -17.33
N GLN A 138 27.93 -20.42 -17.70
CA GLN A 138 26.50 -20.20 -17.76
C GLN A 138 25.80 -21.03 -18.80
N ALA A 139 26.40 -21.16 -19.96
CA ALA A 139 25.80 -21.98 -20.98
C ALA A 139 25.82 -23.45 -20.64
N GLU A 140 26.84 -23.87 -19.95
CA GLU A 140 26.87 -25.23 -19.50
C GLU A 140 25.74 -25.47 -18.58
N GLU A 141 25.53 -24.54 -17.68
CA GLU A 141 24.41 -24.64 -16.79
C GLU A 141 23.10 -24.73 -17.55
N ILE A 142 22.88 -23.89 -18.53
CA ILE A 142 21.64 -23.95 -19.29
C ILE A 142 21.47 -25.27 -20.03
N MET A 143 22.55 -25.86 -20.46
CA MET A 143 22.49 -27.15 -21.13
C MET A 143 22.12 -28.27 -20.19
N LYS A 144 22.74 -28.25 -19.05
CA LYS A 144 22.40 -29.23 -18.07
C LYS A 144 20.92 -29.06 -17.72
N LEU A 145 20.43 -27.84 -17.70
CA LEU A 145 19.03 -27.63 -17.43
C LEU A 145 18.09 -28.16 -18.47
N LYS A 146 18.40 -27.92 -19.72
CA LYS A 146 17.59 -28.47 -20.78
C LYS A 146 17.53 -29.94 -20.56
N LYS A 147 18.66 -30.54 -20.28
CA LYS A 147 18.67 -31.97 -20.15
C LYS A 147 17.81 -32.44 -19.00
N GLN A 148 17.89 -31.80 -17.86
CA GLN A 148 17.05 -32.11 -16.75
C GLN A 148 15.60 -32.07 -17.07
N LEU A 149 15.19 -31.01 -17.70
CA LEU A 149 13.77 -30.89 -17.87
C LEU A 149 13.30 -31.82 -18.91
N TYR A 150 14.17 -32.15 -19.81
CA TYR A 150 13.82 -33.03 -20.89
C TYR A 150 13.61 -34.39 -20.29
N ASN A 151 14.48 -34.77 -19.41
CA ASN A 151 14.32 -36.01 -18.73
C ASN A 151 13.04 -36.04 -17.93
N ILE A 152 12.69 -34.98 -17.21
CA ILE A 152 11.41 -35.01 -16.51
C ILE A 152 10.23 -35.20 -17.43
N TYR A 153 10.25 -34.47 -18.51
CA TYR A 153 9.13 -34.55 -19.42
C TYR A 153 9.03 -35.94 -19.96
N ALA A 154 10.13 -36.56 -20.31
CA ALA A 154 10.13 -37.95 -20.77
C ALA A 154 9.59 -38.91 -19.76
N LYS A 155 10.08 -38.85 -18.53
CA LYS A 155 9.56 -39.68 -17.45
C LYS A 155 8.09 -39.59 -17.27
N HIS A 156 7.53 -38.41 -17.41
CA HIS A 156 6.10 -38.33 -17.13
C HIS A 156 5.23 -38.48 -18.34
N THR A 157 5.83 -38.43 -19.51
CA THR A 157 5.10 -38.50 -20.76
C THR A 157 5.30 -39.88 -21.29
N LYS A 158 6.34 -40.50 -20.79
CA LYS A 158 6.76 -41.81 -21.29
C LYS A 158 7.29 -41.72 -22.73
N GLN A 159 7.64 -40.53 -23.20
CA GLN A 159 8.23 -40.39 -24.53
C GLN A 159 9.76 -40.50 -24.46
N SER A 160 10.35 -40.98 -25.55
CA SER A 160 11.81 -41.09 -25.66
C SER A 160 12.44 -39.71 -25.67
N LEU A 161 13.70 -39.62 -25.22
CA LEU A 161 14.32 -38.30 -25.27
C LEU A 161 14.38 -37.77 -26.69
N GLN A 162 14.42 -38.66 -27.70
CA GLN A 162 14.48 -38.18 -29.08
C GLN A 162 13.21 -37.41 -29.43
N VAL A 163 12.06 -37.96 -29.05
CA VAL A 163 10.80 -37.27 -29.33
C VAL A 163 10.73 -35.94 -28.57
N ILE A 164 11.20 -35.93 -27.31
CA ILE A 164 11.25 -34.71 -26.49
C ILE A 164 12.19 -33.66 -27.09
N GLU A 165 13.42 -34.05 -27.45
CA GLU A 165 14.35 -33.13 -28.07
C GLU A 165 13.72 -32.48 -29.31
N SER A 166 13.11 -33.31 -30.17
CA SER A 166 12.42 -32.79 -31.33
C SER A 166 11.25 -31.88 -30.94
N ALA A 167 10.46 -32.31 -29.95
CA ALA A 167 9.22 -31.61 -29.64
C ALA A 167 9.45 -30.29 -28.94
N MET A 168 10.54 -30.15 -28.18
CA MET A 168 10.74 -28.96 -27.39
C MET A 168 11.79 -28.00 -27.94
N GLU A 169 12.35 -28.27 -29.12
CA GLU A 169 13.30 -27.32 -29.71
C GLU A 169 12.62 -26.00 -30.00
N ARG A 170 11.36 -26.04 -30.34
CA ARG A 170 10.61 -24.81 -30.49
C ARG A 170 9.34 -24.89 -29.69
N ASP A 171 8.60 -23.81 -29.61
CA ASP A 171 7.40 -23.76 -28.82
C ASP A 171 6.42 -24.72 -29.45
N ARG A 172 5.95 -25.69 -28.66
CA ARG A 172 5.02 -26.72 -29.10
C ARG A 172 3.71 -26.52 -28.36
N TYR A 173 2.70 -26.07 -29.08
CA TYR A 173 1.37 -25.82 -28.53
C TYR A 173 0.48 -27.03 -28.79
N MET A 174 -0.30 -27.41 -27.79
CA MET A 174 -1.16 -28.58 -27.88
C MET A 174 -2.54 -28.28 -27.35
N SER A 175 -3.48 -29.04 -27.85
CA SER A 175 -4.84 -29.12 -27.35
C SER A 175 -4.89 -30.19 -26.28
N PRO A 176 -5.89 -30.14 -25.38
CA PRO A 176 -6.00 -31.20 -24.37
C PRO A 176 -5.88 -32.59 -24.97
N MET A 177 -6.58 -32.81 -26.09
CA MET A 177 -6.57 -34.13 -26.71
C MET A 177 -5.19 -34.45 -27.26
N GLU A 178 -4.51 -33.44 -27.80
CA GLU A 178 -3.14 -33.64 -28.25
C GLU A 178 -2.22 -33.91 -27.08
N ALA A 179 -2.46 -33.26 -25.94
CA ALA A 179 -1.66 -33.49 -24.74
C ALA A 179 -1.89 -34.89 -24.19
N GLN A 180 -3.12 -35.38 -24.27
CA GLN A 180 -3.33 -36.75 -23.85
C GLN A 180 -2.56 -37.73 -24.73
N GLU A 181 -2.59 -37.54 -26.06
CA GLU A 181 -1.82 -38.43 -26.93
C GLU A 181 -0.35 -38.31 -26.65
N PHE A 182 0.14 -37.07 -26.47
CA PHE A 182 1.58 -36.89 -26.27
C PHE A 182 2.04 -37.47 -24.95
N GLY A 183 1.16 -37.55 -23.95
CA GLY A 183 1.51 -38.07 -22.66
C GLY A 183 1.62 -37.06 -21.52
N ILE A 184 1.09 -35.86 -21.67
CA ILE A 184 1.18 -34.85 -20.63
C ILE A 184 0.04 -35.01 -19.61
N LEU A 185 -1.13 -35.43 -20.07
CA LEU A 185 -2.28 -35.62 -19.24
C LEU A 185 -3.01 -36.88 -19.70
N ASP A 186 -3.94 -37.35 -18.86
CA ASP A 186 -4.61 -38.62 -19.10
C ASP A 186 -6.05 -38.47 -19.52
N LYS A 187 -6.76 -37.42 -19.07
CA LYS A 187 -8.19 -37.30 -19.28
C LYS A 187 -8.58 -35.86 -19.59
N VAL A 188 -9.50 -35.71 -20.55
CA VAL A 188 -10.12 -34.45 -20.92
C VAL A 188 -11.58 -34.53 -20.51
N LEU A 189 -12.09 -33.45 -19.91
CA LEU A 189 -13.35 -33.43 -19.15
C LEU A 189 -14.37 -32.42 -19.63
N VAL A 190 -15.30 -32.86 -20.48
CA VAL A 190 -16.43 -32.04 -20.90
C VAL A 190 -17.58 -32.27 -19.92
N HIS A 191 -17.84 -31.39 -18.96
CA HIS A 191 -18.89 -31.66 -17.95
C HIS A 191 -18.45 -32.72 -16.96
N PRO A 192 -19.11 -32.79 -15.80
CA PRO A 192 -18.66 -33.72 -14.75
C PRO A 192 -18.95 -35.20 -14.94
N PRO A 193 -18.25 -36.07 -14.20
CA PRO A 193 -18.51 -37.51 -14.26
C PRO A 193 -20.00 -37.87 -14.42
N LEU B 2 -13.09 0.12 1.89
CA LEU B 2 -14.03 1.14 1.40
C LEU B 2 -15.37 0.48 1.09
N ILE B 3 -15.32 -0.80 0.69
CA ILE B 3 -16.50 -1.65 0.57
C ILE B 3 -17.40 -1.51 1.80
N PRO B 4 -18.68 -1.19 1.63
CA PRO B 4 -19.58 -1.07 2.78
C PRO B 4 -19.81 -2.42 3.45
N ILE B 5 -20.06 -2.37 4.76
CA ILE B 5 -20.35 -3.54 5.58
C ILE B 5 -21.83 -3.52 5.96
N VAL B 6 -22.54 -4.63 5.68
CA VAL B 6 -23.98 -4.76 5.86
C VAL B 6 -24.31 -6.05 6.61
N VAL B 7 -25.40 -6.02 7.38
CA VAL B 7 -25.92 -7.22 8.04
C VAL B 7 -27.34 -7.54 7.57
N ALA B 16 -23.39 -9.96 9.22
CA ALA B 16 -22.63 -8.73 9.01
C ALA B 16 -21.48 -8.89 8.00
N TYR B 17 -21.64 -8.56 6.70
CA TYR B 17 -20.46 -8.95 5.93
C TYR B 17 -20.16 -7.78 5.01
N ASP B 18 -19.19 -7.92 4.11
CA ASP B 18 -18.99 -6.91 3.10
C ASP B 18 -19.94 -7.14 1.93
N ILE B 19 -20.32 -6.05 1.26
CA ILE B 19 -21.43 -6.12 0.31
C ILE B 19 -21.17 -7.14 -0.77
N TYR B 20 -19.90 -7.38 -1.15
CA TYR B 20 -19.65 -8.36 -2.19
C TYR B 20 -19.82 -9.79 -1.66
N SER B 21 -19.44 -10.04 -0.40
CA SER B 21 -19.70 -11.36 0.18
C SER B 21 -21.18 -11.59 0.37
N ARG B 22 -21.94 -10.52 0.63
CA ARG B 22 -23.39 -10.65 0.71
C ARG B 22 -23.98 -10.96 -0.66
N LEU B 23 -23.40 -10.39 -1.71
CA LEU B 23 -23.84 -10.72 -3.07
C LEU B 23 -23.54 -12.17 -3.42
N LEU B 24 -22.41 -12.70 -2.96
CA LEU B 24 -22.17 -14.12 -3.19
C LEU B 24 -23.19 -14.97 -2.42
N ARG B 25 -23.71 -14.45 -1.32
CA ARG B 25 -24.72 -15.20 -0.59
C ARG B 25 -25.96 -15.38 -1.45
N GLU B 26 -26.28 -14.39 -2.27
CA GLU B 26 -27.44 -14.47 -3.15
C GLU B 26 -27.18 -15.29 -4.41
N ARG B 27 -26.05 -15.98 -4.48
CA ARG B 27 -25.65 -16.76 -5.63
C ARG B 27 -25.39 -15.86 -6.85
N ILE B 28 -24.72 -14.74 -6.61
CA ILE B 28 -24.37 -13.76 -7.65
C ILE B 28 -22.85 -13.67 -7.75
N VAL B 29 -22.32 -13.92 -8.93
CA VAL B 29 -20.88 -13.77 -9.20
C VAL B 29 -20.69 -12.58 -10.13
N CYS B 30 -19.78 -11.68 -9.75
CA CYS B 30 -19.49 -10.48 -10.53
C CYS B 30 -18.30 -10.74 -11.43
N VAL B 31 -18.48 -10.51 -12.73
CA VAL B 31 -17.39 -10.52 -13.71
C VAL B 31 -17.32 -9.12 -14.30
N MET B 32 -16.94 -8.15 -13.48
CA MET B 32 -16.80 -6.77 -13.91
C MET B 32 -15.34 -6.37 -13.98
N GLY B 33 -14.99 -5.59 -14.98
CA GLY B 33 -13.63 -5.15 -15.17
C GLY B 33 -12.91 -6.02 -16.17
N PRO B 34 -11.66 -5.67 -16.47
CA PRO B 34 -10.88 -6.48 -17.42
C PRO B 34 -10.67 -7.89 -16.88
N ILE B 35 -10.62 -8.86 -17.80
CA ILE B 35 -10.52 -10.28 -17.42
C ILE B 35 -9.07 -10.73 -17.59
N ASP B 36 -8.45 -11.15 -16.50
CA ASP B 36 -7.13 -11.74 -16.52
C ASP B 36 -7.16 -12.98 -15.63
N ASP B 37 -6.04 -13.71 -15.56
CA ASP B 37 -6.01 -14.95 -14.78
C ASP B 37 -6.43 -14.72 -13.33
N SER B 38 -6.22 -13.52 -12.79
CA SER B 38 -6.59 -13.29 -11.40
C SER B 38 -8.12 -13.28 -11.22
N VAL B 39 -8.85 -12.63 -12.14
CA VAL B 39 -10.30 -12.69 -12.10
C VAL B 39 -10.76 -14.11 -12.34
N ALA B 40 -10.05 -14.84 -13.19
CA ALA B 40 -10.41 -16.24 -13.43
C ALA B 40 -10.36 -17.04 -12.13
N SER B 41 -9.30 -16.87 -11.32
CA SER B 41 -9.24 -17.57 -10.04
C SER B 41 -10.45 -17.27 -9.18
N LEU B 42 -10.76 -15.99 -9.03
CA LEU B 42 -11.87 -15.57 -8.18
C LEU B 42 -13.20 -16.01 -8.74
N VAL B 43 -13.40 -15.87 -10.05
CA VAL B 43 -14.66 -16.29 -10.64
C VAL B 43 -14.81 -17.80 -10.56
N ILE B 44 -13.75 -18.55 -10.92
CA ILE B 44 -13.82 -20.01 -10.92
C ILE B 44 -14.08 -20.53 -9.52
N ALA B 45 -13.39 -19.97 -8.52
CA ALA B 45 -13.56 -20.40 -7.14
C ALA B 45 -14.97 -20.12 -6.65
N GLN B 46 -15.56 -18.99 -7.07
CA GLN B 46 -16.93 -18.71 -6.66
C GLN B 46 -17.91 -19.69 -7.27
N LEU B 47 -17.74 -20.05 -8.55
CA LEU B 47 -18.65 -20.99 -9.18
C LEU B 47 -18.57 -22.38 -8.54
N LEU B 48 -17.36 -22.91 -8.37
CA LEU B 48 -17.21 -24.25 -7.77
C LEU B 48 -17.74 -24.29 -6.35
N PHE B 49 -17.66 -23.16 -5.63
CA PHE B 49 -18.17 -23.06 -4.27
C PHE B 49 -19.69 -23.04 -4.24
N LEU B 50 -20.29 -22.26 -5.16
CA LEU B 50 -21.74 -22.18 -5.21
C LEU B 50 -22.36 -23.51 -5.60
N GLN B 51 -21.62 -24.33 -6.36
CA GLN B 51 -22.14 -25.65 -6.69
C GLN B 51 -22.17 -26.60 -5.48
N SER B 52 -21.22 -26.44 -4.55
CA SER B 52 -21.22 -27.32 -3.38
C SER B 52 -22.34 -26.96 -2.43
N GLU B 53 -22.76 -25.70 -2.46
CA GLU B 53 -23.90 -25.26 -1.67
C GLU B 53 -25.19 -25.85 -2.24
N SER B 54 -25.29 -25.91 -3.57
CA SER B 54 -26.41 -26.50 -4.31
C SER B 54 -26.05 -26.64 -5.78
N ASN B 55 -26.12 -27.85 -6.31
CA ASN B 55 -25.89 -28.06 -7.75
C ASN B 55 -27.14 -27.82 -8.60
N LYS B 56 -28.22 -27.30 -8.01
CA LYS B 56 -29.44 -27.04 -8.78
C LYS B 56 -29.92 -25.60 -8.69
N LYS B 57 -29.77 -24.94 -7.55
CA LYS B 57 -30.20 -23.56 -7.42
C LYS B 57 -29.47 -22.72 -8.47
N PRO B 58 -30.17 -21.92 -9.28
CA PRO B 58 -29.50 -21.15 -10.32
C PRO B 58 -28.48 -20.17 -9.77
N ILE B 59 -27.47 -19.87 -10.61
CA ILE B 59 -26.38 -18.93 -10.34
C ILE B 59 -26.46 -17.75 -11.30
N HIS B 60 -26.20 -16.54 -10.81
CA HIS B 60 -26.31 -15.32 -11.59
C HIS B 60 -24.94 -14.67 -11.76
N MET B 61 -24.56 -14.35 -13.00
CA MET B 61 -23.30 -13.68 -13.29
C MET B 61 -23.59 -12.28 -13.81
N TYR B 62 -23.07 -11.27 -13.12
CA TYR B 62 -23.19 -9.89 -13.56
C TYR B 62 -21.96 -9.52 -14.39
N ILE B 63 -22.15 -9.17 -15.66
CA ILE B 63 -21.05 -8.89 -16.57
C ILE B 63 -21.09 -7.42 -16.96
N ASN B 64 -19.99 -6.73 -16.72
CA ASN B 64 -19.72 -5.35 -17.13
C ASN B 64 -18.24 -5.31 -17.47
N SER B 65 -17.90 -5.84 -18.65
CA SER B 65 -16.49 -6.10 -18.88
C SER B 65 -16.01 -5.67 -20.26
N PRO B 66 -14.81 -5.11 -20.37
CA PRO B 66 -14.26 -4.76 -21.69
C PRO B 66 -13.46 -5.86 -22.37
N GLY B 67 -13.47 -7.08 -21.88
CA GLY B 67 -12.68 -8.14 -22.47
C GLY B 67 -11.46 -8.47 -21.62
N GLY B 68 -10.46 -9.05 -22.28
CA GLY B 68 -9.22 -9.36 -21.62
C GLY B 68 -8.60 -10.61 -22.21
N VAL B 69 -7.70 -11.19 -21.40
CA VAL B 69 -6.94 -12.37 -21.79
C VAL B 69 -7.86 -13.50 -22.16
N VAL B 70 -7.60 -14.12 -23.32
CA VAL B 70 -8.50 -15.14 -23.82
C VAL B 70 -8.45 -16.40 -22.97
N THR B 71 -7.25 -16.88 -22.61
CA THR B 71 -7.21 -18.10 -21.83
C THR B 71 -7.97 -17.94 -20.52
N ALA B 72 -7.78 -16.80 -19.82
CA ALA B 72 -8.52 -16.57 -18.58
C ALA B 72 -10.01 -16.64 -18.84
N GLY B 73 -10.47 -16.00 -19.91
CA GLY B 73 -11.89 -16.08 -20.26
C GLY B 73 -12.33 -17.50 -20.58
N LEU B 74 -11.53 -18.22 -21.37
CA LEU B 74 -11.86 -19.61 -21.65
C LEU B 74 -11.81 -20.47 -20.38
N ALA B 75 -11.03 -20.06 -19.37
CA ALA B 75 -11.03 -20.79 -18.11
C ALA B 75 -12.39 -20.71 -17.46
N ILE B 76 -12.97 -19.50 -17.41
CA ILE B 76 -14.31 -19.29 -16.88
C ILE B 76 -15.35 -20.02 -17.73
N TYR B 77 -15.19 -19.95 -19.04
CA TYR B 77 -16.13 -20.65 -19.91
C TYR B 77 -16.17 -22.14 -19.60
N ASP B 78 -14.98 -22.78 -19.54
CA ASP B 78 -14.95 -24.21 -19.25
C ASP B 78 -15.58 -24.52 -17.89
N THR B 79 -15.35 -23.63 -16.90
CA THR B 79 -15.94 -23.85 -15.58
C THR B 79 -17.45 -23.63 -15.63
N MET B 80 -17.91 -22.58 -16.30
CA MET B 80 -19.35 -22.46 -16.47
C MET B 80 -19.92 -23.73 -17.04
N GLN B 81 -19.25 -24.31 -18.03
CA GLN B 81 -19.86 -25.51 -18.58
C GLN B 81 -19.76 -26.65 -17.58
N TYR B 82 -18.67 -26.75 -16.83
CA TYR B 82 -18.45 -27.88 -15.94
C TYR B 82 -19.58 -28.00 -14.90
N ILE B 83 -19.86 -26.95 -14.16
CA ILE B 83 -20.87 -27.06 -13.11
C ILE B 83 -22.25 -27.37 -13.68
N LEU B 84 -23.11 -27.98 -12.84
CA LEU B 84 -24.42 -28.48 -13.22
C LEU B 84 -25.52 -27.44 -13.15
N ASN B 85 -25.30 -26.34 -12.45
CA ASN B 85 -26.35 -25.37 -12.19
C ASN B 85 -26.74 -24.64 -13.46
N PRO B 86 -27.97 -24.12 -13.52
CA PRO B 86 -28.28 -23.13 -14.54
C PRO B 86 -27.52 -21.84 -14.25
N ILE B 87 -27.00 -21.20 -15.29
CA ILE B 87 -26.32 -19.93 -15.11
C ILE B 87 -27.11 -18.81 -15.79
N CYS B 88 -27.52 -17.83 -15.01
CA CYS B 88 -28.16 -16.63 -15.53
C CYS B 88 -27.10 -15.57 -15.72
N THR B 89 -26.91 -15.14 -16.96
CA THR B 89 -25.98 -14.08 -17.31
C THR B 89 -26.76 -12.78 -17.41
N TRP B 90 -26.16 -11.69 -16.93
CA TRP B 90 -26.81 -10.39 -16.95
C TRP B 90 -25.77 -9.38 -17.43
N CYS B 91 -25.99 -8.80 -18.60
CA CYS B 91 -25.10 -7.77 -19.11
C CYS B 91 -25.54 -6.41 -18.60
N VAL B 92 -24.66 -5.75 -17.85
CA VAL B 92 -24.90 -4.44 -17.28
C VAL B 92 -23.76 -3.54 -17.76
N GLY B 93 -24.11 -2.39 -18.32
CA GLY B 93 -23.10 -1.48 -18.82
C GLY B 93 -22.53 -1.88 -20.16
N GLN B 94 -21.66 -2.90 -20.21
CA GLN B 94 -21.06 -3.33 -21.47
C GLN B 94 -20.51 -4.73 -21.33
N ALA B 95 -20.60 -5.50 -22.42
CA ALA B 95 -19.96 -6.81 -22.48
C ALA B 95 -19.30 -6.98 -23.85
N ALA B 96 -17.97 -6.80 -23.91
CA ALA B 96 -17.25 -6.85 -25.18
C ALA B 96 -16.08 -7.82 -25.11
N SER B 97 -15.74 -8.40 -26.26
CA SER B 97 -14.63 -9.37 -26.37
C SER B 97 -14.98 -10.56 -25.48
N MET B 98 -14.09 -11.03 -24.62
CA MET B 98 -14.41 -12.24 -23.86
C MET B 98 -15.68 -12.08 -23.03
N GLY B 99 -16.05 -10.86 -22.67
CA GLY B 99 -17.27 -10.66 -21.91
C GLY B 99 -18.50 -11.13 -22.65
N SER B 100 -18.60 -10.82 -23.95
CA SER B 100 -19.79 -11.22 -24.69
C SER B 100 -19.83 -12.73 -24.89
N LEU B 101 -18.68 -13.40 -24.86
CA LEU B 101 -18.67 -14.86 -24.91
C LEU B 101 -19.28 -15.44 -23.63
N LEU B 102 -18.75 -15.03 -22.47
CA LEU B 102 -19.33 -15.50 -21.22
C LEU B 102 -20.80 -15.12 -21.13
N LEU B 103 -21.16 -13.91 -21.56
CA LEU B 103 -22.56 -13.54 -21.57
C LEU B 103 -23.38 -14.52 -22.40
N ALA B 104 -22.93 -14.81 -23.62
CA ALA B 104 -23.70 -15.68 -24.50
C ALA B 104 -23.64 -17.14 -24.07
N ALA B 105 -22.69 -17.52 -23.21
CA ALA B 105 -22.54 -18.89 -22.76
C ALA B 105 -23.46 -19.25 -21.59
N GLY B 106 -24.27 -18.29 -21.12
CA GLY B 106 -25.26 -18.61 -20.12
C GLY B 106 -26.21 -19.67 -20.60
N THR B 107 -26.92 -20.25 -19.64
CA THR B 107 -27.84 -21.35 -19.94
C THR B 107 -28.95 -20.84 -20.86
N PRO B 108 -29.28 -21.59 -21.93
CA PRO B 108 -30.25 -21.10 -22.91
C PRO B 108 -31.53 -20.60 -22.26
N GLY B 109 -32.02 -19.45 -22.73
CA GLY B 109 -33.24 -18.86 -22.20
C GLY B 109 -33.06 -18.06 -20.93
N MET B 110 -31.87 -18.04 -20.35
CA MET B 110 -31.61 -17.35 -19.10
C MET B 110 -30.47 -16.33 -19.23
N ARG B 111 -30.30 -15.77 -20.43
CA ARG B 111 -29.28 -14.76 -20.73
C ARG B 111 -29.96 -13.40 -20.97
N HIS B 112 -29.57 -12.39 -20.18
CA HIS B 112 -30.33 -11.17 -19.97
C HIS B 112 -29.46 -9.95 -20.27
N SER B 113 -30.08 -8.79 -20.50
CA SER B 113 -29.29 -7.56 -20.54
C SER B 113 -30.17 -6.39 -20.14
N LEU B 114 -29.58 -5.45 -19.39
CA LEU B 114 -30.28 -4.23 -19.07
C LEU B 114 -30.34 -3.34 -20.30
N PRO B 115 -31.31 -2.43 -20.39
CA PRO B 115 -31.69 -1.87 -21.71
C PRO B 115 -30.59 -1.10 -22.42
N ASN B 116 -29.71 -0.40 -21.71
CA ASN B 116 -28.74 0.52 -22.31
C ASN B 116 -27.33 -0.04 -22.38
N SER B 117 -27.17 -1.35 -22.37
CA SER B 117 -25.83 -1.90 -22.45
C SER B 117 -25.36 -1.88 -23.89
N ARG B 118 -24.05 -2.02 -24.06
CA ARG B 118 -23.46 -2.21 -25.36
C ARG B 118 -22.77 -3.56 -25.33
N ILE B 119 -22.90 -4.30 -26.41
CA ILE B 119 -22.32 -5.63 -26.57
C ILE B 119 -21.45 -5.61 -27.82
N MET B 120 -20.27 -6.22 -27.74
CA MET B 120 -19.35 -6.22 -28.87
C MET B 120 -18.62 -7.54 -29.02
N ILE B 121 -18.48 -7.98 -30.27
CA ILE B 121 -17.75 -9.19 -30.62
C ILE B 121 -16.69 -8.89 -31.67
N HIS B 122 -15.55 -9.56 -31.57
CA HIS B 122 -14.51 -9.42 -32.58
C HIS B 122 -13.53 -10.59 -32.47
N GLN B 123 -12.74 -10.77 -33.53
CA GLN B 123 -11.71 -11.80 -33.57
C GLN B 123 -10.55 -11.42 -32.65
N PRO B 124 -9.80 -12.41 -32.16
CA PRO B 124 -8.72 -12.10 -31.21
C PRO B 124 -7.59 -11.33 -31.85
N SER B 125 -6.84 -10.62 -31.01
CA SER B 125 -5.61 -9.96 -31.39
C SER B 125 -4.44 -10.53 -30.60
N GLY B 126 -3.23 -10.32 -31.10
CA GLY B 126 -2.06 -10.89 -30.48
C GLY B 126 -0.80 -10.25 -30.97
N GLY B 127 0.33 -10.95 -30.75
CA GLY B 127 1.62 -10.43 -31.15
C GLY B 127 2.66 -11.53 -31.23
N ALA B 128 3.58 -11.39 -32.19
CA ALA B 128 4.65 -12.36 -32.38
C ALA B 128 5.98 -11.65 -32.64
N ARG B 129 7.05 -12.16 -32.06
CA ARG B 129 8.39 -11.60 -32.28
C ARG B 129 9.40 -12.73 -32.34
N GLY B 130 10.52 -12.46 -33.02
CA GLY B 130 11.60 -13.43 -33.11
C GLY B 130 11.85 -13.88 -34.53
N GLN B 131 12.59 -14.99 -34.66
CA GLN B 131 12.95 -15.52 -35.97
C GLN B 131 11.68 -15.84 -36.75
N ALA B 132 11.83 -15.97 -38.07
CA ALA B 132 10.66 -16.28 -38.90
C ALA B 132 10.00 -17.58 -38.46
N THR B 133 10.77 -18.56 -38.09
CA THR B 133 10.22 -19.80 -37.65
C THR B 133 9.36 -19.63 -36.41
N ASP B 134 9.80 -18.82 -35.46
CA ASP B 134 8.97 -18.55 -34.28
C ASP B 134 7.70 -17.81 -34.65
N ILE B 135 7.79 -16.83 -35.56
CA ILE B 135 6.61 -16.10 -36.03
C ILE B 135 5.60 -17.08 -36.63
N ALA B 136 6.08 -18.05 -37.41
CA ALA B 136 5.18 -19.01 -38.02
C ALA B 136 4.41 -19.76 -36.96
N ILE B 137 5.09 -20.19 -35.89
CA ILE B 137 4.40 -20.89 -34.80
C ILE B 137 3.36 -19.98 -34.15
N GLN B 138 3.78 -18.78 -33.77
CA GLN B 138 2.86 -17.84 -33.14
C GLN B 138 1.64 -17.55 -34.03
N ALA B 139 1.85 -17.45 -35.35
CA ALA B 139 0.73 -17.18 -36.24
C ALA B 139 -0.23 -18.36 -36.30
N GLU B 140 0.30 -19.59 -36.23
CA GLU B 140 -0.55 -20.79 -36.20
C GLU B 140 -1.35 -20.86 -34.93
N GLU B 141 -0.72 -20.49 -33.82
CA GLU B 141 -1.41 -20.57 -32.54
C GLU B 141 -2.62 -19.62 -32.51
N ILE B 142 -2.49 -18.38 -33.06
CA ILE B 142 -3.66 -17.52 -32.98
C ILE B 142 -4.65 -17.77 -34.10
N MET B 143 -4.29 -18.42 -35.21
CA MET B 143 -5.36 -18.82 -36.05
C MET B 143 -6.15 -19.90 -35.38
N LYS B 144 -5.48 -20.77 -34.61
CA LYS B 144 -6.22 -21.77 -33.85
C LYS B 144 -7.21 -21.13 -32.85
N LEU B 145 -6.81 -20.07 -32.14
CA LEU B 145 -7.79 -19.37 -31.28
C LEU B 145 -8.94 -18.77 -32.07
N LYS B 146 -8.65 -18.12 -33.21
CA LYS B 146 -9.75 -17.57 -33.99
C LYS B 146 -10.77 -18.67 -34.33
N LYS B 147 -10.29 -19.84 -34.77
CA LYS B 147 -11.22 -20.93 -35.07
C LYS B 147 -11.93 -21.41 -33.81
N GLN B 148 -11.21 -21.41 -32.68
CA GLN B 148 -11.80 -21.86 -31.42
C GLN B 148 -12.90 -20.90 -30.95
N LEU B 149 -12.59 -19.59 -30.87
CA LEU B 149 -13.59 -18.65 -30.38
C LEU B 149 -14.74 -18.50 -31.36
N TYR B 150 -14.47 -18.57 -32.65
CA TYR B 150 -15.59 -18.53 -33.61
C TYR B 150 -16.51 -19.73 -33.36
N ASN B 151 -15.95 -20.91 -33.13
CA ASN B 151 -16.75 -22.11 -32.93
C ASN B 151 -17.64 -21.97 -31.72
N ILE B 152 -17.07 -21.50 -30.61
CA ILE B 152 -17.85 -21.35 -29.37
C ILE B 152 -18.98 -20.37 -29.61
N TYR B 153 -18.71 -19.25 -30.29
CA TYR B 153 -19.76 -18.28 -30.58
C TYR B 153 -20.84 -18.86 -31.47
N ALA B 154 -20.48 -19.62 -32.50
CA ALA B 154 -21.51 -20.24 -33.32
C ALA B 154 -22.36 -21.22 -32.51
N LYS B 155 -21.73 -21.92 -31.56
CA LYS B 155 -22.43 -22.95 -30.78
C LYS B 155 -23.58 -22.35 -29.98
N HIS B 156 -23.33 -21.25 -29.27
CA HIS B 156 -24.30 -20.64 -28.39
C HIS B 156 -25.20 -19.62 -29.07
N THR B 157 -24.76 -19.05 -30.18
CA THR B 157 -25.63 -18.16 -30.92
C THR B 157 -26.51 -18.91 -31.89
N LYS B 158 -26.22 -20.19 -32.12
CA LYS B 158 -26.94 -20.98 -33.12
C LYS B 158 -26.75 -20.37 -34.49
N GLN B 159 -25.76 -19.50 -34.62
CA GLN B 159 -25.44 -18.94 -35.91
C GLN B 159 -24.49 -19.88 -36.63
N SER B 160 -24.36 -19.67 -37.95
CA SER B 160 -23.42 -20.41 -38.78
C SER B 160 -22.06 -19.83 -38.67
N LEU B 161 -21.06 -20.64 -38.95
CA LEU B 161 -19.71 -20.16 -38.76
C LEU B 161 -19.44 -19.10 -39.74
N GLN B 162 -20.13 -19.13 -40.84
CA GLN B 162 -19.98 -18.11 -41.83
C GLN B 162 -20.38 -16.78 -41.31
N VAL B 163 -21.50 -16.73 -40.64
CA VAL B 163 -21.99 -15.49 -40.10
C VAL B 163 -21.04 -14.99 -39.05
N ILE B 164 -20.47 -15.90 -38.30
CA ILE B 164 -19.58 -15.52 -37.23
C ILE B 164 -18.37 -14.92 -37.83
N GLU B 165 -17.90 -15.51 -38.89
CA GLU B 165 -16.72 -15.07 -39.55
C GLU B 165 -16.92 -13.72 -40.16
N SER B 166 -18.10 -13.48 -40.67
CA SER B 166 -18.33 -12.21 -41.29
C SER B 166 -18.48 -11.16 -40.27
N ALA B 167 -19.12 -11.50 -39.16
CA ALA B 167 -19.38 -10.52 -38.12
C ALA B 167 -18.21 -10.19 -37.27
N MET B 168 -17.31 -11.14 -37.12
CA MET B 168 -16.22 -10.89 -36.20
C MET B 168 -14.91 -10.44 -36.89
N GLU B 169 -14.91 -10.39 -38.20
CA GLU B 169 -13.73 -9.85 -38.88
C GLU B 169 -13.41 -8.48 -38.38
N ARG B 170 -14.37 -7.62 -38.13
CA ARG B 170 -14.10 -6.33 -37.52
C ARG B 170 -14.89 -6.21 -36.21
N ASP B 171 -14.66 -5.10 -35.52
CA ASP B 171 -15.40 -4.87 -34.29
C ASP B 171 -16.86 -4.68 -34.68
N ARG B 172 -17.75 -5.49 -34.10
CA ARG B 172 -19.16 -5.33 -34.35
C ARG B 172 -19.85 -5.01 -33.02
N TYR B 173 -20.33 -3.77 -32.89
CA TYR B 173 -21.03 -3.32 -31.70
C TYR B 173 -22.53 -3.47 -31.89
N MET B 174 -23.21 -3.95 -30.84
CA MET B 174 -24.63 -4.26 -30.90
C MET B 174 -25.39 -3.64 -29.73
N SER B 175 -26.67 -3.53 -29.93
CA SER B 175 -27.53 -3.01 -28.91
C SER B 175 -28.08 -4.22 -28.29
N PRO B 176 -28.73 -4.08 -27.17
CA PRO B 176 -29.20 -5.27 -26.50
C PRO B 176 -30.13 -6.11 -27.36
N MET B 177 -31.01 -5.48 -28.10
CA MET B 177 -31.92 -6.18 -28.94
C MET B 177 -31.32 -6.69 -30.20
N GLU B 178 -30.19 -6.10 -30.60
CA GLU B 178 -29.50 -6.54 -31.77
C GLU B 178 -28.74 -7.81 -31.43
N ALA B 179 -28.37 -7.94 -30.19
CA ALA B 179 -27.72 -9.16 -29.73
C ALA B 179 -28.66 -10.28 -29.43
N GLN B 180 -29.87 -9.97 -29.05
CA GLN B 180 -30.85 -10.99 -28.84
C GLN B 180 -31.10 -11.62 -30.12
N GLU B 181 -31.10 -10.83 -31.16
CA GLU B 181 -31.37 -11.33 -32.47
C GLU B 181 -30.22 -12.11 -33.06
N PHE B 182 -29.01 -11.85 -32.64
CA PHE B 182 -27.87 -12.54 -33.16
C PHE B 182 -27.64 -13.84 -32.43
N GLY B 183 -28.32 -14.01 -31.32
CA GLY B 183 -28.18 -15.18 -30.53
C GLY B 183 -27.30 -15.00 -29.37
N ILE B 184 -27.11 -13.78 -28.91
CA ILE B 184 -26.14 -13.60 -27.84
C ILE B 184 -26.82 -13.57 -26.50
N LEU B 185 -28.06 -13.15 -26.50
CA LEU B 185 -28.85 -13.12 -25.28
C LEU B 185 -30.31 -13.40 -25.63
N ASP B 186 -31.13 -13.61 -24.61
CA ASP B 186 -32.52 -14.02 -24.80
C ASP B 186 -33.54 -12.97 -24.43
N LYS B 187 -33.22 -12.08 -23.50
CA LYS B 187 -34.20 -11.16 -22.94
C LYS B 187 -33.58 -9.79 -22.75
N VAL B 188 -34.34 -8.74 -23.08
CA VAL B 188 -33.96 -7.37 -22.77
C VAL B 188 -34.98 -6.87 -21.79
N LEU B 189 -34.52 -6.38 -20.65
CA LEU B 189 -35.40 -6.12 -19.52
C LEU B 189 -35.23 -4.69 -19.05
N VAL B 190 -36.33 -3.92 -19.07
CA VAL B 190 -36.31 -2.58 -18.51
C VAL B 190 -36.63 -2.64 -17.02
N HIS B 191 -37.50 -3.55 -16.62
CA HIS B 191 -38.10 -3.61 -15.30
C HIS B 191 -38.39 -5.05 -14.99
N PRO B 192 -38.58 -5.44 -13.72
CA PRO B 192 -38.79 -6.84 -13.37
C PRO B 192 -40.10 -7.37 -13.90
N PRO B 193 -40.10 -8.54 -14.55
CA PRO B 193 -41.34 -9.16 -15.00
C PRO B 193 -42.23 -9.52 -13.81
N LEU C 2 3.40 -12.35 7.12
CA LEU C 2 4.34 -11.24 7.15
C LEU C 2 5.27 -11.48 8.27
N ILE C 3 4.90 -11.03 9.45
CA ILE C 3 5.70 -11.27 10.62
C ILE C 3 4.91 -12.35 11.27
N PRO C 4 5.60 -13.39 11.69
CA PRO C 4 4.91 -14.55 12.24
C PRO C 4 4.30 -14.37 13.59
N ILE C 5 3.17 -15.02 13.80
CA ILE C 5 2.52 -14.99 15.07
C ILE C 5 2.97 -16.22 15.81
N VAL C 6 3.14 -16.11 17.11
CA VAL C 6 3.70 -17.20 17.87
C VAL C 6 2.76 -17.89 18.86
N VAL C 7 2.21 -17.17 19.83
CA VAL C 7 1.37 -17.80 20.88
C VAL C 7 0.59 -16.76 21.68
N TYR C 17 1.95 -11.12 20.79
CA TYR C 17 1.79 -12.42 20.16
C TYR C 17 2.43 -12.55 18.77
N ASP C 18 2.75 -11.44 18.09
CA ASP C 18 3.62 -11.58 16.92
C ASP C 18 5.07 -11.63 17.39
N ILE C 19 5.92 -12.25 16.56
CA ILE C 19 7.27 -12.60 17.01
C ILE C 19 8.03 -11.39 17.50
N TYR C 20 7.76 -10.22 16.93
CA TYR C 20 8.54 -9.06 17.33
C TYR C 20 8.10 -8.52 18.67
N SER C 21 6.80 -8.57 18.94
CA SER C 21 6.33 -8.24 20.28
C SER C 21 6.75 -9.30 21.28
N ARG C 22 6.91 -10.55 20.83
CA ARG C 22 7.44 -11.58 21.71
C ARG C 22 8.90 -11.32 22.05
N LEU C 23 9.66 -10.75 21.11
CA LEU C 23 11.03 -10.32 21.42
C LEU C 23 11.03 -9.16 22.42
N LEU C 24 10.04 -8.28 22.35
CA LEU C 24 10.00 -7.21 23.33
C LEU C 24 9.73 -7.71 24.74
N ARG C 25 8.96 -8.80 24.92
CA ARG C 25 8.70 -9.32 26.27
C ARG C 25 9.95 -9.89 26.90
N GLU C 26 10.88 -10.41 26.11
CA GLU C 26 12.12 -10.88 26.69
C GLU C 26 13.09 -9.75 26.98
N ARG C 27 12.61 -8.50 26.91
CA ARG C 27 13.44 -7.30 27.09
C ARG C 27 14.50 -7.18 25.99
N ILE C 28 14.11 -7.48 24.74
CA ILE C 28 15.02 -7.46 23.61
C ILE C 28 14.51 -6.41 22.64
N VAL C 29 15.36 -5.43 22.32
CA VAL C 29 15.07 -4.38 21.35
C VAL C 29 15.99 -4.58 20.15
N CYS C 30 15.41 -4.57 18.94
CA CYS C 30 16.18 -4.73 17.71
C CYS C 30 16.49 -3.35 17.13
N VAL C 31 17.77 -3.07 16.95
CA VAL C 31 18.17 -1.89 16.20
C VAL C 31 18.94 -2.37 14.96
N MET C 32 18.21 -3.03 14.05
CA MET C 32 18.70 -3.58 12.80
C MET C 32 18.28 -2.70 11.62
N GLY C 33 19.20 -2.54 10.68
CA GLY C 33 18.92 -1.74 9.52
C GLY C 33 19.45 -0.33 9.68
N PRO C 34 19.22 0.49 8.68
CA PRO C 34 19.66 1.89 8.75
C PRO C 34 18.92 2.64 9.84
N ILE C 35 19.59 3.64 10.42
CA ILE C 35 19.03 4.42 11.52
C ILE C 35 18.59 5.78 10.99
N ASP C 36 17.31 6.10 11.18
CA ASP C 36 16.71 7.41 10.93
C ASP C 36 15.81 7.77 12.11
N ASP C 37 15.15 8.94 12.04
CA ASP C 37 14.31 9.41 13.14
C ASP C 37 13.18 8.44 13.44
N SER C 38 12.72 7.69 12.44
CA SER C 38 11.66 6.72 12.68
C SER C 38 12.12 5.58 13.57
N VAL C 39 13.32 5.06 13.31
CA VAL C 39 13.90 4.01 14.15
C VAL C 39 14.19 4.55 15.54
N ALA C 40 14.65 5.80 15.62
CA ALA C 40 14.90 6.41 16.92
C ALA C 40 13.62 6.48 17.73
N SER C 41 12.53 6.95 17.13
CA SER C 41 11.25 7.00 17.83
C SER C 41 10.85 5.63 18.33
N LEU C 42 10.94 4.62 17.47
CA LEU C 42 10.53 3.28 17.87
C LEU C 42 11.44 2.71 18.97
N VAL C 43 12.76 2.82 18.78
CA VAL C 43 13.69 2.25 19.75
C VAL C 43 13.56 2.96 21.10
N ILE C 44 13.50 4.29 21.09
CA ILE C 44 13.37 5.04 22.33
C ILE C 44 12.10 4.66 23.06
N ALA C 45 11.00 4.57 22.33
CA ALA C 45 9.74 4.18 22.97
C ALA C 45 9.82 2.78 23.56
N GLN C 46 10.54 1.87 22.90
CA GLN C 46 10.70 0.54 23.46
C GLN C 46 11.51 0.60 24.75
N LEU C 47 12.60 1.37 24.75
CA LEU C 47 13.42 1.44 25.95
C LEU C 47 12.63 2.04 27.12
N LEU C 48 11.95 3.18 26.91
CA LEU C 48 11.22 3.76 28.03
C LEU C 48 10.15 2.81 28.54
N PHE C 49 9.61 1.97 27.66
CA PHE C 49 8.57 1.06 28.09
C PHE C 49 9.15 0.00 29.00
N LEU C 50 10.27 -0.60 28.60
CA LEU C 50 10.85 -1.68 29.40
C LEU C 50 11.28 -1.18 30.77
N GLN C 51 11.71 0.09 30.86
CA GLN C 51 12.10 0.64 32.14
C GLN C 51 10.91 0.80 33.05
N SER C 52 9.72 1.03 32.51
CA SER C 52 8.58 1.21 33.41
C SER C 52 8.11 -0.10 34.01
N GLU C 53 8.28 -1.20 33.26
CA GLU C 53 7.96 -2.52 33.78
C GLU C 53 9.00 -3.05 34.77
N SER C 54 10.26 -2.67 34.59
CA SER C 54 11.35 -2.99 35.52
C SER C 54 12.49 -2.06 35.18
N ASN C 55 12.86 -1.19 36.13
CA ASN C 55 14.02 -0.32 35.95
C ASN C 55 15.31 -0.94 36.46
N LYS C 56 15.31 -2.21 36.77
CA LYS C 56 16.53 -2.84 37.22
C LYS C 56 16.89 -4.04 36.38
N LYS C 57 15.91 -4.82 35.94
CA LYS C 57 16.17 -6.00 35.12
C LYS C 57 16.86 -5.58 33.80
N PRO C 58 17.94 -6.25 33.41
CA PRO C 58 18.70 -5.84 32.21
C PRO C 58 17.87 -5.84 30.92
N ILE C 59 18.36 -5.05 29.94
CA ILE C 59 17.77 -4.88 28.60
C ILE C 59 18.76 -5.36 27.55
N HIS C 60 18.25 -6.04 26.52
CA HIS C 60 19.11 -6.55 25.45
C HIS C 60 18.80 -5.81 24.14
N MET C 61 19.81 -5.21 23.55
CA MET C 61 19.70 -4.51 22.29
C MET C 61 20.47 -5.31 21.25
N TYR C 62 19.77 -5.84 20.25
CA TYR C 62 20.38 -6.60 19.17
C TYR C 62 20.67 -5.64 18.05
N ILE C 63 21.95 -5.49 17.71
CA ILE C 63 22.39 -4.48 16.76
C ILE C 63 22.94 -5.18 15.54
N ASN C 64 22.36 -4.86 14.39
CA ASN C 64 22.82 -5.28 13.07
C ASN C 64 22.49 -4.13 12.12
N SER C 65 23.31 -3.09 12.17
CA SER C 65 23.02 -1.86 11.46
C SER C 65 24.22 -1.40 10.67
N PRO C 66 23.98 -0.74 9.53
CA PRO C 66 25.06 -0.07 8.80
C PRO C 66 25.27 1.39 9.17
N GLY C 67 24.64 1.88 10.23
CA GLY C 67 24.74 3.29 10.56
C GLY C 67 23.45 4.03 10.28
N GLY C 68 23.53 5.31 10.03
CA GLY C 68 22.35 6.07 9.72
C GLY C 68 22.51 7.51 10.14
N VAL C 69 21.37 8.18 10.27
CA VAL C 69 21.35 9.60 10.59
C VAL C 69 22.00 9.84 11.95
N VAL C 70 22.88 10.84 12.03
CA VAL C 70 23.62 11.06 13.26
C VAL C 70 22.71 11.55 14.39
N THR C 71 21.84 12.52 14.13
CA THR C 71 20.98 13.00 15.22
C THR C 71 20.15 11.86 15.79
N ALA C 72 19.58 11.03 14.91
CA ALA C 72 18.74 9.92 15.33
C ALA C 72 19.48 8.97 16.26
N GLY C 73 20.72 8.61 15.91
CA GLY C 73 21.49 7.72 16.76
C GLY C 73 21.78 8.32 18.12
N LEU C 74 22.17 9.59 18.15
CA LEU C 74 22.45 10.25 19.42
C LEU C 74 21.18 10.35 20.27
N ALA C 75 20.01 10.35 19.64
CA ALA C 75 18.78 10.27 20.41
C ALA C 75 18.66 8.93 21.11
N ILE C 76 18.97 7.83 20.40
CA ILE C 76 18.98 6.50 21.01
C ILE C 76 20.06 6.42 22.09
N TYR C 77 21.23 7.00 21.80
CA TYR C 77 22.35 6.97 22.74
C TYR C 77 21.98 7.60 24.07
N ASP C 78 21.48 8.84 24.03
CA ASP C 78 21.10 9.54 25.25
C ASP C 78 20.10 8.71 26.05
N THR C 79 19.21 7.99 25.36
CA THR C 79 18.21 7.18 26.05
C THR C 79 18.84 5.97 26.72
N MET C 80 19.83 5.35 26.08
CA MET C 80 20.54 4.25 26.71
C MET C 80 21.15 4.71 28.03
N GLN C 81 21.82 5.87 28.01
CA GLN C 81 22.48 6.41 29.20
C GLN C 81 21.48 6.95 30.21
N TYR C 82 20.32 7.42 29.75
CA TYR C 82 19.35 8.00 30.67
C TYR C 82 18.73 6.94 31.56
N ILE C 83 18.18 5.87 30.96
CA ILE C 83 17.45 4.85 31.74
C ILE C 83 18.39 4.18 32.75
N LEU C 84 17.78 3.61 33.79
CA LEU C 84 18.49 3.02 34.92
C LEU C 84 18.92 1.58 34.68
N ASN C 85 18.34 0.90 33.68
CA ASN C 85 18.61 -0.51 33.46
C ASN C 85 20.02 -0.72 32.90
N PRO C 86 20.62 -1.87 33.16
CA PRO C 86 21.80 -2.27 32.39
C PRO C 86 21.36 -2.59 30.97
N ILE C 87 22.14 -2.17 29.99
CA ILE C 87 21.84 -2.47 28.60
C ILE C 87 22.90 -3.43 28.09
N CYS C 88 22.46 -4.60 27.64
CA CYS C 88 23.34 -5.55 26.98
C CYS C 88 23.28 -5.35 25.47
N THR C 89 24.40 -4.98 24.85
CA THR C 89 24.44 -4.83 23.40
C THR C 89 25.02 -6.08 22.76
N TRP C 90 24.44 -6.49 21.64
CA TRP C 90 24.88 -7.68 20.95
C TRP C 90 24.99 -7.33 19.48
N CYS C 91 26.21 -7.44 18.94
CA CYS C 91 26.44 -7.19 17.53
C CYS C 91 26.21 -8.46 16.72
N VAL C 92 25.28 -8.38 15.77
CA VAL C 92 24.87 -9.51 14.93
C VAL C 92 25.05 -9.10 13.47
N GLY C 93 25.82 -9.88 12.72
CA GLY C 93 26.00 -9.53 11.32
C GLY C 93 26.97 -8.40 11.02
N GLN C 94 26.60 -7.17 11.40
CA GLN C 94 27.38 -5.98 11.09
C GLN C 94 27.05 -4.87 12.07
N ALA C 95 28.05 -4.09 12.47
CA ALA C 95 27.86 -2.85 13.27
C ALA C 95 28.83 -1.78 12.76
N ALA C 96 28.31 -0.83 11.97
CA ALA C 96 29.12 0.19 11.31
C ALA C 96 28.58 1.58 11.63
N SER C 97 29.49 2.57 11.63
CA SER C 97 29.15 3.98 11.84
C SER C 97 28.37 4.08 13.17
N MET C 98 27.25 4.80 13.22
CA MET C 98 26.51 4.93 14.47
C MET C 98 26.12 3.58 15.07
N GLY C 99 26.04 2.55 14.23
CA GLY C 99 25.75 1.22 14.77
C GLY C 99 26.81 0.78 15.76
N SER C 100 28.08 1.05 15.47
CA SER C 100 29.13 0.71 16.41
C SER C 100 29.12 1.63 17.62
N LEU C 101 28.57 2.85 17.48
CA LEU C 101 28.44 3.71 18.65
C LEU C 101 27.45 3.14 19.64
N LEU C 102 26.25 2.78 19.15
CA LEU C 102 25.30 2.11 20.05
C LEU C 102 25.91 0.84 20.64
N LEU C 103 26.62 0.07 19.82
CA LEU C 103 27.26 -1.13 20.35
C LEU C 103 28.18 -0.81 21.51
N ALA C 104 28.99 0.24 21.38
CA ALA C 104 29.96 0.55 22.43
C ALA C 104 29.36 1.20 23.68
N ALA C 105 28.17 1.81 23.54
CA ALA C 105 27.54 2.49 24.66
C ALA C 105 26.81 1.55 25.59
N GLY C 106 26.84 0.26 25.31
CA GLY C 106 26.31 -0.69 26.25
C GLY C 106 26.99 -0.57 27.59
N THR C 107 26.35 -1.13 28.61
CA THR C 107 26.91 -1.03 29.96
C THR C 107 28.24 -1.77 30.02
N PRO C 108 29.26 -1.20 30.67
CA PRO C 108 30.58 -1.84 30.68
C PRO C 108 30.52 -3.29 31.13
N GLY C 109 31.25 -4.15 30.42
CA GLY C 109 31.27 -5.55 30.77
C GLY C 109 30.10 -6.32 30.24
N MET C 110 29.18 -5.64 29.53
CA MET C 110 27.95 -6.22 28.99
C MET C 110 27.75 -6.00 27.50
N ARG C 111 28.82 -5.74 26.75
CA ARG C 111 28.79 -5.47 25.32
C ARG C 111 29.40 -6.66 24.57
N HIS C 112 28.67 -7.22 23.61
CA HIS C 112 29.03 -8.51 23.06
C HIS C 112 29.09 -8.50 21.54
N SER C 113 29.61 -9.59 20.99
CA SER C 113 29.54 -9.78 19.55
C SER C 113 29.53 -11.27 19.23
N LEU C 114 28.81 -11.62 18.16
CA LEU C 114 28.90 -12.96 17.60
C LEU C 114 30.19 -13.09 16.78
N PRO C 115 30.67 -14.33 16.57
CA PRO C 115 32.05 -14.51 16.10
C PRO C 115 32.38 -13.91 14.72
N ASN C 116 31.45 -13.89 13.77
CA ASN C 116 31.74 -13.51 12.39
C ASN C 116 31.25 -12.11 12.01
N SER C 117 31.07 -11.24 12.98
CA SER C 117 30.55 -9.91 12.70
C SER C 117 31.64 -9.01 12.15
N ARG C 118 31.22 -7.86 11.67
CA ARG C 118 32.15 -6.84 11.28
C ARG C 118 31.76 -5.56 12.02
N ILE C 119 32.78 -4.82 12.49
CA ILE C 119 32.60 -3.56 13.20
C ILE C 119 33.41 -2.46 12.50
N MET C 120 32.79 -1.29 12.29
CA MET C 120 33.49 -0.21 11.61
C MET C 120 33.12 1.16 12.17
N ILE C 121 34.13 1.99 12.32
CA ILE C 121 34.01 3.35 12.81
C ILE C 121 34.60 4.34 11.82
N HIS C 122 33.98 5.51 11.71
CA HIS C 122 34.55 6.54 10.86
C HIS C 122 33.99 7.89 11.27
N GLN C 123 34.67 8.94 10.86
CA GLN C 123 34.23 10.28 11.13
C GLN C 123 32.97 10.58 10.32
N PRO C 124 32.13 11.51 10.78
CA PRO C 124 30.88 11.79 10.05
C PRO C 124 31.10 12.42 8.70
N SER C 125 30.10 12.28 7.84
CA SER C 125 30.05 12.99 6.57
C SER C 125 28.84 13.91 6.53
N GLY C 126 28.88 14.84 5.58
CA GLY C 126 27.81 15.80 5.42
C GLY C 126 27.93 16.53 4.11
N GLY C 127 27.20 17.64 4.01
CA GLY C 127 27.21 18.46 2.82
C GLY C 127 26.74 19.85 3.13
N ALA C 128 27.31 20.84 2.43
CA ALA C 128 26.93 22.22 2.64
C ALA C 128 26.79 22.92 1.29
N ARG C 129 25.77 23.77 1.16
CA ARG C 129 25.50 24.52 -0.07
C ARG C 129 25.07 25.94 0.31
N GLY C 130 25.36 26.88 -0.59
CA GLY C 130 24.97 28.26 -0.34
C GLY C 130 26.12 29.25 -0.27
N GLN C 131 25.85 30.44 0.26
CA GLN C 131 26.86 31.49 0.31
C GLN C 131 28.02 31.08 1.20
N ALA C 132 29.15 31.78 1.07
CA ALA C 132 30.31 31.42 1.87
C ALA C 132 29.96 31.45 3.35
N THR C 133 29.19 32.46 3.79
CA THR C 133 28.80 32.50 5.20
C THR C 133 28.06 31.22 5.59
N ASP C 134 27.13 30.76 4.74
CA ASP C 134 26.43 29.53 5.09
C ASP C 134 27.37 28.34 5.08
N ILE C 135 28.29 28.27 4.11
CA ILE C 135 29.29 27.20 4.14
C ILE C 135 30.10 27.25 5.43
N ALA C 136 30.47 28.46 5.86
CA ALA C 136 31.27 28.60 7.08
C ALA C 136 30.53 28.03 8.29
N ILE C 137 29.25 28.39 8.44
CA ILE C 137 28.45 27.92 9.56
C ILE C 137 28.26 26.42 9.49
N GLN C 138 27.86 25.90 8.32
CA GLN C 138 27.65 24.46 8.18
C GLN C 138 28.91 23.64 8.48
N ALA C 139 30.08 24.14 8.07
CA ALA C 139 31.33 23.41 8.33
C ALA C 139 31.72 23.46 9.81
N GLU C 140 31.41 24.56 10.49
CA GLU C 140 31.68 24.63 11.93
C GLU C 140 30.89 23.54 12.64
N GLU C 141 29.66 23.31 12.17
CA GLU C 141 28.78 22.31 12.73
C GLU C 141 29.31 20.89 12.48
N ILE C 142 29.88 20.64 11.31
CA ILE C 142 30.37 19.28 11.07
C ILE C 142 31.62 18.97 11.90
N MET C 143 32.48 19.98 12.15
CA MET C 143 33.63 19.72 13.01
C MET C 143 33.21 19.62 14.47
N LYS C 144 32.18 20.37 14.90
CA LYS C 144 31.67 20.17 16.24
C LYS C 144 31.09 18.77 16.38
N LEU C 145 30.42 18.28 15.32
CA LEU C 145 29.91 16.92 15.35
C LEU C 145 31.06 15.91 15.42
N LYS C 146 32.08 16.10 14.59
CA LYS C 146 33.22 15.19 14.57
C LYS C 146 33.86 15.08 15.96
N LYS C 147 34.06 16.22 16.64
CA LYS C 147 34.61 16.18 17.99
C LYS C 147 33.63 15.56 18.97
N GLN C 148 32.32 15.76 18.76
CA GLN C 148 31.33 15.18 19.64
C GLN C 148 31.36 13.66 19.57
N LEU C 149 31.28 13.10 18.36
CA LEU C 149 31.25 11.64 18.26
C LEU C 149 32.58 11.06 18.70
N TYR C 150 33.67 11.77 18.40
CA TYR C 150 34.99 11.31 18.83
C TYR C 150 35.06 11.21 20.34
N ASN C 151 34.53 12.22 21.02
CA ASN C 151 34.54 12.20 22.49
C ASN C 151 33.79 11.01 23.01
N ILE C 152 32.62 10.72 22.43
CA ILE C 152 31.81 9.60 22.90
C ILE C 152 32.56 8.28 22.73
N TYR C 153 33.21 8.09 21.58
CA TYR C 153 33.95 6.86 21.40
C TYR C 153 35.08 6.71 22.41
N ALA C 154 35.85 7.79 22.65
CA ALA C 154 36.92 7.74 23.65
C ALA C 154 36.37 7.42 25.04
N LYS C 155 35.19 7.93 25.38
CA LYS C 155 34.61 7.69 26.70
C LYS C 155 34.35 6.21 26.93
N HIS C 156 33.70 5.54 25.98
CA HIS C 156 33.30 4.14 26.12
C HIS C 156 34.36 3.14 25.72
N THR C 157 35.36 3.56 24.92
CA THR C 157 36.48 2.68 24.59
C THR C 157 37.62 2.79 25.58
N LYS C 158 37.62 3.87 26.38
CA LYS C 158 38.67 4.22 27.33
C LYS C 158 40.00 4.46 26.62
N GLN C 159 39.94 4.74 25.33
CA GLN C 159 41.07 5.11 24.51
C GLN C 159 41.23 6.61 24.59
N SER C 160 42.46 7.06 24.39
CA SER C 160 42.68 8.50 24.31
C SER C 160 41.99 9.09 23.10
N LEU C 161 41.59 10.37 23.22
CA LEU C 161 40.97 11.08 22.09
C LEU C 161 41.89 11.10 20.90
N GLN C 162 43.17 11.08 21.23
CA GLN C 162 44.30 10.98 20.30
C GLN C 162 44.27 9.69 19.45
N VAL C 163 44.07 8.57 20.13
CA VAL C 163 44.00 7.28 19.39
C VAL C 163 42.75 7.23 18.52
N ILE C 164 41.65 7.80 19.03
CA ILE C 164 40.39 7.88 18.29
C ILE C 164 40.57 8.69 17.01
N GLU C 165 41.18 9.86 17.13
CA GLU C 165 41.42 10.72 15.97
C GLU C 165 42.19 9.96 14.89
N SER C 166 43.26 9.27 15.29
CA SER C 166 44.04 8.50 14.32
C SER C 166 43.21 7.36 13.73
N ALA C 167 42.46 6.64 14.55
CA ALA C 167 41.75 5.46 14.05
C ALA C 167 40.54 5.81 13.20
N MET C 168 39.91 6.96 13.42
CA MET C 168 38.65 7.26 12.74
C MET C 168 38.79 8.23 11.57
N GLU C 169 40.03 8.62 11.20
CA GLU C 169 40.19 9.55 10.08
C GLU C 169 39.63 8.97 8.80
N ARG C 170 39.80 7.67 8.60
CA ARG C 170 39.22 6.90 7.50
C ARG C 170 38.36 5.79 8.11
N ASP C 171 37.72 5.00 7.24
CA ASP C 171 36.93 3.85 7.69
C ASP C 171 37.88 2.83 8.31
N ARG C 172 37.63 2.46 9.57
CA ARG C 172 38.45 1.45 10.23
C ARG C 172 37.57 0.24 10.53
N TYR C 173 37.85 -0.88 9.87
CA TYR C 173 37.11 -2.12 10.09
C TYR C 173 37.83 -3.00 11.11
N MET C 174 37.05 -3.60 11.99
CA MET C 174 37.54 -4.49 13.02
C MET C 174 36.71 -5.76 13.05
N SER C 175 37.33 -6.78 13.47
CA SER C 175 36.75 -8.07 13.78
C SER C 175 36.26 -8.03 15.21
N PRO C 176 35.40 -8.97 15.61
CA PRO C 176 35.00 -8.98 17.01
C PRO C 176 36.20 -8.90 17.97
N MET C 177 37.26 -9.69 17.76
CA MET C 177 38.40 -9.56 18.69
C MET C 177 39.14 -8.23 18.53
N GLU C 178 39.24 -7.69 17.32
CA GLU C 178 39.89 -6.40 17.23
C GLU C 178 39.09 -5.35 17.97
N ALA C 179 37.76 -5.42 17.89
CA ALA C 179 36.91 -4.44 18.57
C ALA C 179 37.00 -4.59 20.09
N GLN C 180 37.14 -5.82 20.57
CA GLN C 180 37.31 -6.00 22.00
C GLN C 180 38.58 -5.32 22.49
N GLU C 181 39.69 -5.52 21.80
CA GLU C 181 40.93 -4.89 22.23
C GLU C 181 40.83 -3.37 22.13
N PHE C 182 40.20 -2.86 21.08
CA PHE C 182 40.06 -1.42 20.93
C PHE C 182 39.18 -0.82 22.01
N GLY C 183 38.33 -1.63 22.64
CA GLY C 183 37.40 -1.15 23.64
C GLY C 183 35.97 -1.02 23.18
N ILE C 184 35.60 -1.60 22.05
CA ILE C 184 34.25 -1.38 21.52
C ILE C 184 33.26 -2.33 22.18
N LEU C 185 33.68 -3.54 22.46
CA LEU C 185 32.84 -4.55 23.09
C LEU C 185 33.71 -5.28 24.11
N ASP C 186 33.05 -6.07 24.95
CA ASP C 186 33.78 -6.72 26.03
C ASP C 186 33.96 -8.22 25.82
N LYS C 187 33.03 -8.88 25.15
CA LYS C 187 33.03 -10.33 25.03
C LYS C 187 32.65 -10.75 23.62
N VAL C 188 33.34 -11.78 23.13
CA VAL C 188 33.09 -12.41 21.86
C VAL C 188 32.59 -13.81 22.17
N LEU C 189 31.42 -14.15 21.64
CA LEU C 189 30.72 -15.34 22.08
C LEU C 189 30.47 -16.26 20.90
N VAL C 190 31.02 -17.47 21.00
CA VAL C 190 30.75 -18.51 20.02
C VAL C 190 29.55 -19.40 20.42
N HIS C 191 29.12 -19.39 21.71
CA HIS C 191 28.09 -20.27 22.26
C HIS C 191 27.57 -19.76 23.60
N PRO C 192 26.39 -20.19 24.07
CA PRO C 192 25.87 -19.73 25.40
C PRO C 192 26.71 -20.27 26.54
N PRO C 193 26.94 -19.46 27.61
CA PRO C 193 27.76 -19.85 28.77
C PRO C 193 27.18 -21.02 29.56
N LEU D 2 -8.43 8.29 7.21
CA LEU D 2 -9.52 8.30 8.20
C LEU D 2 -10.96 8.26 7.76
N ILE D 3 -11.50 7.05 7.65
CA ILE D 3 -12.94 6.84 7.73
C ILE D 3 -13.28 6.76 9.21
N PRO D 4 -14.11 7.66 9.75
CA PRO D 4 -14.45 7.60 11.18
C PRO D 4 -15.37 6.44 11.53
N ILE D 5 -15.28 6.00 12.77
CA ILE D 5 -16.15 4.94 13.29
C ILE D 5 -17.19 5.54 14.21
N VAL D 6 -18.44 5.18 13.96
CA VAL D 6 -19.63 5.73 14.60
C VAL D 6 -20.38 4.62 15.34
N VAL D 7 -21.01 5.00 16.45
CA VAL D 7 -21.84 4.08 17.25
C VAL D 7 -23.35 4.20 17.02
N ALA D 16 -21.39 0.07 16.24
CA ALA D 16 -20.16 -0.28 15.52
C ALA D 16 -20.30 -0.08 13.99
N TYR D 17 -19.91 1.09 13.47
CA TYR D 17 -20.14 1.45 12.07
C TYR D 17 -19.08 2.42 11.58
N ASP D 18 -18.58 2.22 10.36
CA ASP D 18 -17.82 3.28 9.72
C ASP D 18 -18.80 4.24 9.07
N ILE D 19 -18.41 5.51 8.95
CA ILE D 19 -19.37 6.55 8.62
C ILE D 19 -20.11 6.25 7.33
N TYR D 20 -19.45 5.57 6.38
CA TYR D 20 -20.11 5.28 5.12
C TYR D 20 -21.07 4.10 5.20
N SER D 21 -20.77 3.09 6.02
CA SER D 21 -21.75 2.03 6.19
C SER D 21 -22.95 2.50 7.00
N ARG D 22 -22.74 3.46 7.90
CA ARG D 22 -23.88 4.03 8.62
C ARG D 22 -24.75 4.82 7.67
N LEU D 23 -24.14 5.49 6.69
CA LEU D 23 -24.92 6.22 5.70
C LEU D 23 -25.76 5.26 4.90
N LEU D 24 -25.23 4.08 4.60
CA LEU D 24 -25.98 3.08 3.86
C LEU D 24 -27.15 2.55 4.69
N ARG D 25 -27.04 2.57 5.99
CA ARG D 25 -28.12 2.10 6.83
C ARG D 25 -29.33 3.04 6.76
N GLU D 26 -29.11 4.34 6.49
CA GLU D 26 -30.19 5.33 6.30
C GLU D 26 -30.76 5.33 4.88
N ARG D 27 -30.41 4.32 4.09
CA ARG D 27 -30.81 4.20 2.69
C ARG D 27 -30.24 5.32 1.83
N ILE D 28 -28.97 5.69 2.07
CA ILE D 28 -28.31 6.77 1.33
C ILE D 28 -27.12 6.18 0.56
N VAL D 29 -27.14 6.33 -0.76
CA VAL D 29 -26.08 5.84 -1.63
C VAL D 29 -25.29 7.03 -2.17
N CYS D 30 -23.96 7.00 -2.01
CA CYS D 30 -23.08 8.09 -2.43
C CYS D 30 -22.49 7.84 -3.80
N VAL D 31 -22.71 8.77 -4.74
CA VAL D 31 -22.01 8.74 -6.03
C VAL D 31 -21.16 10.00 -6.16
N MET D 32 -20.10 10.10 -5.34
CA MET D 32 -19.19 11.23 -5.38
C MET D 32 -17.89 10.85 -6.10
N GLY D 33 -17.39 11.76 -6.93
CA GLY D 33 -16.16 11.49 -7.62
C GLY D 33 -16.37 10.98 -9.03
N PRO D 34 -15.28 10.69 -9.74
CA PRO D 34 -15.41 10.15 -11.10
C PRO D 34 -16.09 8.78 -11.10
N ILE D 35 -16.78 8.49 -12.19
CA ILE D 35 -17.55 7.25 -12.34
C ILE D 35 -16.77 6.30 -13.26
N ASP D 36 -16.40 5.13 -12.72
CA ASP D 36 -15.77 4.07 -13.49
C ASP D 36 -16.43 2.73 -13.14
N ASP D 37 -15.95 1.66 -13.77
CA ASP D 37 -16.55 0.35 -13.55
C ASP D 37 -16.49 -0.06 -12.08
N SER D 38 -15.49 0.40 -11.35
CA SER D 38 -15.42 0.10 -9.93
C SER D 38 -16.53 0.83 -9.17
N VAL D 39 -16.76 2.11 -9.50
CA VAL D 39 -17.85 2.88 -8.91
C VAL D 39 -19.21 2.32 -9.32
N ALA D 40 -19.35 1.96 -10.59
CA ALA D 40 -20.60 1.35 -11.04
C ALA D 40 -20.89 0.07 -10.27
N SER D 41 -19.86 -0.76 -10.09
CA SER D 41 -20.01 -2.01 -9.33
C SER D 41 -20.52 -1.75 -7.91
N LEU D 42 -19.88 -0.83 -7.20
CA LEU D 42 -20.24 -0.57 -5.81
C LEU D 42 -21.64 0.00 -5.69
N VAL D 43 -22.00 0.96 -6.55
CA VAL D 43 -23.30 1.59 -6.45
C VAL D 43 -24.41 0.58 -6.78
N ILE D 44 -24.19 -0.27 -7.78
CA ILE D 44 -25.19 -1.26 -8.17
C ILE D 44 -25.43 -2.22 -7.01
N ALA D 45 -24.35 -2.66 -6.36
CA ALA D 45 -24.47 -3.54 -5.21
C ALA D 45 -25.22 -2.88 -4.08
N GLN D 46 -25.01 -1.57 -3.90
CA GLN D 46 -25.73 -0.87 -2.85
C GLN D 46 -27.23 -0.79 -3.17
N LEU D 47 -27.58 -0.51 -4.43
CA LEU D 47 -29.00 -0.42 -4.80
C LEU D 47 -29.71 -1.75 -4.61
N LEU D 48 -29.16 -2.84 -5.14
CA LEU D 48 -29.80 -4.13 -5.01
C LEU D 48 -29.96 -4.54 -3.56
N PHE D 49 -29.04 -4.11 -2.70
CA PHE D 49 -29.15 -4.45 -1.29
C PHE D 49 -30.28 -3.68 -0.64
N LEU D 50 -30.36 -2.38 -0.91
CA LEU D 50 -31.41 -1.59 -0.29
C LEU D 50 -32.78 -2.05 -0.78
N GLN D 51 -32.87 -2.50 -2.04
CA GLN D 51 -34.12 -3.08 -2.51
C GLN D 51 -34.41 -4.40 -1.80
N SER D 52 -33.38 -5.11 -1.35
CA SER D 52 -33.64 -6.37 -0.65
C SER D 52 -34.11 -6.15 0.80
N GLU D 53 -33.74 -5.02 1.43
CA GLU D 53 -34.28 -4.68 2.74
C GLU D 53 -35.72 -4.22 2.62
N SER D 54 -36.02 -3.52 1.52
CA SER D 54 -37.36 -2.97 1.26
C SER D 54 -37.45 -2.69 -0.23
N ASN D 55 -38.39 -3.33 -0.92
CA ASN D 55 -38.58 -2.98 -2.32
C ASN D 55 -39.53 -1.81 -2.50
N LYS D 56 -39.91 -1.15 -1.40
CA LYS D 56 -40.82 0.00 -1.47
C LYS D 56 -40.24 1.26 -0.83
N LYS D 57 -39.52 1.14 0.28
CA LYS D 57 -39.00 2.32 0.97
C LYS D 57 -38.02 3.10 0.07
N PRO D 58 -38.16 4.42 -0.04
CA PRO D 58 -37.32 5.20 -0.96
C PRO D 58 -35.85 5.11 -0.61
N ILE D 59 -35.03 5.31 -1.65
CA ILE D 59 -33.57 5.32 -1.60
C ILE D 59 -33.08 6.71 -1.99
N HIS D 60 -32.03 7.18 -1.35
CA HIS D 60 -31.49 8.50 -1.63
C HIS D 60 -30.10 8.41 -2.24
N MET D 61 -29.91 9.08 -3.37
CA MET D 61 -28.63 9.10 -4.06
C MET D 61 -28.02 10.50 -3.97
N TYR D 62 -26.87 10.60 -3.30
CA TYR D 62 -26.12 11.84 -3.19
C TYR D 62 -25.09 11.93 -4.33
N ILE D 63 -25.20 12.97 -5.15
CA ILE D 63 -24.36 13.10 -6.34
C ILE D 63 -23.45 14.32 -6.20
N ASN D 64 -22.15 14.08 -6.35
CA ASN D 64 -21.09 15.10 -6.44
C ASN D 64 -20.01 14.55 -7.38
N SER D 65 -20.30 14.63 -8.67
CA SER D 65 -19.49 13.95 -9.67
C SER D 65 -19.15 14.88 -10.82
N PRO D 66 -17.95 14.76 -11.39
CA PRO D 66 -17.61 15.48 -12.62
C PRO D 66 -17.88 14.71 -13.89
N GLY D 67 -18.50 13.55 -13.81
CA GLY D 67 -18.66 12.68 -14.95
C GLY D 67 -17.78 11.45 -14.84
N GLY D 68 -17.47 10.87 -15.99
CA GLY D 68 -16.63 9.70 -16.01
C GLY D 68 -17.02 8.78 -17.15
N VAL D 69 -16.64 7.51 -16.98
CA VAL D 69 -16.82 6.52 -18.03
C VAL D 69 -18.31 6.37 -18.35
N VAL D 70 -18.65 6.41 -19.64
CA VAL D 70 -20.05 6.46 -20.04
C VAL D 70 -20.76 5.14 -19.77
N THR D 71 -20.17 4.01 -20.17
CA THR D 71 -20.85 2.74 -19.92
C THR D 71 -21.11 2.54 -18.43
N ALA D 72 -20.11 2.88 -17.59
CA ALA D 72 -20.29 2.75 -16.15
C ALA D 72 -21.49 3.57 -15.68
N GLY D 73 -21.61 4.80 -16.19
CA GLY D 73 -22.73 5.64 -15.80
C GLY D 73 -24.07 5.05 -16.23
N LEU D 74 -24.14 4.57 -17.47
CA LEU D 74 -25.35 3.94 -17.97
C LEU D 74 -25.66 2.63 -17.23
N ALA D 75 -24.64 1.98 -16.67
CA ALA D 75 -24.94 0.81 -15.87
C ALA D 75 -25.70 1.20 -14.62
N ILE D 76 -25.27 2.27 -13.94
CA ILE D 76 -25.99 2.77 -12.77
C ILE D 76 -27.39 3.26 -13.16
N TYR D 77 -27.48 3.96 -14.28
CA TYR D 77 -28.78 4.46 -14.72
C TYR D 77 -29.78 3.32 -14.91
N ASP D 78 -29.36 2.28 -15.64
CA ASP D 78 -30.23 1.14 -15.87
C ASP D 78 -30.65 0.50 -14.55
N THR D 79 -29.77 0.50 -13.54
CA THR D 79 -30.15 -0.09 -12.26
C THR D 79 -31.18 0.76 -11.54
N MET D 80 -31.01 2.08 -11.53
CA MET D 80 -32.00 2.95 -10.91
C MET D 80 -33.38 2.69 -11.51
N GLN D 81 -33.45 2.56 -12.83
CA GLN D 81 -34.76 2.34 -13.45
C GLN D 81 -35.29 0.94 -13.17
N TYR D 82 -34.41 -0.05 -13.04
CA TYR D 82 -34.87 -1.42 -12.84
C TYR D 82 -35.50 -1.60 -11.45
N ILE D 83 -34.81 -1.17 -10.39
CA ILE D 83 -35.28 -1.46 -9.04
C ILE D 83 -36.65 -0.81 -8.80
N LEU D 84 -37.41 -1.37 -7.87
CA LEU D 84 -38.78 -0.91 -7.72
C LEU D 84 -38.89 0.33 -6.84
N ASN D 85 -37.89 0.65 -6.04
CA ASN D 85 -38.03 1.75 -5.11
C ASN D 85 -38.04 3.09 -5.86
N PRO D 86 -38.69 4.10 -5.31
CA PRO D 86 -38.43 5.47 -5.77
C PRO D 86 -37.03 5.88 -5.33
N ILE D 87 -36.30 6.52 -6.24
CA ILE D 87 -34.96 7.03 -5.94
C ILE D 87 -34.98 8.55 -5.95
N CYS D 88 -34.62 9.14 -4.80
CA CYS D 88 -34.44 10.58 -4.66
C CYS D 88 -32.97 10.90 -4.94
N THR D 89 -32.72 11.75 -5.93
CA THR D 89 -31.37 12.19 -6.23
C THR D 89 -31.14 13.57 -5.64
N TRP D 90 -29.92 13.81 -5.16
CA TRP D 90 -29.52 15.08 -4.57
C TRP D 90 -28.15 15.49 -5.12
N CYS D 91 -28.10 16.63 -5.82
CA CYS D 91 -26.83 17.17 -6.30
C CYS D 91 -26.21 18.06 -5.22
N VAL D 92 -24.98 17.76 -4.84
CA VAL D 92 -24.26 18.49 -3.81
C VAL D 92 -22.94 18.94 -4.42
N GLY D 93 -22.66 20.24 -4.39
CA GLY D 93 -21.40 20.72 -4.95
C GLY D 93 -21.42 20.82 -6.47
N GLN D 94 -21.38 19.67 -7.16
CA GLN D 94 -21.56 19.69 -8.62
C GLN D 94 -22.02 18.31 -9.08
N ALA D 95 -22.80 18.30 -10.16
CA ALA D 95 -23.15 17.10 -10.91
C ALA D 95 -23.06 17.45 -12.39
N ALA D 96 -21.99 17.00 -13.06
CA ALA D 96 -21.73 17.34 -14.46
C ALA D 96 -21.52 16.08 -15.29
N SER D 97 -21.85 16.17 -16.58
CA SER D 97 -21.70 15.08 -17.55
C SER D 97 -22.54 13.91 -17.05
N MET D 98 -22.01 12.68 -16.96
CA MET D 98 -22.81 11.57 -16.49
C MET D 98 -23.41 11.85 -15.11
N GLY D 99 -22.80 12.73 -14.32
CA GLY D 99 -23.37 13.07 -13.04
C GLY D 99 -24.73 13.71 -13.17
N SER D 100 -24.89 14.62 -14.13
CA SER D 100 -26.19 15.25 -14.32
C SER D 100 -27.20 14.27 -14.91
N LEU D 101 -26.77 13.25 -15.66
CA LEU D 101 -27.73 12.24 -16.12
C LEU D 101 -28.28 11.47 -14.95
N LEU D 102 -27.40 10.96 -14.09
CA LEU D 102 -27.85 10.30 -12.89
C LEU D 102 -28.74 11.22 -12.09
N LEU D 103 -28.39 12.51 -12.02
CA LEU D 103 -29.24 13.47 -11.32
C LEU D 103 -30.65 13.48 -11.90
N ALA D 104 -30.75 13.55 -13.23
CA ALA D 104 -32.05 13.64 -13.89
C ALA D 104 -32.79 12.31 -13.92
N ALA D 105 -32.12 11.20 -13.67
CA ALA D 105 -32.78 9.91 -13.72
C ALA D 105 -33.51 9.55 -12.42
N GLY D 106 -33.41 10.37 -11.39
CA GLY D 106 -34.24 10.15 -10.22
C GLY D 106 -35.71 10.17 -10.60
N THR D 107 -36.52 9.59 -9.72
CA THR D 107 -37.94 9.49 -9.98
C THR D 107 -38.58 10.90 -9.97
N PRO D 108 -39.49 11.18 -10.90
CA PRO D 108 -40.04 12.54 -11.01
C PRO D 108 -40.56 13.09 -9.69
N GLY D 109 -40.24 14.34 -9.43
CA GLY D 109 -40.67 15.02 -8.23
C GLY D 109 -39.77 14.81 -7.03
N MET D 110 -38.76 13.96 -7.13
CA MET D 110 -37.86 13.70 -6.01
C MET D 110 -36.41 13.98 -6.40
N ARG D 111 -36.17 14.91 -7.33
CA ARG D 111 -34.82 15.26 -7.77
C ARG D 111 -34.47 16.67 -7.26
N HIS D 112 -33.46 16.74 -6.41
CA HIS D 112 -33.19 17.92 -5.60
C HIS D 112 -31.77 18.41 -5.84
N SER D 113 -31.52 19.66 -5.40
CA SER D 113 -30.17 20.20 -5.43
C SER D 113 -30.00 21.20 -4.31
N LEU D 114 -28.80 21.25 -3.74
CA LEU D 114 -28.42 22.29 -2.80
C LEU D 114 -28.13 23.60 -3.53
N PRO D 115 -28.22 24.74 -2.83
CA PRO D 115 -28.35 26.02 -3.55
C PRO D 115 -27.18 26.38 -4.45
N ASN D 116 -25.94 26.07 -4.08
CA ASN D 116 -24.76 26.53 -4.83
C ASN D 116 -24.12 25.44 -5.66
N SER D 117 -24.88 24.43 -6.04
CA SER D 117 -24.37 23.33 -6.83
C SER D 117 -24.25 23.77 -8.29
N ARG D 118 -23.54 22.98 -9.08
CA ARG D 118 -23.39 23.23 -10.50
C ARG D 118 -23.83 21.98 -11.27
N ILE D 119 -24.61 22.18 -12.31
CA ILE D 119 -25.09 21.10 -13.16
C ILE D 119 -24.67 21.39 -14.59
N MET D 120 -24.10 20.40 -15.27
CA MET D 120 -23.60 20.61 -16.62
C MET D 120 -23.87 19.38 -17.49
N ILE D 121 -24.28 19.65 -18.72
CA ILE D 121 -24.59 18.60 -19.69
C ILE D 121 -23.77 18.85 -20.96
N HIS D 122 -23.38 17.76 -21.62
CA HIS D 122 -22.70 17.90 -22.90
C HIS D 122 -22.75 16.58 -23.66
N GLN D 123 -22.48 16.67 -24.95
CA GLN D 123 -22.42 15.51 -25.82
C GLN D 123 -21.16 14.70 -25.51
N PRO D 124 -21.16 13.41 -25.83
CA PRO D 124 -20.00 12.57 -25.49
C PRO D 124 -18.76 12.94 -26.31
N SER D 125 -17.61 12.60 -25.75
CA SER D 125 -16.31 12.71 -26.39
C SER D 125 -15.69 11.31 -26.53
N GLY D 126 -14.68 11.20 -27.39
CA GLY D 126 -14.09 9.91 -27.62
C GLY D 126 -12.82 9.98 -28.43
N GLY D 127 -12.45 8.84 -29.01
CA GLY D 127 -11.25 8.74 -29.81
C GLY D 127 -11.35 7.56 -30.75
N ALA D 128 -10.71 7.69 -31.91
CA ALA D 128 -10.62 6.61 -32.91
C ALA D 128 -9.20 6.54 -33.42
N ARG D 129 -8.69 5.33 -33.56
CA ARG D 129 -7.36 5.12 -34.14
C ARG D 129 -7.38 3.84 -34.97
N GLY D 130 -6.55 3.80 -36.01
CA GLY D 130 -6.48 2.60 -36.83
C GLY D 130 -6.87 2.82 -38.28
N GLN D 131 -7.12 1.74 -39.02
CA GLN D 131 -7.40 1.87 -40.44
C GLN D 131 -8.68 2.66 -40.67
N ALA D 132 -8.81 3.14 -41.91
CA ALA D 132 -9.98 3.92 -42.29
C ALA D 132 -11.27 3.18 -41.97
N THR D 133 -11.29 1.86 -42.26
CA THR D 133 -12.44 1.02 -41.92
C THR D 133 -12.73 1.02 -40.42
N ASP D 134 -11.69 0.94 -39.60
CA ASP D 134 -11.89 0.96 -38.15
C ASP D 134 -12.40 2.33 -37.68
N ILE D 135 -11.86 3.41 -38.26
CA ILE D 135 -12.35 4.75 -37.93
C ILE D 135 -13.84 4.85 -38.22
N ALA D 136 -14.28 4.30 -39.35
CA ALA D 136 -15.71 4.34 -39.67
C ALA D 136 -16.52 3.70 -38.55
N ILE D 137 -16.09 2.52 -38.10
CA ILE D 137 -16.80 1.76 -37.08
C ILE D 137 -16.85 2.51 -35.77
N GLN D 138 -15.70 3.00 -35.31
CA GLN D 138 -15.66 3.72 -34.04
C GLN D 138 -16.54 4.97 -34.06
N ALA D 139 -16.53 5.73 -35.18
CA ALA D 139 -17.37 6.93 -35.25
C ALA D 139 -18.85 6.60 -35.33
N GLU D 140 -19.23 5.51 -36.00
CA GLU D 140 -20.63 5.14 -35.98
C GLU D 140 -21.06 4.85 -34.54
N GLU D 141 -20.17 4.24 -33.75
CA GLU D 141 -20.47 3.91 -32.36
C GLU D 141 -20.59 5.15 -31.48
N ILE D 142 -19.69 6.12 -31.64
CA ILE D 142 -19.73 7.35 -30.84
C ILE D 142 -20.97 8.15 -31.22
N MET D 143 -21.43 8.03 -32.46
CA MET D 143 -22.65 8.73 -32.82
C MET D 143 -23.87 8.07 -32.21
N LYS D 144 -23.87 6.73 -32.16
CA LYS D 144 -24.99 6.02 -31.58
C LYS D 144 -25.12 6.37 -30.11
N LEU D 145 -23.97 6.46 -29.43
CA LEU D 145 -23.94 6.90 -28.05
C LEU D 145 -24.50 8.31 -27.92
N LYS D 146 -24.12 9.20 -28.84
CA LYS D 146 -24.67 10.54 -28.83
C LYS D 146 -26.19 10.51 -28.89
N LYS D 147 -26.77 9.70 -29.79
CA LYS D 147 -28.24 9.62 -29.85
C LYS D 147 -28.80 8.95 -28.60
N GLN D 148 -28.07 7.99 -28.04
CA GLN D 148 -28.51 7.28 -26.84
C GLN D 148 -28.62 8.23 -25.65
N LEU D 149 -27.58 8.99 -25.38
CA LEU D 149 -27.64 9.88 -24.22
C LEU D 149 -28.65 10.98 -24.43
N TYR D 150 -28.77 11.49 -25.66
CA TYR D 150 -29.75 12.53 -25.95
C TYR D 150 -31.18 12.03 -25.67
N ASN D 151 -31.49 10.83 -26.15
CA ASN D 151 -32.81 10.27 -25.94
C ASN D 151 -33.10 10.09 -24.46
N ILE D 152 -32.10 9.65 -23.69
CA ILE D 152 -32.30 9.53 -22.26
C ILE D 152 -32.54 10.90 -21.64
N TYR D 153 -31.76 11.91 -22.04
CA TYR D 153 -31.91 13.25 -21.47
C TYR D 153 -33.26 13.86 -21.82
N ALA D 154 -33.70 13.70 -23.07
CA ALA D 154 -35.02 14.20 -23.44
C ALA D 154 -36.12 13.52 -22.63
N LYS D 155 -35.94 12.24 -22.33
CA LYS D 155 -36.96 11.46 -21.62
C LYS D 155 -37.24 12.03 -20.24
N HIS D 156 -36.19 12.28 -19.46
CA HIS D 156 -36.33 12.68 -18.08
C HIS D 156 -36.53 14.17 -17.86
N THR D 157 -36.13 14.99 -18.82
CA THR D 157 -36.40 16.42 -18.78
C THR D 157 -37.70 16.75 -19.48
N LYS D 158 -38.25 15.81 -20.25
CA LYS D 158 -39.45 16.02 -21.06
C LYS D 158 -39.25 17.11 -22.10
N GLN D 159 -37.99 17.46 -22.37
CA GLN D 159 -37.67 18.46 -23.37
C GLN D 159 -37.59 17.80 -24.74
N SER D 160 -37.89 18.57 -25.77
CA SER D 160 -37.88 18.03 -27.12
C SER D 160 -36.48 17.61 -27.52
N LEU D 161 -36.40 16.63 -28.41
CA LEU D 161 -35.09 16.19 -28.86
C LEU D 161 -34.34 17.31 -29.55
N GLN D 162 -35.07 18.26 -30.15
CA GLN D 162 -34.42 19.42 -30.78
C GLN D 162 -33.76 20.32 -29.74
N VAL D 163 -34.42 20.56 -28.61
CA VAL D 163 -33.82 21.39 -27.59
C VAL D 163 -32.56 20.73 -27.01
N ILE D 164 -32.63 19.40 -26.78
CA ILE D 164 -31.48 18.65 -26.26
C ILE D 164 -30.31 18.71 -27.22
N GLU D 165 -30.57 18.45 -28.51
CA GLU D 165 -29.50 18.57 -29.50
C GLU D 165 -28.87 19.95 -29.43
N SER D 166 -29.69 21.00 -29.38
CA SER D 166 -29.16 22.36 -29.30
C SER D 166 -28.37 22.58 -28.03
N ALA D 167 -28.89 22.09 -26.89
CA ALA D 167 -28.33 22.39 -25.58
C ALA D 167 -27.04 21.65 -25.32
N MET D 168 -26.86 20.47 -25.91
CA MET D 168 -25.70 19.64 -25.61
C MET D 168 -24.63 19.65 -26.70
N GLU D 169 -24.78 20.48 -27.76
CA GLU D 169 -23.73 20.52 -28.79
C GLU D 169 -22.41 21.00 -28.21
N ARG D 170 -22.48 21.96 -27.29
CA ARG D 170 -21.35 22.41 -26.48
C ARG D 170 -21.73 22.21 -25.01
N ASP D 171 -20.81 22.57 -24.12
CA ASP D 171 -21.00 22.48 -22.67
C ASP D 171 -22.05 23.47 -22.19
N ARG D 172 -23.03 23.00 -21.39
CA ARG D 172 -24.00 23.87 -20.72
C ARG D 172 -23.85 23.80 -19.20
N TYR D 173 -23.42 24.91 -18.62
CA TYR D 173 -23.37 25.04 -17.19
C TYR D 173 -24.68 25.69 -16.74
N MET D 174 -25.29 25.13 -15.69
CA MET D 174 -26.58 25.59 -15.18
C MET D 174 -26.51 25.71 -13.68
N SER D 175 -27.31 26.58 -13.18
CA SER D 175 -27.54 26.72 -11.76
C SER D 175 -28.65 25.80 -11.33
N PRO D 176 -28.76 25.53 -10.04
CA PRO D 176 -29.89 24.71 -9.63
C PRO D 176 -31.24 25.11 -10.24
N MET D 177 -31.58 26.38 -10.22
CA MET D 177 -32.84 26.89 -10.78
C MET D 177 -33.00 26.73 -12.27
N GLU D 178 -31.93 26.99 -12.97
CA GLU D 178 -31.96 26.83 -14.39
C GLU D 178 -32.18 25.39 -14.70
N ALA D 179 -31.62 24.52 -13.91
CA ALA D 179 -31.78 23.08 -14.11
C ALA D 179 -33.17 22.65 -13.85
N GLN D 180 -33.77 23.21 -12.83
CA GLN D 180 -35.16 22.92 -12.61
C GLN D 180 -35.95 23.28 -13.80
N GLU D 181 -35.71 24.47 -14.34
CA GLU D 181 -36.44 24.89 -15.54
C GLU D 181 -36.23 23.98 -16.73
N PHE D 182 -35.01 23.53 -16.95
CA PHE D 182 -34.71 22.65 -18.05
C PHE D 182 -35.34 21.30 -17.90
N GLY D 183 -35.58 20.89 -16.69
CA GLY D 183 -36.16 19.58 -16.46
C GLY D 183 -35.22 18.57 -15.86
N ILE D 184 -34.05 19.00 -15.37
CA ILE D 184 -33.08 18.07 -14.84
C ILE D 184 -33.39 17.71 -13.40
N LEU D 185 -33.91 18.68 -12.65
CA LEU D 185 -34.23 18.48 -11.26
C LEU D 185 -35.55 19.17 -10.96
N ASP D 186 -36.11 18.86 -9.82
CA ASP D 186 -37.41 19.37 -9.52
C ASP D 186 -37.37 20.36 -8.39
N LYS D 187 -36.49 20.20 -7.42
CA LYS D 187 -36.52 21.09 -6.27
C LYS D 187 -35.19 21.62 -5.77
N VAL D 188 -35.13 22.88 -5.42
CA VAL D 188 -33.93 23.51 -4.92
C VAL D 188 -34.18 23.85 -3.49
N LEU D 189 -33.25 23.48 -2.62
CA LEU D 189 -33.45 23.59 -1.20
C LEU D 189 -32.35 24.26 -0.50
N VAL D 190 -32.65 24.98 0.56
CA VAL D 190 -31.62 25.64 1.36
C VAL D 190 -31.69 25.25 2.83
N HIS D 191 -32.75 24.61 3.26
CA HIS D 191 -33.06 24.29 4.65
C HIS D 191 -34.10 23.20 4.62
N PRO D 192 -34.24 22.43 5.73
CA PRO D 192 -35.21 21.33 5.81
C PRO D 192 -36.68 21.77 5.72
N LEU E 2 -2.24 -13.45 -1.26
CA LEU E 2 -2.76 -13.57 0.10
C LEU E 2 -2.42 -14.90 0.78
N ILE E 3 -1.83 -14.83 1.95
CA ILE E 3 -1.42 -16.05 2.66
C ILE E 3 -2.61 -16.67 3.37
N PRO E 4 -2.89 -17.94 3.08
CA PRO E 4 -4.05 -18.65 3.63
C PRO E 4 -4.02 -18.90 5.14
N ILE E 5 -5.23 -19.01 5.71
CA ILE E 5 -5.48 -19.34 7.11
C ILE E 5 -5.92 -20.79 7.18
N VAL E 6 -5.35 -21.58 8.09
CA VAL E 6 -5.54 -23.03 8.04
C VAL E 6 -6.15 -23.64 9.30
N VAL E 7 -6.05 -23.01 10.47
CA VAL E 7 -6.54 -23.54 11.78
C VAL E 7 -6.07 -25.01 11.96
N ALA E 16 -6.66 -20.97 14.62
CA ALA E 16 -6.57 -20.13 13.42
C ALA E 16 -5.16 -19.53 13.20
N TYR E 17 -4.51 -19.96 12.11
CA TYR E 17 -3.15 -19.53 11.83
C TYR E 17 -2.99 -19.29 10.35
N ASP E 18 -2.16 -18.32 10.02
CA ASP E 18 -1.70 -18.27 8.65
C ASP E 18 -0.65 -19.37 8.47
N ILE E 19 -0.60 -19.90 7.26
CA ILE E 19 0.12 -21.14 7.03
C ILE E 19 1.57 -21.01 7.43
N TYR E 20 2.14 -19.79 7.36
CA TYR E 20 3.54 -19.58 7.75
C TYR E 20 3.72 -19.58 9.26
N SER E 21 2.75 -19.05 10.02
CA SER E 21 2.86 -19.22 11.46
C SER E 21 2.65 -20.68 11.83
N ARG E 22 1.85 -21.41 11.03
CA ARG E 22 1.67 -22.84 11.25
C ARG E 22 2.95 -23.60 11.01
N LEU E 23 3.76 -23.18 10.03
CA LEU E 23 5.05 -23.82 9.81
C LEU E 23 6.01 -23.51 10.94
N LEU E 24 5.95 -22.30 11.50
CA LEU E 24 6.81 -22.06 12.65
C LEU E 24 6.40 -22.95 13.80
N ARG E 25 5.13 -23.32 13.83
CA ARG E 25 4.65 -24.22 14.86
C ARG E 25 5.30 -25.59 14.77
N GLU E 26 5.62 -26.05 13.54
CA GLU E 26 6.30 -27.33 13.36
C GLU E 26 7.81 -27.28 13.55
N ARG E 27 8.35 -26.14 14.00
CA ARG E 27 9.80 -25.89 14.08
C ARG E 27 10.45 -25.86 12.69
N ILE E 28 9.77 -25.21 11.75
CA ILE E 28 10.26 -25.07 10.38
C ILE E 28 10.46 -23.57 10.12
N VAL E 29 11.67 -23.18 9.75
CA VAL E 29 11.99 -21.79 9.41
C VAL E 29 12.22 -21.70 7.92
N CYS E 30 11.57 -20.74 7.27
CA CYS E 30 11.72 -20.55 5.83
C CYS E 30 12.79 -19.49 5.55
N VAL E 31 13.81 -19.86 4.78
CA VAL E 31 14.82 -18.93 4.28
C VAL E 31 14.76 -18.93 2.76
N MET E 32 13.66 -18.41 2.24
CA MET E 32 13.39 -18.35 0.82
C MET E 32 13.57 -16.92 0.32
N GLY E 33 14.14 -16.76 -0.87
CA GLY E 33 14.33 -15.45 -1.42
C GLY E 33 15.70 -14.89 -1.09
N PRO E 34 15.97 -13.68 -1.56
CA PRO E 34 17.25 -13.02 -1.24
C PRO E 34 17.40 -12.72 0.24
N ILE E 35 18.63 -12.77 0.72
CA ILE E 35 18.91 -12.60 2.15
C ILE E 35 19.40 -11.18 2.39
N ASP E 36 18.67 -10.43 3.20
CA ASP E 36 19.11 -9.10 3.60
C ASP E 36 18.87 -8.97 5.10
N ASP E 37 19.21 -7.80 5.65
CA ASP E 37 19.12 -7.60 7.11
C ASP E 37 17.69 -7.85 7.63
N SER E 38 16.68 -7.57 6.79
CA SER E 38 15.29 -7.75 7.20
C SER E 38 14.93 -9.23 7.35
N VAL E 39 15.42 -10.07 6.42
CA VAL E 39 15.25 -11.51 6.57
C VAL E 39 16.03 -11.99 7.80
N ALA E 40 17.21 -11.44 8.02
CA ALA E 40 18.05 -11.86 9.13
C ALA E 40 17.36 -11.68 10.47
N SER E 41 16.75 -10.52 10.72
CA SER E 41 16.06 -10.37 11.99
C SER E 41 14.97 -11.42 12.13
N LEU E 42 14.16 -11.59 11.07
CA LEU E 42 13.06 -12.54 11.13
C LEU E 42 13.57 -13.96 11.29
N VAL E 43 14.61 -14.35 10.55
CA VAL E 43 15.17 -15.69 10.67
C VAL E 43 15.75 -15.89 12.06
N ILE E 44 16.48 -14.89 12.55
CA ILE E 44 17.10 -14.99 13.87
C ILE E 44 16.04 -15.07 14.96
N ALA E 45 14.99 -14.24 14.87
CA ALA E 45 13.96 -14.27 15.89
C ALA E 45 13.29 -15.64 15.94
N GLN E 46 13.06 -16.25 14.78
CA GLN E 46 12.48 -17.59 14.77
C GLN E 46 13.43 -18.62 15.38
N LEU E 47 14.72 -18.55 15.03
CA LEU E 47 15.66 -19.51 15.59
C LEU E 47 15.70 -19.38 17.10
N LEU E 48 15.90 -18.15 17.61
CA LEU E 48 15.97 -17.94 19.06
C LEU E 48 14.68 -18.36 19.75
N PHE E 49 13.54 -18.20 19.08
CA PHE E 49 12.26 -18.57 19.67
C PHE E 49 12.13 -20.07 19.77
N LEU E 50 12.50 -20.78 18.71
CA LEU E 50 12.36 -22.23 18.73
C LEU E 50 13.25 -22.85 19.80
N GLN E 51 14.40 -22.23 20.10
CA GLN E 51 15.24 -22.78 21.15
C GLN E 51 14.60 -22.61 22.53
N SER E 52 13.81 -21.54 22.72
CA SER E 52 13.14 -21.36 23.99
C SER E 52 11.95 -22.30 24.15
N GLU E 53 11.35 -22.75 23.04
CA GLU E 53 10.32 -23.79 23.14
C GLU E 53 10.97 -25.12 23.52
N SER E 54 12.14 -25.37 22.97
CA SER E 54 12.94 -26.55 23.29
C SER E 54 14.34 -26.34 22.75
N ASN E 55 15.33 -26.44 23.59
CA ASN E 55 16.70 -26.42 23.09
C ASN E 55 17.14 -27.78 22.61
N LYS E 56 16.21 -28.73 22.48
CA LYS E 56 16.57 -30.06 22.01
C LYS E 56 15.82 -30.50 20.77
N LYS E 57 14.52 -30.22 20.67
CA LYS E 57 13.77 -30.69 19.53
C LYS E 57 14.36 -30.06 18.26
N PRO E 58 14.70 -30.85 17.24
CA PRO E 58 15.41 -30.31 16.08
C PRO E 58 14.62 -29.22 15.35
N ILE E 59 15.36 -28.35 14.69
CA ILE E 59 14.81 -27.24 13.89
C ILE E 59 15.13 -27.51 12.42
N HIS E 60 14.16 -27.26 11.55
CA HIS E 60 14.32 -27.51 10.12
C HIS E 60 14.30 -26.19 9.36
N MET E 61 15.32 -25.95 8.54
CA MET E 61 15.38 -24.77 7.70
C MET E 61 15.20 -25.19 6.26
N TYR E 62 14.17 -24.66 5.63
CA TYR E 62 13.94 -24.83 4.21
C TYR E 62 14.62 -23.68 3.50
N ILE E 63 15.59 -24.01 2.64
CA ILE E 63 16.42 -23.03 1.96
C ILE E 63 16.10 -23.09 0.48
N ASN E 64 15.66 -21.94 -0.07
CA ASN E 64 15.41 -21.70 -1.50
C ASN E 64 15.79 -20.25 -1.76
N SER E 65 17.10 -19.99 -1.80
CA SER E 65 17.61 -18.64 -1.80
C SER E 65 18.68 -18.50 -2.86
N PRO E 66 18.72 -17.38 -3.57
CA PRO E 66 19.83 -17.11 -4.52
C PRO E 66 21.00 -16.38 -3.89
N GLY E 67 21.00 -16.21 -2.56
CA GLY E 67 22.01 -15.42 -1.87
C GLY E 67 21.47 -14.11 -1.34
N GLY E 68 22.35 -13.14 -1.17
CA GLY E 68 22.00 -11.82 -0.66
C GLY E 68 23.18 -11.25 0.09
N VAL E 69 22.88 -10.27 0.95
CA VAL E 69 23.93 -9.56 1.68
C VAL E 69 24.71 -10.54 2.54
N VAL E 70 26.05 -10.43 2.50
CA VAL E 70 26.90 -11.40 3.19
C VAL E 70 26.81 -11.25 4.71
N THR E 71 26.88 -10.02 5.22
CA THR E 71 26.80 -9.84 6.68
C THR E 71 25.47 -10.36 7.22
N ALA E 72 24.36 -10.05 6.54
CA ALA E 72 23.06 -10.54 6.95
C ALA E 72 23.06 -12.05 7.00
N GLY E 73 23.64 -12.70 5.99
CA GLY E 73 23.74 -14.15 6.02
C GLY E 73 24.62 -14.63 7.17
N LEU E 74 25.76 -13.97 7.38
CA LEU E 74 26.63 -14.33 8.51
C LEU E 74 25.94 -14.08 9.85
N ALA E 75 24.95 -13.20 9.90
CA ALA E 75 24.14 -13.07 11.11
C ALA E 75 23.34 -14.33 11.35
N ILE E 76 22.70 -14.88 10.30
CA ILE E 76 21.99 -16.16 10.45
C ILE E 76 22.96 -17.27 10.81
N TYR E 77 24.11 -17.30 10.13
CA TYR E 77 25.09 -18.35 10.40
C TYR E 77 25.51 -18.33 11.87
N ASP E 78 25.95 -17.16 12.37
CA ASP E 78 26.36 -17.09 13.77
C ASP E 78 25.26 -17.59 14.70
N THR E 79 23.99 -17.35 14.34
CA THR E 79 22.88 -17.83 15.16
C THR E 79 22.71 -19.34 15.08
N MET E 80 22.85 -19.92 13.89
CA MET E 80 22.78 -21.37 13.75
C MET E 80 23.81 -22.04 14.65
N GLN E 81 25.05 -21.54 14.64
CA GLN E 81 26.09 -22.16 15.45
C GLN E 81 25.83 -21.94 16.93
N TYR E 82 25.20 -20.81 17.28
CA TYR E 82 25.00 -20.47 18.70
C TYR E 82 24.02 -21.43 19.36
N ILE E 83 22.82 -21.56 18.79
CA ILE E 83 21.79 -22.36 19.45
C ILE E 83 22.25 -23.82 19.53
N LEU E 84 21.72 -24.53 20.55
CA LEU E 84 22.10 -25.90 20.89
C LEU E 84 21.34 -26.96 20.10
N ASN E 85 20.27 -26.57 19.43
CA ASN E 85 19.41 -27.52 18.74
C ASN E 85 20.13 -28.15 17.54
N PRO E 86 19.77 -29.37 17.16
CA PRO E 86 20.15 -29.84 15.83
C PRO E 86 19.40 -29.03 14.79
N ILE E 87 20.10 -28.58 13.76
CA ILE E 87 19.46 -27.81 12.70
C ILE E 87 19.46 -28.65 11.43
N CYS E 88 18.27 -28.96 10.92
CA CYS E 88 18.15 -29.69 9.67
C CYS E 88 18.01 -28.68 8.53
N THR E 89 18.96 -28.69 7.61
CA THR E 89 18.88 -27.83 6.44
C THR E 89 18.30 -28.62 5.29
N TRP E 90 17.46 -27.98 4.49
CA TRP E 90 16.82 -28.61 3.34
C TRP E 90 16.90 -27.67 2.16
N CYS E 91 17.57 -28.08 1.10
CA CYS E 91 17.65 -27.25 -0.09
C CYS E 91 16.47 -27.55 -1.00
N VAL E 92 15.68 -26.52 -1.29
CA VAL E 92 14.46 -26.64 -2.08
C VAL E 92 14.61 -25.70 -3.26
N GLY E 93 14.54 -26.24 -4.48
CA GLY E 93 14.71 -25.38 -5.65
C GLY E 93 16.15 -25.00 -5.95
N GLN E 94 16.75 -24.13 -5.12
CA GLN E 94 18.13 -23.67 -5.31
C GLN E 94 18.69 -23.07 -4.02
N ALA E 95 20.00 -23.26 -3.81
CA ALA E 95 20.69 -22.61 -2.70
C ALA E 95 22.05 -22.13 -3.20
N ALA E 96 22.14 -20.84 -3.50
CA ALA E 96 23.32 -20.26 -4.12
C ALA E 96 23.85 -19.10 -3.28
N SER E 97 25.16 -18.88 -3.37
CA SER E 97 25.83 -17.82 -2.63
C SER E 97 25.56 -18.09 -1.15
N MET E 98 25.13 -17.09 -0.35
CA MET E 98 24.97 -17.31 1.08
C MET E 98 24.04 -18.46 1.38
N GLY E 99 23.13 -18.78 0.46
CA GLY E 99 22.23 -19.89 0.69
C GLY E 99 22.95 -21.21 0.86
N SER E 100 23.96 -21.48 0.03
CA SER E 100 24.67 -22.74 0.18
C SER E 100 25.51 -22.78 1.45
N LEU E 101 25.95 -21.62 1.94
CA LEU E 101 26.67 -21.58 3.21
C LEU E 101 25.76 -21.94 4.38
N LEU E 102 24.59 -21.28 4.49
CA LEU E 102 23.65 -21.67 5.54
C LEU E 102 23.31 -23.14 5.39
N LEU E 103 23.09 -23.59 4.15
CA LEU E 103 22.81 -24.99 3.87
C LEU E 103 23.93 -25.88 4.40
N ALA E 104 25.17 -25.53 4.08
CA ALA E 104 26.30 -26.35 4.50
C ALA E 104 26.55 -26.25 6.00
N ALA E 105 26.01 -25.20 6.65
CA ALA E 105 26.17 -24.96 8.08
C ALA E 105 25.16 -25.76 8.93
N GLY E 106 24.30 -26.55 8.30
CA GLY E 106 23.43 -27.42 9.06
C GLY E 106 24.21 -28.39 9.92
N THR E 107 23.50 -29.01 10.87
CA THR E 107 24.10 -29.95 11.79
C THR E 107 24.66 -31.13 10.98
N PRO E 108 25.88 -31.57 11.26
CA PRO E 108 26.47 -32.70 10.51
C PRO E 108 25.54 -33.91 10.48
N GLY E 109 25.46 -34.54 9.32
CA GLY E 109 24.58 -35.67 9.15
C GLY E 109 23.13 -35.32 8.91
N MET E 110 22.77 -34.02 8.95
CA MET E 110 21.37 -33.63 8.82
C MET E 110 21.16 -32.56 7.77
N ARG E 111 21.97 -32.53 6.70
CA ARG E 111 21.85 -31.55 5.61
C ARG E 111 21.40 -32.21 4.31
N HIS E 112 20.28 -31.75 3.77
CA HIS E 112 19.46 -32.48 2.82
C HIS E 112 19.25 -31.65 1.56
N SER E 113 18.82 -32.33 0.48
CA SER E 113 18.36 -31.58 -0.68
C SER E 113 17.37 -32.45 -1.45
N LEU E 114 16.37 -31.79 -2.01
CA LEU E 114 15.42 -32.46 -2.89
C LEU E 114 16.10 -32.76 -4.23
N PRO E 115 15.59 -33.73 -5.00
CA PRO E 115 16.43 -34.32 -6.05
C PRO E 115 16.91 -33.35 -7.11
N ASN E 116 16.09 -32.35 -7.45
CA ASN E 116 16.29 -31.44 -8.57
C ASN E 116 16.76 -30.05 -8.17
N SER E 117 17.34 -29.89 -6.99
CA SER E 117 17.79 -28.57 -6.57
C SER E 117 19.12 -28.25 -7.22
N ARG E 118 19.49 -26.97 -7.17
CA ARG E 118 20.79 -26.50 -7.66
C ARG E 118 21.51 -25.79 -6.53
N ILE E 119 22.81 -26.02 -6.44
CA ILE E 119 23.66 -25.42 -5.42
C ILE E 119 24.82 -24.71 -6.11
N MET E 120 25.16 -23.51 -5.63
CA MET E 120 26.25 -22.76 -6.24
C MET E 120 27.07 -22.10 -5.14
N ILE E 121 28.39 -22.17 -5.28
CA ILE E 121 29.31 -21.52 -4.36
C ILE E 121 30.20 -20.61 -5.21
N HIS E 122 30.50 -19.42 -4.68
CA HIS E 122 31.33 -18.48 -5.42
C HIS E 122 31.86 -17.43 -4.46
N GLN E 123 32.94 -16.79 -4.87
CA GLN E 123 33.58 -15.78 -4.05
C GLN E 123 32.72 -14.52 -3.99
N PRO E 124 32.86 -13.74 -2.92
CA PRO E 124 32.04 -12.55 -2.76
C PRO E 124 32.39 -11.46 -3.80
N SER E 125 31.39 -10.63 -4.10
CA SER E 125 31.57 -9.46 -4.95
C SER E 125 31.25 -8.20 -4.17
N GLY E 126 31.72 -7.07 -4.69
CA GLY E 126 31.51 -5.82 -4.02
C GLY E 126 31.87 -4.63 -4.88
N GLY E 127 32.07 -3.50 -4.22
CA GLY E 127 32.41 -2.27 -4.91
C GLY E 127 33.08 -1.31 -3.97
N ALA E 128 34.01 -0.52 -4.53
CA ALA E 128 34.74 0.51 -3.81
C ALA E 128 34.76 1.77 -4.65
N ARG E 129 34.55 2.91 -3.99
CA ARG E 129 34.55 4.19 -4.69
C ARG E 129 35.22 5.23 -3.80
N GLY E 130 35.83 6.23 -4.45
CA GLY E 130 36.46 7.30 -3.70
C GLY E 130 37.96 7.37 -3.92
N GLN E 131 38.65 8.08 -3.04
CA GLN E 131 40.09 8.24 -3.19
C GLN E 131 40.80 6.90 -3.13
N ALA E 132 42.03 6.88 -3.65
CA ALA E 132 42.82 5.65 -3.65
C ALA E 132 42.97 5.10 -2.23
N THR E 133 43.14 6.00 -1.27
CA THR E 133 43.24 5.60 0.12
C THR E 133 42.00 4.84 0.57
N ASP E 134 40.81 5.30 0.17
CA ASP E 134 39.58 4.57 0.49
C ASP E 134 39.52 3.25 -0.27
N ILE E 135 39.91 3.28 -1.56
CA ILE E 135 39.91 2.07 -2.38
C ILE E 135 40.74 0.98 -1.70
N ALA E 136 41.87 1.35 -1.12
CA ALA E 136 42.69 0.36 -0.42
C ALA E 136 41.90 -0.25 0.74
N ILE E 137 41.21 0.58 1.53
CA ILE E 137 40.49 0.03 2.67
C ILE E 137 39.41 -0.95 2.22
N GLN E 138 38.53 -0.51 1.30
CA GLN E 138 37.51 -1.45 0.81
C GLN E 138 38.12 -2.69 0.19
N ALA E 139 39.23 -2.56 -0.55
CA ALA E 139 39.82 -3.77 -1.15
C ALA E 139 40.37 -4.70 -0.08
N GLU E 140 40.95 -4.16 0.99
CA GLU E 140 41.35 -5.01 2.11
C GLU E 140 40.14 -5.66 2.78
N GLU E 141 39.01 -4.96 2.88
CA GLU E 141 37.85 -5.54 3.54
C GLU E 141 37.28 -6.71 2.73
N ILE E 142 37.22 -6.57 1.40
CA ILE E 142 36.74 -7.65 0.53
C ILE E 142 37.67 -8.85 0.58
N MET E 143 38.97 -8.62 0.73
CA MET E 143 39.87 -9.77 0.83
C MET E 143 39.65 -10.54 2.13
N LYS E 144 39.41 -9.83 3.23
CA LYS E 144 39.13 -10.49 4.50
C LYS E 144 37.82 -11.27 4.44
N LEU E 145 36.82 -10.72 3.74
CA LEU E 145 35.56 -11.43 3.59
C LEU E 145 35.76 -12.74 2.83
N LYS E 146 36.49 -12.68 1.72
CA LYS E 146 36.77 -13.89 0.94
C LYS E 146 37.45 -14.94 1.81
N LYS E 147 38.48 -14.54 2.58
CA LYS E 147 39.18 -15.49 3.42
C LYS E 147 38.28 -16.00 4.54
N GLN E 148 37.39 -15.15 5.03
CA GLN E 148 36.47 -15.55 6.09
C GLN E 148 35.47 -16.58 5.60
N LEU E 149 34.80 -16.29 4.47
CA LEU E 149 33.80 -17.21 3.97
C LEU E 149 34.45 -18.51 3.50
N TYR E 150 35.64 -18.40 2.88
CA TYR E 150 36.37 -19.59 2.48
C TYR E 150 36.65 -20.49 3.67
N ASN E 151 37.01 -19.89 4.82
CA ASN E 151 37.23 -20.66 6.04
C ASN E 151 35.95 -21.36 6.50
N ILE E 152 34.82 -20.65 6.43
CA ILE E 152 33.57 -21.24 6.88
C ILE E 152 33.19 -22.44 6.01
N TYR E 153 33.28 -22.28 4.69
CA TYR E 153 32.94 -23.39 3.80
C TYR E 153 33.84 -24.59 4.07
N ALA E 154 35.15 -24.35 4.22
CA ALA E 154 36.08 -25.43 4.49
C ALA E 154 35.75 -26.14 5.81
N LYS E 155 35.29 -25.38 6.81
CA LYS E 155 34.99 -25.99 8.10
C LYS E 155 33.92 -27.05 7.97
N HIS E 156 32.82 -26.71 7.29
CA HIS E 156 31.65 -27.56 7.20
C HIS E 156 31.68 -28.56 6.05
N THR E 157 32.47 -28.31 5.01
CA THR E 157 32.65 -29.29 3.94
C THR E 157 33.81 -30.23 4.21
N LYS E 158 34.65 -29.92 5.21
CA LYS E 158 35.86 -30.68 5.51
C LYS E 158 36.83 -30.67 4.35
N GLN E 159 36.66 -29.76 3.40
CA GLN E 159 37.56 -29.68 2.27
C GLN E 159 38.75 -28.81 2.62
N SER E 160 39.90 -29.13 2.04
CA SER E 160 41.09 -28.32 2.27
C SER E 160 40.94 -26.95 1.65
N LEU E 161 41.64 -25.97 2.22
CA LEU E 161 41.51 -24.60 1.76
C LEU E 161 41.93 -24.41 0.29
N GLN E 162 42.85 -25.24 -0.26
CA GLN E 162 43.14 -25.12 -1.70
C GLN E 162 41.91 -25.44 -2.54
N VAL E 163 41.25 -26.54 -2.22
CA VAL E 163 40.09 -26.99 -2.98
C VAL E 163 39.00 -25.93 -2.98
N ILE E 164 38.80 -25.29 -1.83
CA ILE E 164 37.81 -24.22 -1.71
C ILE E 164 38.19 -23.03 -2.59
N GLU E 165 39.45 -22.58 -2.49
CA GLU E 165 39.94 -21.48 -3.32
C GLU E 165 39.79 -21.81 -4.79
N SER E 166 40.20 -23.02 -5.18
CA SER E 166 40.06 -23.42 -6.57
C SER E 166 38.61 -23.50 -7.01
N ALA E 167 37.74 -24.08 -6.19
CA ALA E 167 36.36 -24.29 -6.61
C ALA E 167 35.54 -23.01 -6.59
N MET E 168 35.89 -22.04 -5.76
CA MET E 168 35.08 -20.84 -5.64
C MET E 168 35.66 -19.65 -6.40
N GLU E 169 36.71 -19.84 -7.19
CA GLU E 169 37.29 -18.72 -7.92
C GLU E 169 36.29 -18.14 -8.92
N ARG E 170 35.53 -19.01 -9.59
CA ARG E 170 34.42 -18.59 -10.45
C ARG E 170 33.17 -19.29 -9.95
N ASP E 171 32.03 -18.98 -10.58
CA ASP E 171 30.77 -19.60 -10.17
C ASP E 171 30.86 -21.09 -10.38
N ARG E 172 30.61 -21.84 -9.31
CA ARG E 172 30.64 -23.31 -9.32
C ARG E 172 29.24 -23.81 -9.03
N TYR E 173 28.61 -24.40 -10.05
CA TYR E 173 27.29 -24.98 -9.95
C TYR E 173 27.39 -26.48 -9.67
N MET E 174 26.51 -26.96 -8.78
CA MET E 174 26.47 -28.35 -8.33
C MET E 174 25.06 -28.91 -8.31
N SER E 175 24.98 -30.20 -8.50
CA SER E 175 23.79 -31.03 -8.33
C SER E 175 23.79 -31.59 -6.92
N PRO E 176 22.65 -32.06 -6.42
CA PRO E 176 22.65 -32.65 -5.07
C PRO E 176 23.72 -33.72 -4.87
N MET E 177 23.89 -34.65 -5.83
CA MET E 177 24.93 -35.67 -5.65
C MET E 177 26.33 -35.08 -5.69
N GLU E 178 26.56 -34.05 -6.53
CA GLU E 178 27.87 -33.41 -6.51
C GLU E 178 28.10 -32.64 -5.21
N ALA E 179 27.06 -31.94 -4.72
CA ALA E 179 27.20 -31.20 -3.47
C ALA E 179 27.41 -32.14 -2.29
N GLN E 180 26.77 -33.31 -2.33
CA GLN E 180 27.03 -34.31 -1.30
C GLN E 180 28.50 -34.73 -1.28
N GLU E 181 29.09 -34.93 -2.46
CA GLU E 181 30.50 -35.32 -2.49
C GLU E 181 31.39 -34.22 -1.97
N PHE E 182 31.08 -32.97 -2.35
CA PHE E 182 31.92 -31.82 -1.98
C PHE E 182 31.88 -31.55 -0.49
N GLY E 183 30.83 -31.99 0.19
CA GLY E 183 30.69 -31.76 1.60
C GLY E 183 29.67 -30.71 1.97
N ILE E 184 28.83 -30.29 1.02
CA ILE E 184 27.84 -29.25 1.33
C ILE E 184 26.57 -29.84 1.96
N LEU E 185 26.16 -31.04 1.56
CA LEU E 185 24.96 -31.67 2.11
C LEU E 185 25.28 -33.14 2.33
N ASP E 186 24.41 -33.81 3.08
CA ASP E 186 24.66 -35.19 3.48
C ASP E 186 23.75 -36.21 2.81
N LYS E 187 22.52 -35.82 2.46
CA LYS E 187 21.51 -36.75 1.96
C LYS E 187 20.77 -36.11 0.80
N VAL E 188 20.49 -36.91 -0.25
CA VAL E 188 19.65 -36.52 -1.38
C VAL E 188 18.43 -37.44 -1.36
N LEU E 189 17.24 -36.85 -1.30
CA LEU E 189 16.04 -37.64 -1.01
C LEU E 189 15.03 -37.47 -2.12
N VAL E 190 14.64 -38.60 -2.73
CA VAL E 190 13.59 -38.60 -3.75
C VAL E 190 12.21 -38.81 -3.14
N HIS E 191 12.13 -39.26 -1.85
CA HIS E 191 10.91 -39.66 -1.12
C HIS E 191 11.22 -39.81 0.37
N PRO E 192 10.19 -39.81 1.26
CA PRO E 192 10.47 -40.10 2.68
C PRO E 192 10.87 -41.52 2.88
N PRO E 193 11.75 -41.82 3.88
CA PRO E 193 12.27 -43.17 4.12
C PRO E 193 11.20 -44.14 4.65
N LEU F 2 5.47 -2.20 11.95
CA LEU F 2 6.57 -2.76 12.69
C LEU F 2 6.39 -2.21 14.05
N ILE F 3 5.16 -1.94 14.41
CA ILE F 3 4.87 -1.39 15.70
C ILE F 3 4.57 -2.52 16.64
N PRO F 4 5.23 -2.53 17.78
CA PRO F 4 5.04 -3.57 18.78
C PRO F 4 3.81 -3.37 19.61
N ILE F 5 3.32 -4.44 20.17
CA ILE F 5 2.14 -4.39 20.99
C ILE F 5 2.52 -4.62 22.43
N VAL F 6 1.91 -3.86 23.33
CA VAL F 6 2.23 -3.93 24.73
C VAL F 6 1.03 -4.28 25.57
N VAL F 7 1.23 -4.86 26.75
CA VAL F 7 0.14 -5.19 27.69
C VAL F 7 0.31 -4.47 29.02
N ALA F 16 -3.95 -4.49 26.23
CA ALA F 16 -3.05 -4.64 25.08
C ALA F 16 -3.10 -3.49 24.06
N TYR F 17 -2.15 -2.55 24.09
CA TYR F 17 -2.12 -1.44 23.13
C TYR F 17 -0.86 -1.52 22.28
N ASP F 18 -0.69 -0.58 21.35
CA ASP F 18 0.56 -0.37 20.63
C ASP F 18 1.44 0.60 21.43
N ILE F 19 2.78 0.56 21.22
CA ILE F 19 3.62 1.39 22.09
C ILE F 19 3.21 2.85 21.98
N TYR F 20 2.77 3.30 20.81
CA TYR F 20 2.48 4.73 20.69
C TYR F 20 1.19 5.13 21.39
N SER F 21 0.18 4.27 21.40
CA SER F 21 -0.99 4.55 22.23
C SER F 21 -0.65 4.39 23.70
N ARG F 22 0.33 3.54 24.00
CA ARG F 22 0.80 3.42 25.37
C ARG F 22 1.51 4.70 25.81
N LEU F 23 2.21 5.37 24.89
CA LEU F 23 2.84 6.64 25.25
C LEU F 23 1.79 7.70 25.51
N LEU F 24 0.72 7.72 24.72
CA LEU F 24 -0.37 8.65 25.00
C LEU F 24 -1.01 8.31 26.34
N ARG F 25 -0.93 7.05 26.74
CA ARG F 25 -1.44 6.63 28.04
C ARG F 25 -0.66 7.29 29.14
N GLU F 26 0.66 7.49 28.95
CA GLU F 26 1.47 8.16 29.96
C GLU F 26 1.41 9.67 29.88
N ARG F 27 0.54 10.23 29.05
CA ARG F 27 0.49 11.67 28.79
C ARG F 27 1.77 12.16 28.12
N ILE F 28 2.30 11.36 27.21
CA ILE F 28 3.52 11.69 26.46
C ILE F 28 3.16 11.77 24.98
N VAL F 29 3.38 12.94 24.38
CA VAL F 29 3.08 13.20 22.98
C VAL F 29 4.37 13.27 22.18
N CYS F 30 4.43 12.54 21.08
CA CYS F 30 5.60 12.53 20.22
C CYS F 30 5.46 13.53 19.08
N VAL F 31 6.41 14.46 18.99
CA VAL F 31 6.51 15.40 17.88
C VAL F 31 7.82 15.08 17.16
N MET F 32 7.90 13.94 16.53
CA MET F 32 9.10 13.52 15.82
C MET F 32 8.91 13.62 14.30
N GLY F 33 9.95 14.07 13.60
CA GLY F 33 9.88 14.17 12.16
C GLY F 33 9.49 15.56 11.69
N PRO F 34 9.38 15.75 10.39
CA PRO F 34 8.96 17.05 9.87
C PRO F 34 7.54 17.39 10.28
N ILE F 35 7.28 18.68 10.47
CA ILE F 35 5.98 19.15 10.93
C ILE F 35 5.20 19.67 9.74
N ASP F 36 4.07 19.03 9.56
CA ASP F 36 3.20 19.35 8.51
C ASP F 36 1.84 19.35 9.13
N ASP F 37 0.85 19.60 8.32
CA ASP F 37 -0.51 19.68 8.80
C ASP F 37 -1.06 18.41 9.44
N SER F 38 -0.70 17.23 8.98
CA SER F 38 -1.13 15.99 9.63
C SER F 38 -0.54 15.81 11.00
N VAL F 39 0.73 16.10 11.08
CA VAL F 39 1.34 16.01 12.35
C VAL F 39 0.59 16.95 13.22
N ALA F 40 0.30 18.13 12.75
CA ALA F 40 -0.32 19.05 13.64
C ALA F 40 -1.64 18.57 14.10
N SER F 41 -2.44 18.08 13.20
CA SER F 41 -3.73 17.54 13.55
C SER F 41 -3.60 16.57 14.68
N LEU F 42 -2.77 15.57 14.48
CA LEU F 42 -2.68 14.57 15.51
C LEU F 42 -2.21 15.14 16.82
N VAL F 43 -1.20 15.97 16.79
CA VAL F 43 -0.67 16.48 18.04
C VAL F 43 -1.73 17.27 18.78
N ILE F 44 -2.48 18.09 18.07
CA ILE F 44 -3.52 18.90 18.68
C ILE F 44 -4.55 18.03 19.31
N ALA F 45 -4.98 17.02 18.59
CA ALA F 45 -5.95 16.09 19.13
C ALA F 45 -5.47 15.42 20.38
N GLN F 46 -4.26 14.97 20.36
CA GLN F 46 -3.69 14.32 21.51
C GLN F 46 -3.65 15.25 22.71
N LEU F 47 -3.24 16.48 22.51
CA LEU F 47 -3.19 17.44 23.57
C LEU F 47 -4.56 17.72 24.16
N LEU F 48 -5.53 17.85 23.29
CA LEU F 48 -6.86 18.12 23.76
C LEU F 48 -7.42 16.98 24.52
N PHE F 49 -7.08 15.78 24.13
CA PHE F 49 -7.55 14.60 24.82
C PHE F 49 -6.97 14.51 26.19
N LEU F 50 -5.72 14.89 26.25
CA LEU F 50 -5.07 14.79 27.51
C LEU F 50 -5.64 15.84 28.44
N GLN F 51 -6.05 16.96 27.90
CA GLN F 51 -6.68 17.98 28.72
C GLN F 51 -8.01 17.49 29.19
N SER F 52 -8.72 16.78 28.35
CA SER F 52 -10.01 16.17 28.74
C SER F 52 -9.87 15.20 29.84
N GLU F 53 -8.77 14.48 29.86
CA GLU F 53 -8.64 13.47 30.85
C GLU F 53 -8.24 14.10 32.15
N SER F 54 -7.58 15.22 32.10
CA SER F 54 -7.13 15.97 33.28
C SER F 54 -6.69 17.38 32.90
N ASN F 55 -7.26 18.35 33.58
CA ASN F 55 -6.90 19.76 33.39
C ASN F 55 -5.65 20.16 34.19
N LYS F 56 -5.10 19.29 35.01
CA LYS F 56 -3.96 19.73 35.79
C LYS F 56 -2.71 18.89 35.57
N LYS F 57 -2.87 17.58 35.45
CA LYS F 57 -1.71 16.71 35.38
C LYS F 57 -0.88 17.05 34.14
N PRO F 58 0.44 17.19 34.28
CA PRO F 58 1.27 17.66 33.18
C PRO F 58 1.24 16.77 31.95
N ILE F 59 1.57 17.38 30.82
CA ILE F 59 1.66 16.75 29.50
C ILE F 59 3.11 16.82 29.05
N HIS F 60 3.60 15.73 28.46
CA HIS F 60 4.99 15.64 28.02
C HIS F 60 5.06 15.56 26.50
N MET F 61 5.85 16.44 25.90
CA MET F 61 6.09 16.43 24.45
C MET F 61 7.53 16.03 24.20
N TYR F 62 7.72 14.95 23.47
CA TYR F 62 9.05 14.56 23.02
C TYR F 62 9.26 15.16 21.64
N ILE F 63 10.26 16.02 21.50
CA ILE F 63 10.49 16.75 20.27
C ILE F 63 11.78 16.25 19.67
N ASN F 64 11.69 15.73 18.43
CA ASN F 64 12.85 15.28 17.65
C ASN F 64 12.59 15.60 16.18
N SER F 65 12.69 16.89 15.83
CA SER F 65 12.23 17.39 14.54
C SER F 65 13.20 18.36 13.88
N PRO F 66 13.33 18.29 12.55
CA PRO F 66 14.13 19.28 11.80
C PRO F 66 13.37 20.51 11.33
N GLY F 67 12.13 20.71 11.77
CA GLY F 67 11.29 21.79 11.30
C GLY F 67 10.16 21.31 10.43
N GLY F 68 9.65 22.21 9.61
CA GLY F 68 8.56 21.90 8.70
C GLY F 68 7.71 23.13 8.47
N VAL F 69 6.47 22.90 8.02
CA VAL F 69 5.58 23.99 7.63
C VAL F 69 5.32 24.91 8.82
N VAL F 70 5.45 26.22 8.59
CA VAL F 70 5.39 27.19 9.69
C VAL F 70 3.98 27.30 10.26
N THR F 71 2.95 27.41 9.40
CA THR F 71 1.59 27.50 9.90
C THR F 71 1.26 26.29 10.76
N ALA F 72 1.68 25.11 10.29
CA ALA F 72 1.46 23.88 11.03
C ALA F 72 2.07 23.98 12.41
N GLY F 73 3.31 24.45 12.49
CA GLY F 73 3.95 24.58 13.78
C GLY F 73 3.23 25.56 14.69
N LEU F 74 2.81 26.70 14.14
CA LEU F 74 2.08 27.68 14.93
C LEU F 74 0.73 27.16 15.38
N ALA F 75 0.13 26.22 14.61
CA ALA F 75 -1.11 25.60 15.05
C ALA F 75 -0.89 24.80 16.33
N ILE F 76 0.20 24.03 16.39
CA ILE F 76 0.55 23.34 17.62
C ILE F 76 0.88 24.34 18.72
N TYR F 77 1.61 25.39 18.39
CA TYR F 77 1.99 26.39 19.40
C TYR F 77 0.75 27.00 20.04
N ASP F 78 -0.17 27.47 19.20
CA ASP F 78 -1.40 28.07 19.72
C ASP F 78 -2.12 27.11 20.64
N THR F 79 -2.05 25.79 20.36
CA THR F 79 -2.71 24.81 21.22
C THR F 79 -2.00 24.66 22.57
N MET F 80 -0.67 24.62 22.56
CA MET F 80 0.05 24.58 23.83
C MET F 80 -0.32 25.73 24.74
N GLN F 81 -0.33 26.95 24.22
CA GLN F 81 -0.64 28.09 25.07
C GLN F 81 -2.11 28.10 25.46
N TYR F 82 -2.99 27.56 24.62
CA TYR F 82 -4.41 27.55 24.97
C TYR F 82 -4.68 26.62 26.14
N ILE F 83 -4.27 25.35 26.03
CA ILE F 83 -4.59 24.40 27.08
C ILE F 83 -3.93 24.83 28.38
N LEU F 84 -4.56 24.44 29.50
CA LEU F 84 -4.17 24.86 30.84
C LEU F 84 -3.09 23.97 31.47
N ASN F 85 -2.83 22.80 30.90
CA ASN F 85 -1.89 21.89 31.52
C ASN F 85 -0.47 22.45 31.51
N PRO F 86 0.35 22.08 32.48
CA PRO F 86 1.79 22.31 32.32
C PRO F 86 2.26 21.41 31.20
N ILE F 87 3.08 21.95 30.32
CA ILE F 87 3.61 21.19 29.20
C ILE F 87 5.12 21.04 29.41
N CYS F 88 5.56 19.80 29.52
CA CYS F 88 6.97 19.49 29.59
C CYS F 88 7.47 19.17 28.19
N THR F 89 8.39 19.97 27.68
CA THR F 89 9.05 19.73 26.41
C THR F 89 10.39 19.06 26.67
N TRP F 90 10.75 18.12 25.79
CA TRP F 90 11.97 17.33 25.87
C TRP F 90 12.61 17.22 24.50
N CYS F 91 13.81 17.75 24.33
CA CYS F 91 14.50 17.61 23.06
C CYS F 91 15.32 16.34 23.01
N VAL F 92 15.04 15.51 22.02
CA VAL F 92 15.69 14.21 21.84
C VAL F 92 16.31 14.18 20.46
N GLY F 93 17.61 14.00 20.36
CA GLY F 93 18.23 13.98 19.04
C GLY F 93 18.42 15.34 18.43
N GLN F 94 17.33 16.00 18.06
CA GLN F 94 17.42 17.28 17.37
C GLN F 94 16.10 18.02 17.51
N ALA F 95 16.18 19.34 17.67
CA ALA F 95 15.02 20.23 17.63
C ALA F 95 15.43 21.49 16.87
N ALA F 96 15.03 21.57 15.60
CA ALA F 96 15.41 22.66 14.72
C ALA F 96 14.17 23.29 14.08
N SER F 97 14.31 24.57 13.72
CA SER F 97 13.25 25.33 13.06
C SER F 97 12.03 25.30 13.99
N MET F 98 10.83 25.02 13.50
CA MET F 98 9.67 25.03 14.38
C MET F 98 9.82 24.06 15.54
N GLY F 99 10.67 23.04 15.40
CA GLY F 99 10.93 22.15 16.52
C GLY F 99 11.51 22.90 17.71
N SER F 100 12.44 23.81 17.44
CA SER F 100 12.99 24.59 18.54
C SER F 100 11.97 25.58 19.08
N LEU F 101 11.04 26.03 18.25
CA LEU F 101 10.00 26.92 18.76
C LEU F 101 9.09 26.20 19.74
N LEU F 102 8.55 25.04 19.35
CA LEU F 102 7.73 24.28 20.28
C LEU F 102 8.50 23.94 21.56
N LEU F 103 9.77 23.55 21.41
CA LEU F 103 10.61 23.25 22.57
C LEU F 103 10.65 24.44 23.52
N ALA F 104 10.89 25.63 22.99
CA ALA F 104 10.97 26.78 23.87
C ALA F 104 9.60 27.17 24.39
N ALA F 105 8.53 26.70 23.74
CA ALA F 105 7.18 27.06 24.13
C ALA F 105 6.65 26.24 25.28
N GLY F 106 7.42 25.29 25.79
CA GLY F 106 7.03 24.59 26.98
C GLY F 106 6.80 25.56 28.13
N THR F 107 6.13 25.05 29.15
CA THR F 107 5.88 25.88 30.31
C THR F 107 7.19 26.24 31.00
N PRO F 108 7.33 27.48 31.48
CA PRO F 108 8.58 27.88 32.14
C PRO F 108 9.00 26.93 33.26
N GLY F 109 10.29 26.61 33.26
CA GLY F 109 10.88 25.70 34.23
C GLY F 109 10.75 24.25 33.89
N MET F 110 10.03 23.92 32.83
CA MET F 110 9.80 22.52 32.51
C MET F 110 10.19 22.16 31.08
N ARG F 111 11.17 22.86 30.51
CA ARG F 111 11.67 22.60 29.16
C ARG F 111 13.05 21.98 29.24
N HIS F 112 13.22 20.79 28.65
CA HIS F 112 14.39 19.95 28.87
C HIS F 112 15.07 19.55 27.56
N SER F 113 16.32 19.07 27.69
CA SER F 113 17.00 18.46 26.56
C SER F 113 17.99 17.41 27.05
N LEU F 114 18.08 16.32 26.29
CA LEU F 114 19.07 15.29 26.53
C LEU F 114 20.46 15.77 26.10
N PRO F 115 21.54 15.17 26.63
CA PRO F 115 22.86 15.85 26.61
C PRO F 115 23.43 16.14 25.23
N ASN F 116 23.21 15.25 24.25
CA ASN F 116 23.84 15.33 22.92
C ASN F 116 22.88 15.81 21.85
N SER F 117 21.85 16.53 22.22
CA SER F 117 20.90 17.01 21.23
C SER F 117 21.48 18.22 20.52
N ARG F 118 20.86 18.59 19.41
CA ARG F 118 21.24 19.79 18.68
C ARG F 118 20.02 20.67 18.54
N ILE F 119 20.20 21.97 18.73
CA ILE F 119 19.13 22.93 18.63
C ILE F 119 19.53 24.01 17.64
N MET F 120 18.59 24.40 16.77
CA MET F 120 18.89 25.39 15.75
C MET F 120 17.70 26.30 15.51
N ILE F 121 17.96 27.59 15.41
CA ILE F 121 16.94 28.58 15.11
C ILE F 121 17.36 29.40 13.89
N HIS F 122 16.39 29.79 13.06
CA HIS F 122 16.66 30.64 11.91
C HIS F 122 15.38 31.33 11.48
N GLN F 123 15.54 32.39 10.69
CA GLN F 123 14.42 33.12 10.13
C GLN F 123 13.72 32.28 9.05
N PRO F 124 12.45 32.53 8.79
CA PRO F 124 11.72 31.69 7.83
C PRO F 124 12.22 31.87 6.39
N SER F 125 11.96 30.85 5.56
CA SER F 125 12.20 30.91 4.13
C SER F 125 10.89 30.75 3.37
N GLY F 126 10.91 31.10 2.10
CA GLY F 126 9.71 31.04 1.30
C GLY F 126 10.00 31.20 -0.17
N GLY F 127 8.95 31.53 -0.92
CA GLY F 127 9.07 31.66 -2.36
C GLY F 127 7.99 32.53 -2.96
N ALA F 128 8.35 33.23 -4.03
CA ALA F 128 7.42 34.09 -4.77
C ALA F 128 7.62 33.90 -6.27
N ARG F 129 6.50 33.82 -7.00
CA ARG F 129 6.48 33.75 -8.45
C ARG F 129 5.22 34.49 -8.90
N GLY F 130 5.27 35.06 -10.08
CA GLY F 130 4.14 35.76 -10.64
C GLY F 130 4.44 37.22 -10.84
N GLN F 131 3.40 37.99 -11.09
CA GLN F 131 3.58 39.41 -11.42
C GLN F 131 4.24 40.15 -10.26
N ALA F 132 4.74 41.36 -10.55
CA ALA F 132 5.38 42.14 -9.50
C ALA F 132 4.42 42.39 -8.32
N THR F 133 3.14 42.68 -8.62
CA THR F 133 2.16 42.87 -7.55
C THR F 133 2.05 41.64 -6.67
N ASP F 134 2.05 40.45 -7.28
CA ASP F 134 1.96 39.23 -6.48
C ASP F 134 3.24 39.04 -5.66
N ILE F 135 4.40 39.35 -6.23
CA ILE F 135 5.66 39.27 -5.47
C ILE F 135 5.61 40.22 -4.27
N ALA F 136 5.12 41.45 -4.47
CA ALA F 136 5.06 42.37 -3.33
C ALA F 136 4.21 41.80 -2.22
N ILE F 137 3.04 41.27 -2.58
CA ILE F 137 2.13 40.73 -1.60
C ILE F 137 2.76 39.52 -0.90
N GLN F 138 3.31 38.58 -1.67
CA GLN F 138 3.95 37.41 -1.08
C GLN F 138 5.09 37.82 -0.15
N ALA F 139 5.90 38.81 -0.55
CA ALA F 139 7.04 39.25 0.26
C ALA F 139 6.60 39.97 1.54
N GLU F 140 5.49 40.71 1.50
CA GLU F 140 5.01 41.34 2.71
C GLU F 140 4.64 40.30 3.77
N GLU F 141 4.06 39.17 3.35
CA GLU F 141 3.68 38.14 4.31
C GLU F 141 4.89 37.47 4.95
N ILE F 142 5.94 37.19 4.17
CA ILE F 142 7.08 36.53 4.78
C ILE F 142 7.82 37.47 5.73
N MET F 143 7.80 38.79 5.50
CA MET F 143 8.33 39.67 6.54
C MET F 143 7.45 39.63 7.78
N LYS F 144 6.13 39.48 7.60
CA LYS F 144 5.23 39.40 8.75
C LYS F 144 5.48 38.15 9.58
N LEU F 145 5.73 37.00 8.95
CA LEU F 145 6.15 35.82 9.71
C LEU F 145 7.48 36.05 10.41
N LYS F 146 8.45 36.66 9.71
CA LYS F 146 9.72 36.97 10.36
C LYS F 146 9.49 37.74 11.67
N LYS F 147 8.64 38.78 11.63
CA LYS F 147 8.36 39.53 12.86
C LYS F 147 7.55 38.72 13.87
N GLN F 148 6.64 37.88 13.38
CA GLN F 148 5.82 37.06 14.27
C GLN F 148 6.68 36.03 14.98
N LEU F 149 7.48 35.28 14.23
CA LEU F 149 8.32 34.25 14.83
C LEU F 149 9.37 34.86 15.72
N TYR F 150 9.92 36.02 15.34
CA TYR F 150 10.87 36.70 16.22
C TYR F 150 10.21 37.06 17.56
N ASN F 151 8.97 37.57 17.53
CA ASN F 151 8.30 37.95 18.77
C ASN F 151 8.07 36.75 19.66
N ILE F 152 7.63 35.63 19.08
CA ILE F 152 7.37 34.44 19.88
C ILE F 152 8.66 33.97 20.54
N TYR F 153 9.74 33.91 19.78
CA TYR F 153 11.01 33.46 20.36
C TYR F 153 11.45 34.42 21.47
N ALA F 154 11.34 35.72 21.24
CA ALA F 154 11.76 36.68 22.26
C ALA F 154 10.97 36.48 23.55
N LYS F 155 9.69 36.13 23.44
CA LYS F 155 8.83 36.01 24.61
C LYS F 155 9.34 34.92 25.54
N HIS F 156 9.59 33.72 25.00
CA HIS F 156 9.92 32.57 25.82
C HIS F 156 11.42 32.42 26.12
N THR F 157 12.30 33.06 25.34
CA THR F 157 13.70 33.09 25.69
C THR F 157 14.04 34.25 26.63
N LYS F 158 13.15 35.24 26.76
CA LYS F 158 13.39 36.44 27.55
C LYS F 158 14.53 37.30 27.00
N GLN F 159 14.87 37.10 25.73
CA GLN F 159 15.87 37.89 25.02
C GLN F 159 15.22 39.13 24.41
N SER F 160 15.99 40.21 24.26
CA SER F 160 15.46 41.37 23.57
C SER F 160 15.24 41.04 22.09
N LEU F 161 14.33 41.77 21.46
CA LEU F 161 14.08 41.52 20.04
C LEU F 161 15.33 41.77 19.21
N GLN F 162 16.21 42.69 19.66
CA GLN F 162 17.45 42.92 18.94
C GLN F 162 18.35 41.70 18.97
N VAL F 163 18.49 41.07 20.14
CA VAL F 163 19.36 39.90 20.27
C VAL F 163 18.81 38.75 19.43
N ILE F 164 17.49 38.58 19.39
CA ILE F 164 16.87 37.56 18.54
C ILE F 164 17.15 37.87 17.07
N GLU F 165 16.94 39.12 16.65
CA GLU F 165 17.15 39.51 15.26
C GLU F 165 18.57 39.17 14.83
N SER F 166 19.57 39.52 15.66
CA SER F 166 20.95 39.24 15.31
C SER F 166 21.22 37.74 15.23
N ALA F 167 20.67 36.97 16.17
CA ALA F 167 21.03 35.56 16.24
C ALA F 167 20.38 34.73 15.14
N MET F 168 19.22 35.13 14.64
CA MET F 168 18.44 34.34 13.70
C MET F 168 18.58 34.80 12.24
N GLU F 169 19.45 35.78 11.97
CA GLU F 169 19.67 36.22 10.60
C GLU F 169 20.25 35.08 9.75
N ARG F 170 21.11 34.25 10.33
CA ARG F 170 21.56 33.01 9.71
C ARG F 170 21.24 31.84 10.64
N ASP F 171 21.52 30.62 10.18
CA ASP F 171 21.27 29.42 10.99
C ASP F 171 22.20 29.46 12.20
N ARG F 172 21.61 29.38 13.38
CA ARG F 172 22.31 29.46 14.66
C ARG F 172 22.18 28.10 15.36
N TYR F 173 23.28 27.35 15.43
CA TYR F 173 23.27 26.05 16.09
C TYR F 173 23.76 26.21 17.51
N MET F 174 23.10 25.49 18.42
CA MET F 174 23.41 25.53 19.84
C MET F 174 23.48 24.12 20.39
N SER F 175 24.14 24.01 21.53
CA SER F 175 24.19 22.77 22.23
C SER F 175 23.17 22.96 23.28
N PRO F 176 22.85 21.89 23.99
CA PRO F 176 21.92 22.02 25.11
C PRO F 176 22.27 23.15 26.12
N MET F 177 23.51 23.23 26.54
CA MET F 177 23.93 24.28 27.45
C MET F 177 23.80 25.70 26.89
N GLU F 178 24.17 25.86 25.63
CA GLU F 178 24.07 27.15 25.00
C GLU F 178 22.63 27.55 24.95
N ALA F 179 21.78 26.59 24.67
CA ALA F 179 20.36 26.88 24.59
C ALA F 179 19.78 27.26 25.94
N GLN F 180 20.25 26.62 26.99
CA GLN F 180 19.84 27.00 28.32
C GLN F 180 20.19 28.43 28.57
N GLU F 181 21.42 28.81 28.24
CA GLU F 181 21.79 30.22 28.40
C GLU F 181 21.01 31.18 27.55
N PHE F 182 20.59 30.76 26.36
CA PHE F 182 19.92 31.66 25.44
C PHE F 182 18.51 31.86 25.83
N GLY F 183 17.96 30.85 26.48
CA GLY F 183 16.60 30.99 26.94
C GLY F 183 15.65 30.01 26.28
N ILE F 184 16.17 29.02 25.56
CA ILE F 184 15.28 28.12 24.82
C ILE F 184 14.79 26.97 25.70
N LEU F 185 15.66 26.47 26.58
CA LEU F 185 15.30 25.36 27.45
C LEU F 185 15.83 25.66 28.86
N ASP F 186 15.35 24.88 29.83
CA ASP F 186 15.59 25.14 31.24
C ASP F 186 16.55 24.15 31.91
N LYS F 187 16.59 22.94 31.43
CA LYS F 187 17.41 21.93 32.08
C LYS F 187 18.06 20.98 31.12
N VAL F 188 19.27 20.56 31.43
CA VAL F 188 19.97 19.59 30.61
C VAL F 188 20.13 18.34 31.45
N LEU F 189 19.50 17.25 31.04
CA LEU F 189 19.49 16.02 31.81
C LEU F 189 20.35 14.94 31.27
N VAL F 190 21.31 14.52 32.05
CA VAL F 190 22.14 13.43 31.63
C VAL F 190 21.64 12.13 32.25
N HIS F 191 20.75 12.20 33.24
CA HIS F 191 20.23 11.03 33.94
C HIS F 191 19.03 11.49 34.74
N PRO F 192 18.22 10.57 35.28
CA PRO F 192 17.02 10.98 36.02
C PRO F 192 17.40 11.65 37.36
N PRO F 193 16.61 12.63 37.81
CA PRO F 193 16.88 13.37 39.06
C PRO F 193 16.93 12.48 40.30
N LEU G 2 -1.05 4.37 11.97
CA LEU G 2 -0.52 4.77 13.26
C LEU G 2 -1.35 5.87 13.93
N ILE G 3 -2.66 5.81 13.74
CA ILE G 3 -3.56 6.71 14.48
C ILE G 3 -3.69 6.18 15.91
N PRO G 4 -3.48 7.01 16.93
CA PRO G 4 -3.57 6.52 18.31
C PRO G 4 -4.98 6.10 18.66
N ILE G 5 -5.09 5.08 19.51
CA ILE G 5 -6.35 4.56 20.02
C ILE G 5 -6.47 4.92 21.49
N VAL G 6 -7.61 5.50 21.89
CA VAL G 6 -7.81 6.05 23.23
C VAL G 6 -8.99 5.34 23.89
N VAL G 7 -8.92 5.26 25.23
CA VAL G 7 -10.00 4.72 26.07
C VAL G 7 -10.60 5.82 26.96
N ALA G 16 -12.79 2.57 23.41
CA ALA G 16 -12.02 1.92 22.34
C ALA G 16 -12.10 2.64 20.96
N TYR G 17 -11.45 3.81 20.80
CA TYR G 17 -11.63 4.62 19.59
C TYR G 17 -10.29 5.11 19.07
N ASP G 18 -10.28 5.51 17.81
CA ASP G 18 -9.17 6.29 17.30
C ASP G 18 -9.40 7.76 17.64
N ILE G 19 -8.30 8.51 17.74
CA ILE G 19 -8.37 9.87 18.26
C ILE G 19 -9.36 10.73 17.47
N TYR G 20 -9.52 10.45 16.18
CA TYR G 20 -10.44 11.25 15.37
C TYR G 20 -11.88 10.83 15.61
N SER G 21 -12.13 9.52 15.80
CA SER G 21 -13.49 9.07 16.12
C SER G 21 -13.95 9.59 17.46
N ARG G 22 -13.01 9.76 18.41
CA ARG G 22 -13.34 10.40 19.67
C ARG G 22 -13.64 11.87 19.45
N LEU G 23 -12.93 12.50 18.49
CA LEU G 23 -13.22 13.89 18.17
C LEU G 23 -14.60 14.05 17.57
N LEU G 24 -15.03 13.12 16.70
CA LEU G 24 -16.39 13.20 16.18
C LEU G 24 -17.39 13.00 17.30
N ARG G 25 -17.02 12.20 18.30
CA ARG G 25 -17.89 11.96 19.43
C ARG G 25 -18.07 13.23 20.26
N GLU G 26 -17.06 14.11 20.28
CA GLU G 26 -17.23 15.39 20.97
C GLU G 26 -17.92 16.44 20.11
N ARG G 27 -18.48 16.03 18.95
CA ARG G 27 -19.12 16.92 17.96
C ARG G 27 -18.10 17.87 17.30
N ILE G 28 -16.94 17.36 16.94
CA ILE G 28 -15.84 18.15 16.35
C ILE G 28 -15.51 17.60 14.97
N VAL G 29 -15.62 18.46 13.94
CA VAL G 29 -15.31 18.09 12.56
C VAL G 29 -14.02 18.79 12.15
N CYS G 30 -13.06 18.02 11.61
CA CYS G 30 -11.78 18.54 11.16
C CYS G 30 -11.81 18.78 9.66
N VAL G 31 -11.53 20.02 9.25
CA VAL G 31 -11.38 20.37 7.84
C VAL G 31 -9.94 20.82 7.62
N MET G 32 -9.00 19.89 7.75
CA MET G 32 -7.57 20.13 7.61
C MET G 32 -7.04 19.51 6.32
N GLY G 33 -6.15 20.22 5.67
CA GLY G 33 -5.57 19.76 4.45
C GLY G 33 -6.30 20.36 3.27
N PRO G 34 -5.84 20.04 2.07
CA PRO G 34 -6.52 20.54 0.87
C PRO G 34 -7.93 19.96 0.78
N ILE G 35 -8.82 20.71 0.14
CA ILE G 35 -10.22 20.32 0.03
C ILE G 35 -10.50 19.79 -1.37
N ASP G 36 -10.93 18.54 -1.46
CA ASP G 36 -11.39 17.94 -2.69
C ASP G 36 -12.67 17.17 -2.38
N ASP G 37 -13.25 16.54 -3.41
CA ASP G 37 -14.53 15.87 -3.23
C ASP G 37 -14.46 14.80 -2.13
N SER G 38 -13.29 14.20 -1.96
CA SER G 38 -13.14 13.17 -0.93
C SER G 38 -13.25 13.78 0.46
N VAL G 39 -12.63 14.95 0.65
CA VAL G 39 -12.77 15.65 1.93
C VAL G 39 -14.21 16.11 2.12
N ALA G 40 -14.86 16.56 1.03
CA ALA G 40 -16.25 16.99 1.11
C ALA G 40 -17.14 15.84 1.55
N SER G 41 -16.98 14.68 0.91
CA SER G 41 -17.77 13.50 1.21
C SER G 41 -17.69 13.14 2.70
N LEU G 42 -16.48 13.13 3.24
CA LEU G 42 -16.30 12.79 4.64
C LEU G 42 -16.91 13.84 5.56
N VAL G 43 -16.64 15.13 5.30
CA VAL G 43 -17.16 16.18 6.17
C VAL G 43 -18.69 16.23 6.09
N ILE G 44 -19.25 16.09 4.89
CA ILE G 44 -20.70 16.15 4.74
C ILE G 44 -21.36 15.04 5.57
N ALA G 45 -20.82 13.83 5.47
CA ALA G 45 -21.37 12.70 6.21
C ALA G 45 -21.24 12.90 7.71
N GLN G 46 -20.16 13.54 8.16
CA GLN G 46 -20.01 13.79 9.58
C GLN G 46 -21.07 14.78 10.08
N LEU G 47 -21.29 15.87 9.33
CA LEU G 47 -22.25 16.89 9.76
C LEU G 47 -23.66 16.30 9.82
N LEU G 48 -24.08 15.64 8.75
CA LEU G 48 -25.41 15.06 8.70
C LEU G 48 -25.61 14.05 9.83
N PHE G 49 -24.54 13.35 10.21
CA PHE G 49 -24.65 12.37 11.27
C PHE G 49 -24.83 13.05 12.62
N LEU G 50 -24.04 14.09 12.90
CA LEU G 50 -24.13 14.77 14.18
C LEU G 50 -25.46 15.47 14.35
N GLN G 51 -26.06 15.91 13.25
CA GLN G 51 -27.39 16.53 13.32
C GLN G 51 -28.49 15.53 13.65
N SER G 52 -28.29 14.24 13.31
CA SER G 52 -29.31 13.21 13.57
C SER G 52 -29.31 12.78 15.02
N GLU G 53 -28.12 12.86 15.61
CA GLU G 53 -27.87 12.66 17.05
C GLU G 53 -28.51 13.76 17.89
N SER G 54 -28.43 15.01 17.39
CA SER G 54 -28.98 16.22 18.02
C SER G 54 -28.97 17.35 16.99
N ASN G 55 -30.13 17.88 16.64
CA ASN G 55 -30.19 19.07 15.79
C ASN G 55 -30.16 20.37 16.59
N LYS G 56 -29.89 20.29 17.88
CA LYS G 56 -29.81 21.49 18.71
C LYS G 56 -28.42 21.68 19.28
N LYS G 57 -27.76 20.62 19.70
CA LYS G 57 -26.45 20.73 20.33
C LYS G 57 -25.42 21.28 19.33
N PRO G 58 -24.62 22.29 19.73
CA PRO G 58 -23.70 22.91 18.77
C PRO G 58 -22.68 21.93 18.24
N ILE G 59 -22.18 22.22 17.02
CA ILE G 59 -21.16 21.46 16.32
C ILE G 59 -19.91 22.33 16.16
N HIS G 60 -18.73 21.77 16.38
CA HIS G 60 -17.49 22.52 16.29
C HIS G 60 -16.68 22.04 15.09
N MET G 61 -16.27 22.99 14.21
CA MET G 61 -15.38 22.70 13.08
C MET G 61 -14.04 23.36 13.29
N TYR G 62 -13.00 22.52 13.21
CA TYR G 62 -11.61 22.94 13.20
C TYR G 62 -11.12 23.04 11.75
N ILE G 63 -10.68 24.23 11.37
CA ILE G 63 -10.25 24.50 10.00
C ILE G 63 -8.76 24.83 10.03
N ASN G 64 -7.98 24.09 9.22
CA ASN G 64 -6.57 24.32 8.91
C ASN G 64 -6.40 23.85 7.46
N SER G 65 -6.84 24.67 6.53
CA SER G 65 -6.86 24.23 5.15
C SER G 65 -6.27 25.32 4.27
N PRO G 66 -5.55 24.95 3.23
CA PRO G 66 -5.04 25.95 2.29
C PRO G 66 -6.00 26.27 1.15
N GLY G 67 -7.20 25.72 1.18
CA GLY G 67 -8.17 25.84 0.13
C GLY G 67 -8.30 24.57 -0.67
N GLY G 68 -8.83 24.71 -1.86
CA GLY G 68 -9.01 23.56 -2.72
C GLY G 68 -10.16 23.79 -3.67
N VAL G 69 -10.66 22.68 -4.20
CA VAL G 69 -11.68 22.74 -5.25
C VAL G 69 -12.91 23.49 -4.77
N VAL G 70 -13.39 24.41 -5.61
CA VAL G 70 -14.49 25.28 -5.19
C VAL G 70 -15.77 24.48 -5.03
N THR G 71 -16.10 23.62 -6.00
CA THR G 71 -17.34 22.87 -5.89
C THR G 71 -17.37 22.08 -4.60
N ALA G 72 -16.26 21.39 -4.28
CA ALA G 72 -16.19 20.63 -3.03
C ALA G 72 -16.39 21.53 -1.83
N GLY G 73 -15.75 22.70 -1.82
CA GLY G 73 -15.96 23.62 -0.71
C GLY G 73 -17.40 24.09 -0.61
N LEU G 74 -18.01 24.44 -1.74
CA LEU G 74 -19.40 24.86 -1.76
C LEU G 74 -20.35 23.72 -1.36
N ALA G 75 -19.95 22.47 -1.53
CA ALA G 75 -20.75 21.36 -1.02
C ALA G 75 -20.78 21.40 0.50
N ILE G 76 -19.62 21.61 1.13
CA ILE G 76 -19.58 21.78 2.57
C ILE G 76 -20.36 23.02 2.98
N TYR G 77 -20.21 24.11 2.23
CA TYR G 77 -20.93 25.33 2.57
C TYR G 77 -22.42 25.08 2.59
N ASP G 78 -22.96 24.49 1.50
CA ASP G 78 -24.38 24.22 1.44
C ASP G 78 -24.82 23.33 2.61
N THR G 79 -23.97 22.39 3.03
CA THR G 79 -24.34 21.50 4.13
C THR G 79 -24.36 22.26 5.44
N MET G 80 -23.40 23.15 5.67
CA MET G 80 -23.44 23.97 6.87
C MET G 80 -24.76 24.73 6.94
N GLN G 81 -25.19 25.33 5.83
CA GLN G 81 -26.41 26.14 5.84
C GLN G 81 -27.66 25.28 5.99
N TYR G 82 -27.63 24.05 5.47
CA TYR G 82 -28.82 23.20 5.54
C TYR G 82 -29.10 22.77 6.98
N ILE G 83 -28.11 22.17 7.65
CA ILE G 83 -28.37 21.60 8.96
C ILE G 83 -28.78 22.70 9.94
N LEU G 84 -29.60 22.30 10.93
CA LEU G 84 -30.20 23.28 11.83
C LEU G 84 -29.29 23.70 12.97
N ASN G 85 -28.24 22.94 13.25
CA ASN G 85 -27.43 23.17 14.45
C ASN G 85 -26.69 24.50 14.36
N PRO G 86 -26.34 25.10 15.50
CA PRO G 86 -25.32 26.15 15.48
C PRO G 86 -23.96 25.51 15.21
N ILE G 87 -23.19 26.10 14.29
CA ILE G 87 -21.88 25.57 13.91
C ILE G 87 -20.80 26.53 14.40
N CYS G 88 -19.90 26.03 15.24
CA CYS G 88 -18.74 26.79 15.72
C CYS G 88 -17.54 26.49 14.84
N THR G 89 -17.03 27.51 14.17
CA THR G 89 -15.84 27.38 13.35
C THR G 89 -14.62 27.86 14.14
N TRP G 90 -13.51 27.15 13.95
CA TRP G 90 -12.27 27.47 14.64
C TRP G 90 -11.11 27.43 13.66
N CYS G 91 -10.44 28.56 13.47
CA CYS G 91 -9.29 28.64 12.58
C CYS G 91 -8.02 28.25 13.32
N VAL G 92 -7.33 27.25 12.81
CA VAL G 92 -6.11 26.72 13.41
C VAL G 92 -4.98 26.82 12.38
N GLY G 93 -3.92 27.52 12.73
CA GLY G 93 -2.79 27.63 11.81
C GLY G 93 -2.95 28.59 10.66
N GLN G 94 -3.82 28.18 9.74
CA GLN G 94 -4.12 28.95 8.56
C GLN G 94 -5.46 28.60 8.02
N ALA G 95 -6.14 29.56 7.41
CA ALA G 95 -7.40 29.30 6.73
C ALA G 95 -7.43 30.14 5.51
N ALA G 96 -7.18 29.54 4.37
CA ALA G 96 -7.11 30.26 3.13
C ALA G 96 -8.02 29.73 2.09
N SER G 97 -8.23 30.51 1.06
CA SER G 97 -9.12 30.13 0.00
C SER G 97 -10.37 29.62 0.60
N MET G 98 -10.89 28.57 0.01
CA MET G 98 -12.15 28.04 0.51
C MET G 98 -12.14 27.84 2.01
N GLY G 99 -10.96 27.69 2.60
CA GLY G 99 -10.88 27.60 4.05
C GLY G 99 -11.42 28.84 4.73
N SER G 100 -11.06 30.02 4.20
CA SER G 100 -11.55 31.24 4.82
C SER G 100 -13.04 31.41 4.59
N LEU G 101 -13.56 30.83 3.51
CA LEU G 101 -15.01 30.86 3.29
C LEU G 101 -15.72 30.00 4.32
N LEU G 102 -15.30 28.75 4.44
CA LEU G 102 -15.92 27.88 5.44
C LEU G 102 -15.84 28.51 6.82
N LEU G 103 -14.70 29.10 7.16
CA LEU G 103 -14.56 29.75 8.46
C LEU G 103 -15.62 30.80 8.67
N ALA G 104 -15.80 31.68 7.69
CA ALA G 104 -16.74 32.77 7.84
C ALA G 104 -18.20 32.32 7.79
N ALA G 105 -18.46 31.12 7.27
CA ALA G 105 -19.84 30.67 7.13
C ALA G 105 -20.42 30.11 8.43
N GLY G 106 -19.62 30.06 9.50
CA GLY G 106 -20.13 29.67 10.79
C GLY G 106 -21.27 30.55 11.27
N THR G 107 -21.99 30.07 12.28
CA THR G 107 -23.12 30.81 12.83
C THR G 107 -22.63 32.14 13.41
N PRO G 108 -23.36 33.23 13.18
CA PRO G 108 -22.92 34.53 13.70
C PRO G 108 -22.62 34.48 15.19
N GLY G 109 -21.50 35.11 15.57
CA GLY G 109 -21.06 35.17 16.94
C GLY G 109 -20.28 33.96 17.42
N MET G 110 -20.14 32.92 16.58
CA MET G 110 -19.47 31.70 16.99
C MET G 110 -18.35 31.31 16.03
N ARG G 111 -17.69 32.29 15.39
CA ARG G 111 -16.58 32.04 14.49
C ARG G 111 -15.30 32.53 15.17
N HIS G 112 -14.33 31.62 15.34
CA HIS G 112 -13.20 31.87 16.22
C HIS G 112 -11.88 31.67 15.49
N SER G 113 -10.80 32.18 16.08
CA SER G 113 -9.45 31.92 15.60
C SER G 113 -8.45 31.97 16.74
N LEU G 114 -7.44 31.09 16.68
CA LEU G 114 -6.34 31.12 17.62
C LEU G 114 -5.37 32.26 17.26
N PRO G 115 -4.55 32.70 18.22
CA PRO G 115 -3.88 34.01 18.05
C PRO G 115 -2.94 34.12 16.86
N ASN G 116 -2.19 33.07 16.48
CA ASN G 116 -1.16 33.18 15.44
C ASN G 116 -1.60 32.58 14.10
N SER G 117 -2.90 32.50 13.85
CA SER G 117 -3.39 31.94 12.61
C SER G 117 -3.27 32.97 11.49
N ARG G 118 -3.39 32.50 10.25
CA ARG G 118 -3.41 33.37 9.09
C ARG G 118 -4.64 33.05 8.27
N ILE G 119 -5.30 34.10 7.76
CA ILE G 119 -6.52 33.98 6.97
C ILE G 119 -6.30 34.61 5.60
N MET G 120 -6.76 33.94 4.54
CA MET G 120 -6.55 34.49 3.20
C MET G 120 -7.75 34.25 2.29
N ILE G 121 -8.10 35.31 1.54
CA ILE G 121 -9.16 35.34 0.53
C ILE G 121 -8.60 35.84 -0.80
N HIS G 122 -9.14 35.30 -1.88
CA HIS G 122 -8.81 35.73 -3.23
C HIS G 122 -9.91 35.25 -4.14
N GLN G 123 -9.95 35.81 -5.34
CA GLN G 123 -10.89 35.40 -6.35
C GLN G 123 -10.51 34.00 -6.85
N PRO G 124 -11.46 33.26 -7.42
CA PRO G 124 -11.13 31.91 -7.88
C PRO G 124 -10.18 31.91 -9.09
N SER G 125 -9.47 30.81 -9.27
CA SER G 125 -8.64 30.60 -10.45
C SER G 125 -9.11 29.39 -11.23
N GLY G 126 -8.68 29.32 -12.48
CA GLY G 126 -9.08 28.22 -13.34
C GLY G 126 -8.26 28.16 -14.62
N GLY G 127 -8.82 27.44 -15.60
CA GLY G 127 -8.16 27.26 -16.86
C GLY G 127 -9.15 26.90 -17.94
N ALA G 128 -8.85 27.33 -19.17
CA ALA G 128 -9.70 27.04 -20.32
C ALA G 128 -8.83 26.59 -21.49
N ARG G 129 -9.29 25.57 -22.21
CA ARG G 129 -8.59 25.02 -23.35
C ARG G 129 -9.60 24.68 -24.43
N GLY G 130 -9.17 24.72 -25.70
CA GLY G 130 -10.05 24.36 -26.80
C GLY G 130 -10.35 25.50 -27.76
N GLN G 131 -11.38 25.32 -28.59
CA GLN G 131 -11.75 26.32 -29.57
C GLN G 131 -12.17 27.61 -28.89
N ALA G 132 -12.19 28.70 -29.66
CA ALA G 132 -12.61 29.98 -29.12
C ALA G 132 -14.02 29.88 -28.53
N THR G 133 -14.91 29.14 -29.19
CA THR G 133 -16.27 28.93 -28.67
C THR G 133 -16.22 28.29 -27.29
N ASP G 134 -15.37 27.27 -27.14
CA ASP G 134 -15.22 26.63 -25.84
C ASP G 134 -14.58 27.56 -24.82
N ILE G 135 -13.59 28.36 -25.22
CA ILE G 135 -13.00 29.32 -24.29
C ILE G 135 -14.06 30.30 -23.78
N ALA G 136 -14.92 30.80 -24.66
CA ALA G 136 -15.93 31.75 -24.21
C ALA G 136 -16.79 31.11 -23.13
N ILE G 137 -17.20 29.86 -23.35
CA ILE G 137 -18.03 29.12 -22.41
C ILE G 137 -17.30 28.91 -21.09
N GLN G 138 -16.06 28.43 -21.15
CA GLN G 138 -15.28 28.22 -19.94
C GLN G 138 -15.09 29.52 -19.17
N ALA G 139 -14.81 30.61 -19.88
CA ALA G 139 -14.59 31.90 -19.23
C ALA G 139 -15.87 32.47 -18.61
N GLU G 140 -17.03 32.21 -19.22
CA GLU G 140 -18.30 32.64 -18.62
C GLU G 140 -18.52 31.96 -17.28
N GLU G 141 -18.16 30.68 -17.19
CA GLU G 141 -18.36 29.93 -15.96
C GLU G 141 -17.51 30.49 -14.82
N ILE G 142 -16.25 30.84 -15.11
CA ILE G 142 -15.40 31.31 -14.03
C ILE G 142 -15.78 32.71 -13.56
N MET G 143 -16.30 33.57 -14.44
CA MET G 143 -16.76 34.86 -13.92
C MET G 143 -18.00 34.67 -13.07
N LYS G 144 -18.85 33.71 -13.43
CA LYS G 144 -20.05 33.39 -12.64
C LYS G 144 -19.67 32.86 -11.26
N LEU G 145 -18.61 32.04 -11.22
CA LEU G 145 -18.09 31.55 -9.95
C LEU G 145 -17.58 32.71 -9.10
N LYS G 146 -16.84 33.64 -9.72
CA LYS G 146 -16.38 34.84 -9.02
C LYS G 146 -17.55 35.59 -8.38
N LYS G 147 -18.63 35.81 -9.15
CA LYS G 147 -19.80 36.49 -8.61
C LYS G 147 -20.46 35.67 -7.50
N GLN G 148 -20.41 34.34 -7.61
CA GLN G 148 -21.02 33.46 -6.61
C GLN G 148 -20.25 33.55 -5.30
N LEU G 149 -18.92 33.38 -5.37
CA LEU G 149 -18.12 33.37 -4.14
C LEU G 149 -18.10 34.74 -3.50
N TYR G 150 -18.01 35.80 -4.31
CA TYR G 150 -18.04 37.15 -3.75
C TYR G 150 -19.36 37.39 -3.01
N ASN G 151 -20.47 36.95 -3.61
CA ASN G 151 -21.78 37.15 -3.00
C ASN G 151 -21.86 36.43 -1.67
N ILE G 152 -21.33 35.21 -1.62
CA ILE G 152 -21.33 34.46 -0.37
C ILE G 152 -20.49 35.19 0.68
N TYR G 153 -19.29 35.65 0.29
CA TYR G 153 -18.42 36.35 1.24
C TYR G 153 -19.08 37.64 1.74
N ALA G 154 -19.71 38.40 0.84
CA ALA G 154 -20.38 39.62 1.28
C ALA G 154 -21.47 39.30 2.30
N LYS G 155 -22.15 38.16 2.13
CA LYS G 155 -23.25 37.79 3.01
C LYS G 155 -22.78 37.63 4.45
N HIS G 156 -21.70 36.87 4.65
CA HIS G 156 -21.23 36.53 5.98
C HIS G 156 -20.29 37.56 6.59
N THR G 157 -19.70 38.44 5.81
CA THR G 157 -18.94 39.56 6.37
C THR G 157 -19.79 40.80 6.62
N LYS G 158 -20.98 40.86 6.01
CA LYS G 158 -21.83 42.05 6.04
C LYS G 158 -21.14 43.25 5.41
N GLN G 159 -20.11 42.99 4.61
CA GLN G 159 -19.36 44.03 3.94
C GLN G 159 -20.07 44.37 2.64
N SER G 160 -19.57 45.38 1.95
CA SER G 160 -20.09 45.71 0.63
C SER G 160 -19.46 44.84 -0.42
N LEU G 161 -20.19 44.60 -1.50
CA LEU G 161 -19.66 43.80 -2.58
C LEU G 161 -18.46 44.49 -3.15
N GLN G 162 -18.40 45.78 -3.01
CA GLN G 162 -17.30 46.55 -3.52
C GLN G 162 -16.07 46.27 -2.75
N VAL G 163 -16.14 46.33 -1.45
CA VAL G 163 -14.99 45.96 -0.67
C VAL G 163 -14.60 44.54 -1.00
N ILE G 164 -15.59 43.68 -1.18
CA ILE G 164 -15.29 42.31 -1.53
C ILE G 164 -14.41 42.26 -2.73
N GLU G 165 -14.84 42.85 -3.80
CA GLU G 165 -14.07 42.89 -5.03
C GLU G 165 -12.70 43.48 -4.85
N SER G 166 -12.61 44.62 -4.21
CA SER G 166 -11.33 45.25 -4.08
C SER G 166 -10.36 44.40 -3.37
N ALA G 167 -10.82 43.70 -2.36
CA ALA G 167 -9.93 42.91 -1.55
C ALA G 167 -9.57 41.60 -2.16
N MET G 168 -10.50 41.03 -2.88
CA MET G 168 -10.24 39.72 -3.42
C MET G 168 -9.64 39.73 -4.82
N GLU G 169 -9.42 40.91 -5.36
CA GLU G 169 -8.77 40.91 -6.67
C GLU G 169 -7.39 40.28 -6.58
N ARG G 170 -6.68 40.52 -5.49
CA ARG G 170 -5.40 39.87 -5.23
C ARG G 170 -5.46 39.09 -3.91
N ASP G 171 -4.38 38.37 -3.62
CA ASP G 171 -4.31 37.63 -2.36
C ASP G 171 -4.20 38.64 -1.23
N ARG G 172 -5.16 38.60 -0.31
CA ARG G 172 -5.11 39.47 0.85
C ARG G 172 -5.04 38.60 2.10
N TYR G 173 -3.93 38.69 2.78
CA TYR G 173 -3.70 37.96 4.00
C TYR G 173 -4.09 38.84 5.14
N MET G 174 -4.74 38.24 6.13
CA MET G 174 -5.25 38.95 7.28
C MET G 174 -4.79 38.24 8.53
N SER G 175 -4.67 38.99 9.56
CA SER G 175 -4.39 38.43 10.86
C SER G 175 -5.71 38.07 11.53
N PRO G 176 -5.70 37.16 12.51
CA PRO G 176 -6.96 36.85 13.20
C PRO G 176 -7.65 38.10 13.65
N MET G 177 -6.87 39.04 14.16
CA MET G 177 -7.45 40.27 14.63
C MET G 177 -8.05 41.07 13.47
N GLU G 178 -7.34 41.14 12.33
CA GLU G 178 -7.83 41.87 11.16
C GLU G 178 -9.06 41.21 10.54
N ALA G 179 -9.07 39.87 10.50
CA ALA G 179 -10.22 39.20 9.93
C ALA G 179 -11.47 39.44 10.76
N GLN G 180 -11.32 39.58 12.09
CA GLN G 180 -12.45 39.95 12.95
C GLN G 180 -13.02 41.32 12.55
N GLU G 181 -12.15 42.31 12.24
CA GLU G 181 -12.68 43.59 11.75
C GLU G 181 -13.37 43.40 10.42
N PHE G 182 -12.77 42.61 9.53
CA PHE G 182 -13.31 42.45 8.19
C PHE G 182 -14.65 41.73 8.17
N GLY G 183 -14.97 40.96 9.19
CA GLY G 183 -16.21 40.23 9.22
C GLY G 183 -16.07 38.76 8.92
N ILE G 184 -14.86 38.22 8.94
CA ILE G 184 -14.66 36.81 8.64
C ILE G 184 -14.88 35.94 9.87
N LEU G 185 -14.45 36.44 11.02
CA LEU G 185 -14.59 35.72 12.27
C LEU G 185 -14.99 36.74 13.33
N ASP G 186 -15.39 36.22 14.49
CA ASP G 186 -15.94 37.02 15.57
C ASP G 186 -15.03 37.17 16.76
N LYS G 187 -14.14 36.21 17.03
CA LYS G 187 -13.39 36.21 18.29
C LYS G 187 -11.97 35.71 18.08
N VAL G 188 -11.03 36.32 18.80
CA VAL G 188 -9.65 35.85 18.88
C VAL G 188 -9.41 35.44 20.33
N LEU G 189 -8.99 34.19 20.50
CA LEU G 189 -8.97 33.56 21.81
C LEU G 189 -7.59 32.98 22.09
N VAL G 190 -7.01 33.37 23.23
CA VAL G 190 -5.78 32.75 23.72
C VAL G 190 -6.10 31.54 24.61
N HIS G 191 -6.93 31.74 25.64
CA HIS G 191 -7.29 30.77 26.65
C HIS G 191 -8.81 30.74 26.74
N PRO G 192 -9.40 29.68 27.32
CA PRO G 192 -10.87 29.64 27.40
C PRO G 192 -11.39 30.72 28.27
N PRO G 193 -12.62 31.26 28.00
CA PRO G 193 -13.22 32.36 28.74
C PRO G 193 -13.49 32.01 30.22
C10 XFU H . -12.21 -31.27 -9.93
C13 XFU H . -13.95 -30.10 -8.21
C20 XFU H . -12.08 -32.03 -5.64
C21 XFU H . -11.99 -31.68 -4.15
C22 XFU H . -13.36 -31.74 -3.54
C24 XFU H . -16.28 -29.37 -5.31
C26 XFU H . -16.45 -27.81 -3.35
C28 XFU H . -15.15 -25.82 -3.15
C01 XFU H . -11.76 -26.34 -12.24
C02 XFU H . -12.84 -25.91 -12.99
C03 XFU H . -13.87 -26.78 -13.27
C04 XFU H . -13.80 -28.09 -12.80
C05 XFU H . -12.72 -28.52 -12.06
C06 XFU H . -11.69 -27.65 -11.77
C08 XFU H . -12.67 -29.99 -11.55
C11 XFU H . -11.87 -31.39 -8.42
C12 XFU H . -13.00 -30.87 -7.63
C14 XFU H . -13.90 -29.73 -9.70
C16 XFU H . -14.17 -30.70 -5.46
C18 XFU H . -15.06 -29.59 -7.42
C25 XFU H . -15.85 -28.08 -4.56
C27 XFU H . -16.10 -26.67 -2.65
C29 XFU H . -14.54 -26.09 -4.37
C30 XFU H . -14.89 -27.24 -5.07
C32 XFU H . -14.77 -24.57 -2.36
F07 XFU H . -10.77 -25.46 -11.97
F31 XFU H . -14.07 -23.72 -3.11
F33 XFU H . -15.88 -23.96 -1.91
F34 XFU H . -14.03 -24.97 -1.31
N09 XFU H . -12.60 -30.02 -10.27
N15 XFU H . -13.11 -31.19 -6.22
N17 XFU H . -15.15 -29.89 -6.09
N23 XFU H . -14.30 -30.93 -4.26
O19 XFU H . -15.89 -28.92 -7.89
BR BR I . 10.99 -23.00 -19.47
C10 XFU J . -30.34 -10.25 -11.33
C13 XFU J . -31.39 -9.67 -8.91
C20 XFU J . -30.89 -13.31 -8.38
C21 XFU J . -30.33 -14.00 -7.14
C22 XFU J . -31.22 -13.71 -5.97
C24 XFU J . -32.02 -9.70 -5.16
C26 XFU J . -29.65 -8.81 -4.93
C28 XFU J . -28.60 -8.58 -2.77
C01 XFU J . -28.36 -5.91 -12.06
C02 XFU J . -29.08 -4.74 -12.00
C03 XFU J . -30.46 -4.79 -12.05
C04 XFU J . -31.10 -6.02 -12.15
C05 XFU J . -30.39 -7.20 -12.20
C06 XFU J . -29.01 -7.15 -12.17
C08 XFU J . -31.18 -8.54 -12.33
C11 XFU J . -30.83 -11.46 -10.52
C12 XFU J . -31.14 -10.98 -9.15
C14 XFU J . -31.37 -8.63 -10.04
C16 XFU J . -31.45 -11.51 -6.77
C18 XFU J . -31.68 -9.23 -7.55
C25 XFU J . -30.77 -9.30 -4.32
C27 XFU J . -28.55 -8.45 -4.15
C29 XFU J . -29.74 -9.07 -2.17
C30 XFU J . -30.82 -9.43 -2.95
C32 XFU J . -27.39 -8.19 -1.92
F07 XFU J . -27.01 -5.83 -12.02
F31 XFU J . -26.64 -9.28 -1.71
F33 XFU J . -26.65 -7.27 -2.56
F34 XFU J . -27.81 -7.72 -0.73
N09 XFU J . -31.29 -9.31 -11.32
N15 XFU J . -31.16 -11.92 -8.08
N17 XFU J . -31.70 -10.12 -6.52
N23 XFU J . -31.46 -12.30 -5.83
O19 XFU J . -31.91 -8.10 -7.34
BR BR K . -11.04 -11.34 -27.86
BR BR L . -23.75 -25.32 -17.32
C10 XFU M . 21.61 -13.25 24.14
C13 XFU M . 19.34 -14.69 23.93
C20 XFU M . 18.21 -12.45 26.69
C21 XFU M . 16.77 -12.16 27.09
C22 XFU M . 16.12 -13.44 27.56
C24 XFU M . 16.20 -16.62 24.84
C26 XFU M . 13.74 -16.52 24.26
C28 XFU M . 12.92 -15.13 22.51
C01 XFU M . 22.11 -14.62 18.51
C02 XFU M . 21.68 -13.41 18.01
C03 XFU M . 21.48 -12.35 18.87
C04 XFU M . 21.72 -12.51 20.23
C05 XFU M . 22.14 -13.72 20.73
C06 XFU M . 22.34 -14.79 19.87
C08 XFU M . 22.39 -13.89 22.26
C11 XFU M . 20.36 -12.63 24.81
C12 XFU M . 19.30 -13.66 24.81
C14 XFU M . 20.47 -14.82 22.91
C16 XFU M . 17.20 -14.54 25.77
C18 XFU M . 18.27 -15.71 23.95
C25 XFU M . 15.02 -16.09 24.00
C27 XFU M . 12.69 -16.04 23.50
C29 XFU M . 14.20 -14.69 22.23
C30 XFU M . 15.26 -15.18 23.00
C32 XFU M . 11.73 -14.62 21.69
F07 XFU M . 22.30 -15.65 17.67
F31 XFU M . 10.82 -14.10 22.54
F33 XFU M . 12.10 -13.66 20.82
F34 XFU M . 11.20 -15.65 21.00
N09 XFU M . 21.30 -13.63 22.89
N15 XFU M . 18.21 -13.57 25.76
N17 XFU M . 17.26 -15.61 24.83
N23 XFU M . 16.26 -14.48 26.57
O19 XFU M . 18.29 -16.60 23.19
BR BR N . 28.75 8.37 11.05
C10 XFU O . -31.76 14.73 2.26
C13 XFU O . -30.90 13.89 4.69
C20 XFU O . -32.84 10.85 3.81
C21 XFU O . -32.64 9.46 4.40
C22 XFU O . -32.91 9.49 5.87
C24 XFU O . -30.71 12.24 8.11
C26 XFU O . -29.34 10.56 9.37
C28 XFU O . -27.07 10.06 8.79
C01 XFU O . -26.96 17.93 2.55
C02 XFU O . -26.16 17.14 1.75
C03 XFU O . -26.73 16.08 1.07
C04 XFU O . -28.09 15.83 1.20
C05 XFU O . -28.87 16.62 2.01
C06 XFU O . -28.31 17.68 2.70
C08 XFU O . -30.39 16.34 2.16
C11 XFU O . -31.93 13.22 2.57
C12 XFU O . -31.61 12.99 3.98
C14 XFU O . -30.40 15.19 4.05
C16 XFU O . -31.78 11.54 5.96
C18 XFU O . -30.59 13.63 6.10
C25 XFU O . -29.40 11.46 8.32
C27 XFU O . -28.16 9.85 9.60
C29 XFU O . -27.13 10.96 7.73
C30 XFU O . -28.30 11.66 7.50
C32 XFU O . -25.78 9.26 9.04
F07 XFU O . -26.42 18.97 3.23
F31 XFU O . -25.64 8.37 8.04
F33 XFU O . -24.70 10.07 9.07
F34 XFU O . -25.86 8.61 10.21
N09 XFU O . -30.53 15.15 2.60
N15 XFU O . -32.07 11.79 4.62
N17 XFU O . -31.02 12.49 6.69
N23 XFU O . -32.14 10.51 6.53
O19 XFU O . -29.97 14.41 6.71
BR BR P . -20.54 12.21 -21.26
C10 XFU Q . 11.51 -32.31 6.13
C13 XFU Q . 8.86 -32.22 6.61
C20 XFU Q . 9.97 -31.56 10.10
C21 XFU Q . 9.16 -30.87 11.20
C22 XFU Q . 7.95 -31.71 11.50
C24 XFU Q . 5.48 -32.58 8.26
C26 XFU Q . 5.05 -30.18 7.47
C28 XFU Q . 3.23 -28.92 8.38
C01 XFU Q . 10.12 -29.44 1.57
C02 XFU Q . 9.47 -30.20 0.63
C03 XFU Q . 9.41 -31.57 0.78
C04 XFU Q . 10.01 -32.16 1.88
C05 XFU Q . 10.66 -31.40 2.82
C06 XFU Q . 10.72 -30.03 2.68
C08 XFU Q . 11.33 -32.09 4.04
C11 XFU Q . 11.10 -31.71 7.50
C12 XFU Q . 9.66 -31.93 7.68
C14 XFU Q . 9.44 -32.31 5.19
C16 XFU Q . 7.72 -32.05 9.19
C18 XFU Q . 7.43 -32.43 6.82
C25 XFU Q . 4.70 -31.24 8.28
C27 XFU Q . 4.30 -29.01 7.52
C29 XFU Q . 2.89 -29.98 9.18
C30 XFU Q . 3.64 -31.14 9.14
C32 XFU Q . 2.38 -27.66 8.49
F07 XFU Q . 10.16 -28.11 1.42
F31 XFU Q . 2.86 -26.91 9.50
F33 XFU Q . 2.41 -26.94 7.35
F34 XFU Q . 1.12 -28.02 8.78
N09 XFU Q . 10.78 -31.77 5.15
N15 XFU Q . 9.09 -31.85 8.99
N17 XFU Q . 6.90 -32.34 8.06
N23 XFU Q . 7.20 -31.99 10.31
O19 XFU Q . 6.73 -32.68 5.92
BR BR R . 28.44 -14.36 -1.87
C10 XFU S . 10.85 12.29 30.77
C13 XFU S . 9.86 9.80 31.10
C20 XFU S . 6.70 11.61 31.86
C21 XFU S . 5.29 11.06 31.77
C22 XFU S . 5.13 9.90 32.72
C24 XFU S . 7.90 6.80 32.34
C26 XFU S . 7.55 6.46 29.83
C28 XFU S . 6.21 4.64 29.01
C01 XFU S . 14.34 9.69 26.91
C02 XFU S . 13.74 10.23 25.80
C03 XFU S . 12.77 11.21 25.93
C04 XFU S . 12.41 11.65 27.20
C05 XFU S . 13.02 11.11 28.31
C06 XFU S . 13.98 10.13 28.19
C08 XFU S . 12.59 11.62 29.73
C11 XFU S . 9.31 12.19 30.86
C12 XFU S . 8.96 10.80 31.23
C14 XFU S . 11.27 10.06 30.57
C16 XFU S . 7.29 9.21 32.10
C18 XFU S . 9.50 8.44 31.47
C25 XFU S . 7.29 6.04 31.12
C27 XFU S . 7.00 5.76 28.76
C29 XFU S . 5.97 4.22 30.29
C30 XFU S . 6.51 4.93 31.36
C32 XFU S . 5.60 3.85 27.85
F07 XFU S . 15.30 8.74 26.76
F31 XFU S . 4.33 3.58 28.15
F33 XFU S . 5.65 4.57 26.71
F34 XFU S . 6.27 2.69 27.68
N09 XFU S . 11.35 11.37 29.93
N15 XFU S . 7.64 10.51 31.75
N17 XFU S . 8.26 8.17 31.95
N23 XFU S . 6.18 8.93 32.54
O19 XFU S . 10.28 7.57 31.36
BR BR T . 11.17 28.07 10.01
C10 XFU U . -13.05 24.70 21.22
C13 XFU U . -12.40 22.51 22.63
C20 XFU U . -15.94 21.61 21.93
C21 XFU U . -16.53 20.20 21.95
C22 XFU U . -16.43 19.65 23.34
C24 XFU U . -12.56 19.56 25.00
C26 XFU U . -12.58 17.04 24.79
C28 XFU U . -11.56 15.91 22.95
C01 XFU U . -7.30 24.87 20.43
C02 XFU U . -7.21 24.25 19.20
C03 XFU U . -8.35 23.95 18.48
C04 XFU U . -9.60 24.28 19.01
C05 XFU U . -9.69 24.90 20.25
C06 XFU U . -8.55 25.20 20.95
C08 XFU U . -11.07 25.28 20.86
C11 XFU U . -14.06 23.53 21.12
C12 XFU U . -13.65 22.52 22.11
C14 XFU U . -11.36 23.54 22.20
C16 XFU U . -14.27 20.57 23.46
C18 XFU U . -12.04 21.50 23.62
C25 XFU U . -12.20 18.25 24.26
C27 XFU U . -12.26 15.85 24.14
C29 XFU U . -11.18 17.13 22.41
C30 XFU U . -11.50 18.31 23.08
C32 XFU U . -11.22 14.61 22.23
F07 XFU U . -6.21 25.17 21.15
F31 XFU U . -10.67 13.75 23.11
F33 XFU U . -12.36 14.11 21.74
F34 XFU U . -10.35 14.86 21.22
N09 XFU U . -11.80 24.25 21.02
N15 XFU U . -14.61 21.54 22.54
N17 XFU U . -12.94 20.57 24.00
N23 XFU U . -15.08 19.71 23.83
O19 XFU U . -10.96 21.47 24.07
BR BR V . -10.59 29.98 -4.26
#